data_5UL6
# 
_entry.id   5UL6 
# 
_audit_conform.dict_name       mmcif_pdbx.dic 
_audit_conform.dict_version    5.398 
_audit_conform.dict_location   http://mmcif.pdb.org/dictionaries/ascii/mmcif_pdbx.dic 
# 
loop_
_database_2.database_id 
_database_2.database_code 
_database_2.pdbx_database_accession 
_database_2.pdbx_DOI 
PDB   5UL6         pdb_00005ul6 10.2210/pdb5ul6/pdb 
WWPDB D_1000225961 ?            ?                   
# 
loop_
_pdbx_audit_revision_history.ordinal 
_pdbx_audit_revision_history.data_content_type 
_pdbx_audit_revision_history.major_revision 
_pdbx_audit_revision_history.minor_revision 
_pdbx_audit_revision_history.revision_date 
1 'Structure model' 1 0 2017-08-09 
2 'Structure model' 1 1 2023-10-04 
3 'Structure model' 1 2 2024-11-13 
# 
_pdbx_audit_revision_details.ordinal             1 
_pdbx_audit_revision_details.revision_ordinal    1 
_pdbx_audit_revision_details.data_content_type   'Structure model' 
_pdbx_audit_revision_details.provider            repository 
_pdbx_audit_revision_details.type                'Initial release' 
_pdbx_audit_revision_details.description         ? 
_pdbx_audit_revision_details.details             ? 
# 
loop_
_pdbx_audit_revision_group.ordinal 
_pdbx_audit_revision_group.revision_ordinal 
_pdbx_audit_revision_group.data_content_type 
_pdbx_audit_revision_group.group 
1 2 'Structure model' 'Data collection'        
2 2 'Structure model' 'Database references'    
3 2 'Structure model' 'Refinement description' 
4 3 'Structure model' 'Structure summary'      
# 
loop_
_pdbx_audit_revision_category.ordinal 
_pdbx_audit_revision_category.revision_ordinal 
_pdbx_audit_revision_category.data_content_type 
_pdbx_audit_revision_category.category 
1 2 'Structure model' chem_comp_atom                
2 2 'Structure model' chem_comp_bond                
3 2 'Structure model' database_2                    
4 2 'Structure model' pdbx_initial_refinement_model 
5 3 'Structure model' pdbx_entry_details            
6 3 'Structure model' pdbx_modification_feature     
# 
loop_
_pdbx_audit_revision_item.ordinal 
_pdbx_audit_revision_item.revision_ordinal 
_pdbx_audit_revision_item.data_content_type 
_pdbx_audit_revision_item.item 
1 2 'Structure model' '_database_2.pdbx_DOI'                
2 2 'Structure model' '_database_2.pdbx_database_accession' 
# 
_pdbx_database_status.status_code                     REL 
_pdbx_database_status.status_code_sf                  REL 
_pdbx_database_status.status_code_mr                  ? 
_pdbx_database_status.entry_id                        5UL6 
_pdbx_database_status.recvd_initial_deposition_date   2017-01-24 
_pdbx_database_status.SG_entry                        N 
_pdbx_database_status.deposit_site                    RCSB 
_pdbx_database_status.process_site                    RCSB 
_pdbx_database_status.status_code_cs                  ? 
_pdbx_database_status.methods_development_category    ? 
_pdbx_database_status.pdb_format_compatible           Y 
_pdbx_database_status.status_code_nmr_data            ? 
# 
loop_
_audit_author.name 
_audit_author.pdbx_ordinal 
_audit_author.identifier_ORCID 
'Shen, Q.'  1 ? 
'Zeng, D.'  2 ? 
'Zhao, B.'  3 ? 
'Li, P.'    4 ? 
'Cho, J.H.' 5 ? 
# 
_citation.abstract                  ? 
_citation.abstract_id_CAS           ? 
_citation.book_id_ISBN              ? 
_citation.book_publisher            ? 
_citation.book_publisher_city       ? 
_citation.book_title                ? 
_citation.coordinate_linkage        ? 
_citation.country                   US 
_citation.database_id_Medline       ? 
_citation.details                   ? 
_citation.id                        primary 
_citation.journal_abbrev            'ACS Chem. Biol.' 
_citation.journal_id_ASTM           ? 
_citation.journal_id_CSD            ? 
_citation.journal_id_ISSN           1554-8937 
_citation.journal_full              ? 
_citation.journal_issue             ? 
_citation.journal_volume            12 
_citation.language                  ? 
_citation.page_first                1199 
_citation.page_last                 1203 
_citation.title                     
'The Molecular Mechanisms Underlying the Hijack of Host Proteins by the 1918 Spanish Influenza Virus.' 
_citation.year                      2017 
_citation.database_id_CSD           ? 
_citation.pdbx_database_id_DOI      10.1021/acschembio.7b00168 
_citation.pdbx_database_id_PubMed   28368102 
_citation.unpublished_flag          ? 
# 
loop_
_citation_author.citation_id 
_citation_author.name 
_citation_author.ordinal 
_citation_author.identifier_ORCID 
primary 'Shen, Q.'    1 ? 
primary 'Zeng, D.'    2 ? 
primary 'Zhao, B.'    3 ? 
primary 'Bhatt, V.S.' 4 ? 
primary 'Li, P.'      5 ? 
primary 'Cho, J.H.'   6 ? 
# 
loop_
_entity.id 
_entity.type 
_entity.src_method 
_entity.pdbx_description 
_entity.formula_weight 
_entity.pdbx_number_of_molecules 
_entity.pdbx_ec 
_entity.pdbx_mutation 
_entity.pdbx_fragment 
_entity.details 
1 polymer man 'Adapter molecule crk'                                               6971.731 1   ? ? ? ? 
2 polymer syn 'Proline-rich motif of nonstructural protein 1 of influenza a virus' 1593.959 1   ? ? ? ? 
3 water   nat water                                                                18.015   129 ? ? ? ? 
# 
_entity_name_com.entity_id   1 
_entity_name_com.name        'Proto-oncogene c-Crk,p38' 
# 
loop_
_entity_poly.entity_id 
_entity_poly.type 
_entity_poly.nstd_linkage 
_entity_poly.nstd_monomer 
_entity_poly.pdbx_seq_one_letter_code 
_entity_poly.pdbx_seq_one_letter_code_can 
_entity_poly.pdbx_strand_id 
_entity_poly.pdbx_target_identifier 
1 'polypeptide(L)' no no  AEYVRALFDFNGNDEEDLPFKKGDILRIRDKPEEQWWNAEDSEGKRGMIPVPYVEKYR 
AEYVRALFDFNGNDEEDLPFKKGDILRIRDKPEEQWWNAEDSEGKRGMIPVPYVEKYR A ? 
2 'polypeptide(L)' no yes '(ACE)YGRPPLPPKQKRK(NH2)'                                  XYGRPPLPPKQKRKX M ? 
# 
_pdbx_entity_nonpoly.entity_id   3 
_pdbx_entity_nonpoly.name        water 
_pdbx_entity_nonpoly.comp_id     HOH 
# 
loop_
_entity_poly_seq.entity_id 
_entity_poly_seq.num 
_entity_poly_seq.mon_id 
_entity_poly_seq.hetero 
1 1  ALA n 
1 2  GLU n 
1 3  TYR n 
1 4  VAL n 
1 5  ARG n 
1 6  ALA n 
1 7  LEU n 
1 8  PHE n 
1 9  ASP n 
1 10 PHE n 
1 11 ASN n 
1 12 GLY n 
1 13 ASN n 
1 14 ASP n 
1 15 GLU n 
1 16 GLU n 
1 17 ASP n 
1 18 LEU n 
1 19 PRO n 
1 20 PHE n 
1 21 LYS n 
1 22 LYS n 
1 23 GLY n 
1 24 ASP n 
1 25 ILE n 
1 26 LEU n 
1 27 ARG n 
1 28 ILE n 
1 29 ARG n 
1 30 ASP n 
1 31 LYS n 
1 32 PRO n 
1 33 GLU n 
1 34 GLU n 
1 35 GLN n 
1 36 TRP n 
1 37 TRP n 
1 38 ASN n 
1 39 ALA n 
1 40 GLU n 
1 41 ASP n 
1 42 SER n 
1 43 GLU n 
1 44 GLY n 
1 45 LYS n 
1 46 ARG n 
1 47 GLY n 
1 48 MET n 
1 49 ILE n 
1 50 PRO n 
1 51 VAL n 
1 52 PRO n 
1 53 TYR n 
1 54 VAL n 
1 55 GLU n 
1 56 LYS n 
1 57 TYR n 
1 58 ARG n 
2 1  ACE n 
2 2  TYR n 
2 3  GLY n 
2 4  ARG n 
2 5  PRO n 
2 6  PRO n 
2 7  LEU n 
2 8  PRO n 
2 9  PRO n 
2 10 LYS n 
2 11 GLN n 
2 12 LYS n 
2 13 ARG n 
2 14 LYS n 
2 15 NH2 n 
# 
_entity_src_gen.entity_id                          1 
_entity_src_gen.pdbx_src_id                        1 
_entity_src_gen.pdbx_alt_source_flag               sample 
_entity_src_gen.pdbx_seq_type                      'Biological sequence' 
_entity_src_gen.pdbx_beg_seq_num                   1 
_entity_src_gen.pdbx_end_seq_num                   58 
_entity_src_gen.gene_src_common_name               Human 
_entity_src_gen.gene_src_genus                     ? 
_entity_src_gen.pdbx_gene_src_gene                 CRK 
_entity_src_gen.gene_src_species                   ? 
_entity_src_gen.gene_src_strain                    ? 
_entity_src_gen.gene_src_tissue                    ? 
_entity_src_gen.gene_src_tissue_fraction           ? 
_entity_src_gen.gene_src_details                   ? 
_entity_src_gen.pdbx_gene_src_fragment             ? 
_entity_src_gen.pdbx_gene_src_scientific_name      'Homo sapiens' 
_entity_src_gen.pdbx_gene_src_ncbi_taxonomy_id     9606 
_entity_src_gen.pdbx_gene_src_variant              ? 
_entity_src_gen.pdbx_gene_src_cell_line            ? 
_entity_src_gen.pdbx_gene_src_atcc                 ? 
_entity_src_gen.pdbx_gene_src_organ                ? 
_entity_src_gen.pdbx_gene_src_organelle            ? 
_entity_src_gen.pdbx_gene_src_cell                 ? 
_entity_src_gen.pdbx_gene_src_cellular_location    ? 
_entity_src_gen.host_org_common_name               ? 
_entity_src_gen.pdbx_host_org_scientific_name      'Escherichia coli' 
_entity_src_gen.pdbx_host_org_ncbi_taxonomy_id     562 
_entity_src_gen.host_org_genus                     ? 
_entity_src_gen.pdbx_host_org_gene                 ? 
_entity_src_gen.pdbx_host_org_organ                ? 
_entity_src_gen.host_org_species                   ? 
_entity_src_gen.pdbx_host_org_tissue               ? 
_entity_src_gen.pdbx_host_org_tissue_fraction      ? 
_entity_src_gen.pdbx_host_org_strain               ? 
_entity_src_gen.pdbx_host_org_variant              ? 
_entity_src_gen.pdbx_host_org_cell_line            ? 
_entity_src_gen.pdbx_host_org_atcc                 ? 
_entity_src_gen.pdbx_host_org_culture_collection   ? 
_entity_src_gen.pdbx_host_org_cell                 ? 
_entity_src_gen.pdbx_host_org_organelle            ? 
_entity_src_gen.pdbx_host_org_cellular_location    ? 
_entity_src_gen.pdbx_host_org_vector_type          ? 
_entity_src_gen.pdbx_host_org_vector               ? 
_entity_src_gen.host_org_details                   ? 
_entity_src_gen.expression_system_id               ? 
_entity_src_gen.plasmid_name                       ? 
_entity_src_gen.plasmid_details                    ? 
_entity_src_gen.pdbx_description                   ? 
# 
_pdbx_entity_src_syn.entity_id              2 
_pdbx_entity_src_syn.pdbx_src_id            1 
_pdbx_entity_src_syn.pdbx_alt_source_flag   sample 
_pdbx_entity_src_syn.pdbx_beg_seq_num       1 
_pdbx_entity_src_syn.pdbx_end_seq_num       15 
_pdbx_entity_src_syn.organism_scientific    'Influenza A virus' 
_pdbx_entity_src_syn.organism_common_name   ? 
_pdbx_entity_src_syn.ncbi_taxonomy_id       11320 
_pdbx_entity_src_syn.details                ? 
# 
loop_
_chem_comp.id 
_chem_comp.type 
_chem_comp.mon_nstd_flag 
_chem_comp.name 
_chem_comp.pdbx_synonyms 
_chem_comp.formula 
_chem_comp.formula_weight 
ACE non-polymer         . 'ACETYL GROUP'  ? 'C2 H4 O'        44.053  
ALA 'L-peptide linking' y ALANINE         ? 'C3 H7 N O2'     89.093  
ARG 'L-peptide linking' y ARGININE        ? 'C6 H15 N4 O2 1' 175.209 
ASN 'L-peptide linking' y ASPARAGINE      ? 'C4 H8 N2 O3'    132.118 
ASP 'L-peptide linking' y 'ASPARTIC ACID' ? 'C4 H7 N O4'     133.103 
GLN 'L-peptide linking' y GLUTAMINE       ? 'C5 H10 N2 O3'   146.144 
GLU 'L-peptide linking' y 'GLUTAMIC ACID' ? 'C5 H9 N O4'     147.129 
GLY 'peptide linking'   y GLYCINE         ? 'C2 H5 N O2'     75.067  
HOH non-polymer         . WATER           ? 'H2 O'           18.015  
ILE 'L-peptide linking' y ISOLEUCINE      ? 'C6 H13 N O2'    131.173 
LEU 'L-peptide linking' y LEUCINE         ? 'C6 H13 N O2'    131.173 
LYS 'L-peptide linking' y LYSINE          ? 'C6 H15 N2 O2 1' 147.195 
MET 'L-peptide linking' y METHIONINE      ? 'C5 H11 N O2 S'  149.211 
NH2 non-polymer         . 'AMINO GROUP'   ? 'H2 N'           16.023  
PHE 'L-peptide linking' y PHENYLALANINE   ? 'C9 H11 N O2'    165.189 
PRO 'L-peptide linking' y PROLINE         ? 'C5 H9 N O2'     115.130 
SER 'L-peptide linking' y SERINE          ? 'C3 H7 N O3'     105.093 
TRP 'L-peptide linking' y TRYPTOPHAN      ? 'C11 H12 N2 O2'  204.225 
TYR 'L-peptide linking' y TYROSINE        ? 'C9 H11 N O3'    181.189 
VAL 'L-peptide linking' y VALINE          ? 'C5 H11 N O2'    117.146 
# 
loop_
_pdbx_poly_seq_scheme.asym_id 
_pdbx_poly_seq_scheme.entity_id 
_pdbx_poly_seq_scheme.seq_id 
_pdbx_poly_seq_scheme.mon_id 
_pdbx_poly_seq_scheme.ndb_seq_num 
_pdbx_poly_seq_scheme.pdb_seq_num 
_pdbx_poly_seq_scheme.auth_seq_num 
_pdbx_poly_seq_scheme.pdb_mon_id 
_pdbx_poly_seq_scheme.auth_mon_id 
_pdbx_poly_seq_scheme.pdb_strand_id 
_pdbx_poly_seq_scheme.pdb_ins_code 
_pdbx_poly_seq_scheme.hetero 
A 1 1  ALA 1  134 134 ALA ALA A . n 
A 1 2  GLU 2  135 135 GLU GLU A . n 
A 1 3  TYR 3  136 136 TYR TYR A . n 
A 1 4  VAL 4  137 137 VAL VAL A . n 
A 1 5  ARG 5  138 138 ARG ARG A . n 
A 1 6  ALA 6  139 139 ALA ALA A . n 
A 1 7  LEU 7  140 140 LEU LEU A . n 
A 1 8  PHE 8  141 141 PHE PHE A . n 
A 1 9  ASP 9  142 142 ASP ASP A . n 
A 1 10 PHE 10 143 143 PHE PHE A . n 
A 1 11 ASN 11 144 144 ASN ASN A . n 
A 1 12 GLY 12 145 145 GLY GLY A . n 
A 1 13 ASN 13 146 146 ASN ASN A . n 
A 1 14 ASP 14 147 147 ASP ASP A . n 
A 1 15 GLU 15 148 148 GLU GLU A . n 
A 1 16 GLU 16 149 149 GLU GLU A . n 
A 1 17 ASP 17 150 150 ASP ASP A . n 
A 1 18 LEU 18 151 151 LEU LEU A . n 
A 1 19 PRO 19 152 152 PRO PRO A . n 
A 1 20 PHE 20 153 153 PHE PHE A . n 
A 1 21 LYS 21 154 154 LYS LYS A . n 
A 1 22 LYS 22 155 155 LYS LYS A . n 
A 1 23 GLY 23 156 156 GLY GLY A . n 
A 1 24 ASP 24 157 157 ASP ASP A . n 
A 1 25 ILE 25 158 158 ILE ILE A . n 
A 1 26 LEU 26 159 159 LEU LEU A . n 
A 1 27 ARG 27 160 160 ARG ARG A . n 
A 1 28 ILE 28 161 161 ILE ILE A . n 
A 1 29 ARG 29 162 162 ARG ARG A . n 
A 1 30 ASP 30 163 163 ASP ASP A . n 
A 1 31 LYS 31 164 164 LYS LYS A . n 
A 1 32 PRO 32 165 165 PRO PRO A . n 
A 1 33 GLU 33 166 166 GLU GLU A . n 
A 1 34 GLU 34 167 167 GLU GLU A . n 
A 1 35 GLN 35 168 168 GLN GLN A . n 
A 1 36 TRP 36 169 169 TRP TRP A . n 
A 1 37 TRP 37 170 170 TRP TRP A . n 
A 1 38 ASN 38 171 171 ASN ASN A . n 
A 1 39 ALA 39 172 172 ALA ALA A . n 
A 1 40 GLU 40 173 173 GLU GLU A . n 
A 1 41 ASP 41 174 174 ASP ASP A . n 
A 1 42 SER 42 175 175 SER SER A . n 
A 1 43 GLU 43 176 176 GLU GLU A . n 
A 1 44 GLY 44 177 177 GLY GLY A . n 
A 1 45 LYS 45 178 178 LYS LYS A . n 
A 1 46 ARG 46 179 179 ARG ARG A . n 
A 1 47 GLY 47 180 180 GLY GLY A . n 
A 1 48 MET 48 181 181 MET MET A . n 
A 1 49 ILE 49 182 182 ILE ILE A . n 
A 1 50 PRO 50 183 183 PRO PRO A . n 
A 1 51 VAL 51 184 184 VAL VAL A . n 
A 1 52 PRO 52 185 185 PRO PRO A . n 
A 1 53 TYR 53 186 186 TYR TYR A . n 
A 1 54 VAL 54 187 187 VAL VAL A . n 
A 1 55 GLU 55 188 188 GLU GLU A . n 
A 1 56 LYS 56 189 189 LYS LYS A . n 
A 1 57 TYR 57 190 190 TYR TYR A . n 
A 1 58 ARG 58 191 191 ARG ARG A . n 
B 2 1  ACE 1  -1  -1  ACE ACE M . n 
B 2 2  TYR 2  0   0   TYR TYR M . n 
B 2 3  GLY 3  1   1   GLY GLY M . n 
B 2 4  ARG 4  2   2   ARG ARG M . n 
B 2 5  PRO 5  3   3   PRO PRO M . n 
B 2 6  PRO 6  4   4   PRO PRO M . n 
B 2 7  LEU 7  5   5   LEU LEU M . n 
B 2 8  PRO 8  6   6   PRO PRO M . n 
B 2 9  PRO 9  7   7   PRO PRO M . n 
B 2 10 LYS 10 8   8   LYS LYS M . n 
B 2 11 GLN 11 9   9   GLN GLN M . n 
B 2 12 LYS 12 10  10  LYS LYS M . n 
B 2 13 ARG 13 11  11  ARG ARG M . n 
B 2 14 LYS 14 12  12  LYS LYS M . n 
B 2 15 NH2 15 13  13  NH2 NH2 M . n 
# 
loop_
_pdbx_nonpoly_scheme.asym_id 
_pdbx_nonpoly_scheme.entity_id 
_pdbx_nonpoly_scheme.mon_id 
_pdbx_nonpoly_scheme.ndb_seq_num 
_pdbx_nonpoly_scheme.pdb_seq_num 
_pdbx_nonpoly_scheme.auth_seq_num 
_pdbx_nonpoly_scheme.pdb_mon_id 
_pdbx_nonpoly_scheme.auth_mon_id 
_pdbx_nonpoly_scheme.pdb_strand_id 
_pdbx_nonpoly_scheme.pdb_ins_code 
C 3 HOH 1   401 1   HOH HOH A . 
C 3 HOH 2   402 71  HOH HOH A . 
C 3 HOH 3   403 119 HOH HOH A . 
C 3 HOH 4   404 98  HOH HOH A . 
C 3 HOH 5   405 48  HOH HOH A . 
C 3 HOH 6   406 72  HOH HOH A . 
C 3 HOH 7   407 75  HOH HOH A . 
C 3 HOH 8   408 124 HOH HOH A . 
C 3 HOH 9   409 36  HOH HOH A . 
C 3 HOH 10  410 14  HOH HOH A . 
C 3 HOH 11  411 107 HOH HOH A . 
C 3 HOH 12  412 118 HOH HOH A . 
C 3 HOH 13  413 103 HOH HOH A . 
C 3 HOH 14  414 17  HOH HOH A . 
C 3 HOH 15  415 27  HOH HOH A . 
C 3 HOH 16  416 33  HOH HOH A . 
C 3 HOH 17  417 24  HOH HOH A . 
C 3 HOH 18  418 60  HOH HOH A . 
C 3 HOH 19  419 65  HOH HOH A . 
C 3 HOH 20  420 95  HOH HOH A . 
C 3 HOH 21  421 6   HOH HOH A . 
C 3 HOH 22  422 94  HOH HOH A . 
C 3 HOH 23  423 58  HOH HOH A . 
C 3 HOH 24  424 13  HOH HOH A . 
C 3 HOH 25  425 38  HOH HOH A . 
C 3 HOH 26  426 23  HOH HOH A . 
C 3 HOH 27  427 18  HOH HOH A . 
C 3 HOH 28  428 20  HOH HOH A . 
C 3 HOH 29  429 90  HOH HOH A . 
C 3 HOH 30  430 2   HOH HOH A . 
C 3 HOH 31  431 81  HOH HOH A . 
C 3 HOH 32  432 21  HOH HOH A . 
C 3 HOH 33  433 25  HOH HOH A . 
C 3 HOH 34  434 31  HOH HOH A . 
C 3 HOH 35  435 12  HOH HOH A . 
C 3 HOH 36  436 4   HOH HOH A . 
C 3 HOH 37  437 7   HOH HOH A . 
C 3 HOH 38  438 70  HOH HOH A . 
C 3 HOH 39  439 57  HOH HOH A . 
C 3 HOH 40  440 30  HOH HOH A . 
C 3 HOH 41  441 34  HOH HOH A . 
C 3 HOH 42  442 59  HOH HOH A . 
C 3 HOH 43  443 126 HOH HOH A . 
C 3 HOH 44  444 53  HOH HOH A . 
C 3 HOH 45  445 82  HOH HOH A . 
C 3 HOH 46  446 50  HOH HOH A . 
C 3 HOH 47  447 3   HOH HOH A . 
C 3 HOH 48  448 41  HOH HOH A . 
C 3 HOH 49  449 121 HOH HOH A . 
C 3 HOH 50  450 45  HOH HOH A . 
C 3 HOH 51  451 73  HOH HOH A . 
C 3 HOH 52  452 61  HOH HOH A . 
C 3 HOH 53  453 115 HOH HOH A . 
C 3 HOH 54  454 114 HOH HOH A . 
C 3 HOH 55  455 39  HOH HOH A . 
C 3 HOH 56  456 19  HOH HOH A . 
C 3 HOH 57  457 9   HOH HOH A . 
C 3 HOH 58  458 28  HOH HOH A . 
C 3 HOH 59  459 52  HOH HOH A . 
C 3 HOH 60  460 123 HOH HOH A . 
C 3 HOH 61  461 46  HOH HOH A . 
C 3 HOH 62  462 47  HOH HOH A . 
C 3 HOH 63  463 44  HOH HOH A . 
C 3 HOH 64  464 43  HOH HOH A . 
C 3 HOH 65  465 111 HOH HOH A . 
C 3 HOH 66  466 49  HOH HOH A . 
C 3 HOH 67  467 79  HOH HOH A . 
C 3 HOH 68  468 108 HOH HOH A . 
C 3 HOH 69  469 26  HOH HOH A . 
C 3 HOH 70  470 77  HOH HOH A . 
C 3 HOH 71  471 32  HOH HOH A . 
C 3 HOH 72  472 127 HOH HOH A . 
C 3 HOH 73  473 105 HOH HOH A . 
C 3 HOH 74  474 29  HOH HOH A . 
C 3 HOH 75  475 83  HOH HOH A . 
C 3 HOH 76  476 42  HOH HOH A . 
C 3 HOH 77  477 66  HOH HOH A . 
C 3 HOH 78  478 54  HOH HOH A . 
C 3 HOH 79  479 11  HOH HOH A . 
C 3 HOH 80  480 55  HOH HOH A . 
C 3 HOH 81  481 15  HOH HOH A . 
C 3 HOH 82  482 125 HOH HOH A . 
C 3 HOH 83  483 112 HOH HOH A . 
C 3 HOH 84  484 116 HOH HOH A . 
C 3 HOH 85  485 56  HOH HOH A . 
C 3 HOH 86  486 96  HOH HOH A . 
C 3 HOH 87  487 101 HOH HOH A . 
C 3 HOH 88  488 122 HOH HOH A . 
C 3 HOH 89  489 35  HOH HOH A . 
C 3 HOH 90  490 84  HOH HOH A . 
C 3 HOH 91  491 63  HOH HOH A . 
C 3 HOH 92  492 120 HOH HOH A . 
C 3 HOH 93  493 129 HOH HOH A . 
C 3 HOH 94  494 110 HOH HOH A . 
C 3 HOH 95  495 97  HOH HOH A . 
C 3 HOH 96  496 102 HOH HOH A . 
C 3 HOH 97  497 5   HOH HOH A . 
C 3 HOH 98  498 68  HOH HOH A . 
C 3 HOH 99  499 109 HOH HOH A . 
C 3 HOH 100 500 89  HOH HOH A . 
C 3 HOH 101 501 80  HOH HOH A . 
C 3 HOH 102 502 100 HOH HOH A . 
C 3 HOH 103 503 117 HOH HOH A . 
C 3 HOH 104 504 74  HOH HOH A . 
C 3 HOH 105 505 16  HOH HOH A . 
C 3 HOH 106 506 51  HOH HOH A . 
C 3 HOH 107 507 10  HOH HOH A . 
C 3 HOH 108 508 78  HOH HOH A . 
C 3 HOH 109 509 91  HOH HOH A . 
C 3 HOH 110 510 37  HOH HOH A . 
C 3 HOH 111 511 113 HOH HOH A . 
D 3 HOH 1   101 8   HOH HOH M . 
D 3 HOH 2   102 22  HOH HOH M . 
D 3 HOH 3   103 128 HOH HOH M . 
D 3 HOH 4   104 104 HOH HOH M . 
D 3 HOH 5   105 92  HOH HOH M . 
D 3 HOH 6   106 93  HOH HOH M . 
D 3 HOH 7   107 40  HOH HOH M . 
D 3 HOH 8   108 64  HOH HOH M . 
D 3 HOH 9   109 86  HOH HOH M . 
D 3 HOH 10  110 85  HOH HOH M . 
D 3 HOH 11  111 62  HOH HOH M . 
D 3 HOH 12  112 76  HOH HOH M . 
D 3 HOH 13  113 88  HOH HOH M . 
D 3 HOH 14  114 67  HOH HOH M . 
D 3 HOH 15  115 99  HOH HOH M . 
D 3 HOH 16  116 69  HOH HOH M . 
D 3 HOH 17  117 106 HOH HOH M . 
D 3 HOH 18  118 87  HOH HOH M . 
# 
loop_
_software.citation_id 
_software.classification 
_software.compiler_name 
_software.compiler_version 
_software.contact_author 
_software.contact_author_email 
_software.date 
_software.description 
_software.dependencies 
_software.hardware 
_software.language 
_software.location 
_software.mods 
_software.name 
_software.os 
_software.os_version 
_software.type 
_software.version 
_software.pdbx_ordinal 
? refinement     ? ? ? ? ? ? ? ? ? ? ? PHENIX    ? ? ? '(1.10.1_2155: ???)' 1 
? 'data scaling' ? ? ? ? ? ? ? ? ? ? ? SCALEPACK ? ? ? .                    2 
? phasing        ? ? ? ? ? ? ? ? ? ? ? PHASER    ? ? ? .                    3 
# 
_cell.angle_alpha                  90.00 
_cell.angle_alpha_esd              ? 
_cell.angle_beta                   98.43 
_cell.angle_beta_esd               ? 
_cell.angle_gamma                  90.00 
_cell.angle_gamma_esd              ? 
_cell.entry_id                     5UL6 
_cell.details                      ? 
_cell.formula_units_Z              ? 
_cell.length_a                     27.650 
_cell.length_a_esd                 ? 
_cell.length_b                     39.260 
_cell.length_b_esd                 ? 
_cell.length_c                     29.030 
_cell.length_c_esd                 ? 
_cell.volume                       ? 
_cell.volume_esd                   ? 
_cell.Z_PDB                        2 
_cell.reciprocal_angle_alpha       ? 
_cell.reciprocal_angle_beta        ? 
_cell.reciprocal_angle_gamma       ? 
_cell.reciprocal_angle_alpha_esd   ? 
_cell.reciprocal_angle_beta_esd    ? 
_cell.reciprocal_angle_gamma_esd   ? 
_cell.reciprocal_length_a          ? 
_cell.reciprocal_length_b          ? 
_cell.reciprocal_length_c          ? 
_cell.reciprocal_length_a_esd      ? 
_cell.reciprocal_length_b_esd      ? 
_cell.reciprocal_length_c_esd      ? 
_cell.pdbx_unique_axis             ? 
# 
_symmetry.entry_id                         5UL6 
_symmetry.cell_setting                     ? 
_symmetry.Int_Tables_number                4 
_symmetry.space_group_name_Hall            ? 
_symmetry.space_group_name_H-M             'P 1 21 1' 
_symmetry.pdbx_full_space_group_name_H-M   ? 
# 
_exptl.absorpt_coefficient_mu     ? 
_exptl.absorpt_correction_T_max   ? 
_exptl.absorpt_correction_T_min   ? 
_exptl.absorpt_correction_type    ? 
_exptl.absorpt_process_details    ? 
_exptl.entry_id                   5UL6 
_exptl.crystals_number            1 
_exptl.details                    ? 
_exptl.method                     'X-RAY DIFFRACTION' 
_exptl.method_details             ? 
# 
_exptl_crystal.colour                      ? 
_exptl_crystal.density_diffrn              ? 
_exptl_crystal.density_Matthews            1.82 
_exptl_crystal.density_method              ? 
_exptl_crystal.density_percent_sol         32.40 
_exptl_crystal.description                 ? 
_exptl_crystal.F_000                       ? 
_exptl_crystal.id                          1 
_exptl_crystal.preparation                 ? 
_exptl_crystal.size_max                    ? 
_exptl_crystal.size_mid                    ? 
_exptl_crystal.size_min                    ? 
_exptl_crystal.size_rad                    ? 
_exptl_crystal.colour_lustre               ? 
_exptl_crystal.colour_modifier             ? 
_exptl_crystal.colour_primary              ? 
_exptl_crystal.density_meas                ? 
_exptl_crystal.density_meas_esd            ? 
_exptl_crystal.density_meas_gt             ? 
_exptl_crystal.density_meas_lt             ? 
_exptl_crystal.density_meas_temp           ? 
_exptl_crystal.density_meas_temp_esd       ? 
_exptl_crystal.density_meas_temp_gt        ? 
_exptl_crystal.density_meas_temp_lt        ? 
_exptl_crystal.pdbx_crystal_image_url      ? 
_exptl_crystal.pdbx_crystal_image_format   ? 
_exptl_crystal.pdbx_mosaicity              ? 
_exptl_crystal.pdbx_mosaicity_esd          ? 
# 
_exptl_crystal_grow.apparatus       ? 
_exptl_crystal_grow.atmosphere      ? 
_exptl_crystal_grow.crystal_id      1 
_exptl_crystal_grow.details         ? 
_exptl_crystal_grow.method          'VAPOR DIFFUSION, HANGING DROP' 
_exptl_crystal_grow.method_ref      ? 
_exptl_crystal_grow.pH              4.6 
_exptl_crystal_grow.pressure        ? 
_exptl_crystal_grow.pressure_esd    ? 
_exptl_crystal_grow.seeding         ? 
_exptl_crystal_grow.seeding_ref     ? 
_exptl_crystal_grow.temp            278 
_exptl_crystal_grow.temp_details    ? 
_exptl_crystal_grow.temp_esd        ? 
_exptl_crystal_grow.time            ? 
_exptl_crystal_grow.pdbx_details    
'0.2 M Ammonium sulfate, 0.1 M Sodium acetate trihydrate pH4.6, 30% w/v Polyethylene glycol monomethyl ether 2000' 
_exptl_crystal_grow.pdbx_pH_range   ? 
# 
_diffrn.ambient_environment    ? 
_diffrn.ambient_temp           113 
_diffrn.ambient_temp_details   ? 
_diffrn.ambient_temp_esd       ? 
_diffrn.crystal_id             1 
_diffrn.crystal_support        ? 
_diffrn.crystal_treatment      ? 
_diffrn.details                ? 
_diffrn.id                     1 
_diffrn.ambient_pressure       ? 
_diffrn.ambient_pressure_esd   ? 
_diffrn.ambient_pressure_gt    ? 
_diffrn.ambient_pressure_lt    ? 
_diffrn.ambient_temp_gt        ? 
_diffrn.ambient_temp_lt        ? 
# 
_diffrn_detector.details                      ? 
_diffrn_detector.detector                     'IMAGE PLATE' 
_diffrn_detector.diffrn_id                    1 
_diffrn_detector.type                         RIGAKU 
_diffrn_detector.area_resol_mean              ? 
_diffrn_detector.dtime                        ? 
_diffrn_detector.pdbx_frames_total            ? 
_diffrn_detector.pdbx_collection_time_total   ? 
_diffrn_detector.pdbx_collection_date         2016-10-25 
# 
_diffrn_radiation.collimation                      ? 
_diffrn_radiation.diffrn_id                        1 
_diffrn_radiation.filter_edge                      ? 
_diffrn_radiation.inhomogeneity                    ? 
_diffrn_radiation.monochromator                    ? 
_diffrn_radiation.polarisn_norm                    ? 
_diffrn_radiation.polarisn_ratio                   ? 
_diffrn_radiation.probe                            ? 
_diffrn_radiation.type                             ? 
_diffrn_radiation.xray_symbol                      ? 
_diffrn_radiation.wavelength_id                    1 
_diffrn_radiation.pdbx_monochromatic_or_laue_m_l   M 
_diffrn_radiation.pdbx_wavelength_list             ? 
_diffrn_radiation.pdbx_wavelength                  ? 
_diffrn_radiation.pdbx_diffrn_protocol             'SINGLE WAVELENGTH' 
_diffrn_radiation.pdbx_analyzer                    ? 
_diffrn_radiation.pdbx_scattering_type             x-ray 
# 
_diffrn_radiation_wavelength.id           1 
_diffrn_radiation_wavelength.wavelength   1.45 
_diffrn_radiation_wavelength.wt           1.0 
# 
_diffrn_source.current                     ? 
_diffrn_source.details                     ? 
_diffrn_source.diffrn_id                   1 
_diffrn_source.power                       ? 
_diffrn_source.size                        ? 
_diffrn_source.source                      'ROTATING ANODE' 
_diffrn_source.target                      ? 
_diffrn_source.type                        RIGAKU 
_diffrn_source.voltage                     ? 
_diffrn_source.take-off_angle              ? 
_diffrn_source.pdbx_wavelength_list        1.45 
_diffrn_source.pdbx_wavelength             ? 
_diffrn_source.pdbx_synchrotron_beamline   ? 
_diffrn_source.pdbx_synchrotron_site       ? 
# 
_reflns.B_iso_Wilson_estimate            ? 
_reflns.entry_id                         5UL6 
_reflns.data_reduction_details           ? 
_reflns.data_reduction_method            ? 
_reflns.d_resolution_high                1.45 
_reflns.d_resolution_low                 27.351 
_reflns.details                          ? 
_reflns.limit_h_max                      ? 
_reflns.limit_h_min                      ? 
_reflns.limit_k_max                      ? 
_reflns.limit_k_min                      ? 
_reflns.limit_l_max                      ? 
_reflns.limit_l_min                      ? 
_reflns.number_all                       ? 
_reflns.number_obs                       10105 
_reflns.observed_criterion               ? 
_reflns.observed_criterion_F_max         ? 
_reflns.observed_criterion_F_min         ? 
_reflns.observed_criterion_I_max         ? 
_reflns.observed_criterion_I_min         ? 
_reflns.observed_criterion_sigma_F       ? 
_reflns.observed_criterion_sigma_I       ? 
_reflns.percent_possible_obs             91.9 
_reflns.R_free_details                   ? 
_reflns.Rmerge_F_all                     ? 
_reflns.Rmerge_F_obs                     ? 
_reflns.Friedel_coverage                 ? 
_reflns.number_gt                        ? 
_reflns.threshold_expression             ? 
_reflns.pdbx_redundancy                  3.5 
_reflns.pdbx_Rmerge_I_obs                ? 
_reflns.pdbx_Rmerge_I_all                ? 
_reflns.pdbx_Rsym_value                  ? 
_reflns.pdbx_netI_over_av_sigmaI         ? 
_reflns.pdbx_netI_over_sigmaI            9.0 
_reflns.pdbx_res_netI_over_av_sigmaI_2   ? 
_reflns.pdbx_res_netI_over_sigmaI_2      ? 
_reflns.pdbx_chi_squared                 ? 
_reflns.pdbx_scaling_rejects             ? 
_reflns.pdbx_d_res_high_opt              ? 
_reflns.pdbx_d_res_low_opt               ? 
_reflns.pdbx_d_res_opt_method            ? 
_reflns.phase_calculation_details        ? 
_reflns.pdbx_Rrim_I_all                  ? 
_reflns.pdbx_Rpim_I_all                  ? 
_reflns.pdbx_d_opt                       ? 
_reflns.pdbx_number_measured_all         ? 
_reflns.pdbx_diffrn_id                   1 
_reflns.pdbx_ordinal                     1 
_reflns.pdbx_CC_half                     ? 
_reflns.pdbx_R_split                     ? 
# 
_reflns_shell.d_res_high                  . 
_reflns_shell.d_res_low                   ? 
_reflns_shell.meanI_over_sigI_all         ? 
_reflns_shell.meanI_over_sigI_obs         ? 
_reflns_shell.number_measured_all         ? 
_reflns_shell.number_measured_obs         ? 
_reflns_shell.number_possible             ? 
_reflns_shell.number_unique_all           ? 
_reflns_shell.number_unique_obs           ? 
_reflns_shell.percent_possible_all        ? 
_reflns_shell.percent_possible_obs        ? 
_reflns_shell.Rmerge_F_all                ? 
_reflns_shell.Rmerge_F_obs                ? 
_reflns_shell.Rmerge_I_all                ? 
_reflns_shell.Rmerge_I_obs                ? 
_reflns_shell.meanI_over_sigI_gt          ? 
_reflns_shell.meanI_over_uI_all           ? 
_reflns_shell.meanI_over_uI_gt            ? 
_reflns_shell.number_measured_gt          ? 
_reflns_shell.number_unique_gt            ? 
_reflns_shell.percent_possible_gt         ? 
_reflns_shell.Rmerge_F_gt                 ? 
_reflns_shell.Rmerge_I_gt                 ? 
_reflns_shell.pdbx_redundancy             ? 
_reflns_shell.pdbx_Rsym_value             ? 
_reflns_shell.pdbx_chi_squared            ? 
_reflns_shell.pdbx_netI_over_sigmaI_all   ? 
_reflns_shell.pdbx_netI_over_sigmaI_obs   ? 
_reflns_shell.pdbx_Rrim_I_all             ? 
_reflns_shell.pdbx_Rpim_I_all             ? 
_reflns_shell.pdbx_rejects                ? 
_reflns_shell.pdbx_ordinal                1 
_reflns_shell.pdbx_diffrn_id              1 
_reflns_shell.pdbx_CC_half                ? 
_reflns_shell.pdbx_R_split                ? 
# 
_refine.aniso_B[1][1]                            ? 
_refine.aniso_B[1][2]                            ? 
_refine.aniso_B[1][3]                            ? 
_refine.aniso_B[2][2]                            ? 
_refine.aniso_B[2][3]                            ? 
_refine.aniso_B[3][3]                            ? 
_refine.B_iso_max                                ? 
_refine.B_iso_mean                               ? 
_refine.B_iso_min                                ? 
_refine.correlation_coeff_Fo_to_Fc               ? 
_refine.correlation_coeff_Fo_to_Fc_free          ? 
_refine.details                                  ? 
_refine.diff_density_max                         ? 
_refine.diff_density_max_esd                     ? 
_refine.diff_density_min                         ? 
_refine.diff_density_min_esd                     ? 
_refine.diff_density_rms                         ? 
_refine.diff_density_rms_esd                     ? 
_refine.entry_id                                 5UL6 
_refine.pdbx_refine_id                           'X-RAY DIFFRACTION' 
_refine.ls_abs_structure_details                 ? 
_refine.ls_abs_structure_Flack                   ? 
_refine.ls_abs_structure_Flack_esd               ? 
_refine.ls_abs_structure_Rogers                  ? 
_refine.ls_abs_structure_Rogers_esd              ? 
_refine.ls_d_res_high                            1.450 
_refine.ls_d_res_low                             27.351 
_refine.ls_extinction_coef                       ? 
_refine.ls_extinction_coef_esd                   ? 
_refine.ls_extinction_expression                 ? 
_refine.ls_extinction_method                     ? 
_refine.ls_goodness_of_fit_all                   ? 
_refine.ls_goodness_of_fit_all_esd               ? 
_refine.ls_goodness_of_fit_obs                   ? 
_refine.ls_goodness_of_fit_obs_esd               ? 
_refine.ls_hydrogen_treatment                    ? 
_refine.ls_matrix_type                           ? 
_refine.ls_number_constraints                    ? 
_refine.ls_number_parameters                     ? 
_refine.ls_number_reflns_all                     ? 
_refine.ls_number_reflns_obs                     10105 
_refine.ls_number_reflns_R_free                  483 
_refine.ls_number_reflns_R_work                  ? 
_refine.ls_number_restraints                     ? 
_refine.ls_percent_reflns_obs                    91.93 
_refine.ls_percent_reflns_R_free                 4.78 
_refine.ls_R_factor_all                          ? 
_refine.ls_R_factor_obs                          0.1681 
_refine.ls_R_factor_R_free                       0.1870 
_refine.ls_R_factor_R_free_error                 ? 
_refine.ls_R_factor_R_free_error_details         ? 
_refine.ls_R_factor_R_work                       0.1672 
_refine.ls_R_Fsqd_factor_obs                     ? 
_refine.ls_R_I_factor_obs                        ? 
_refine.ls_redundancy_reflns_all                 ? 
_refine.ls_redundancy_reflns_obs                 ? 
_refine.ls_restrained_S_all                      ? 
_refine.ls_restrained_S_obs                      ? 
_refine.ls_shift_over_esd_max                    ? 
_refine.ls_shift_over_esd_mean                   ? 
_refine.ls_structure_factor_coef                 ? 
_refine.ls_weighting_details                     ? 
_refine.ls_weighting_scheme                      ? 
_refine.ls_wR_factor_all                         ? 
_refine.ls_wR_factor_obs                         ? 
_refine.ls_wR_factor_R_free                      ? 
_refine.ls_wR_factor_R_work                      ? 
_refine.occupancy_max                            ? 
_refine.occupancy_min                            ? 
_refine.solvent_model_details                    ? 
_refine.solvent_model_param_bsol                 ? 
_refine.solvent_model_param_ksol                 ? 
_refine.ls_R_factor_gt                           ? 
_refine.ls_goodness_of_fit_gt                    ? 
_refine.ls_goodness_of_fit_ref                   ? 
_refine.ls_shift_over_su_max                     ? 
_refine.ls_shift_over_su_max_lt                  ? 
_refine.ls_shift_over_su_mean                    ? 
_refine.ls_shift_over_su_mean_lt                 ? 
_refine.pdbx_ls_sigma_I                          ? 
_refine.pdbx_ls_sigma_F                          1.43 
_refine.pdbx_ls_sigma_Fsqd                       ? 
_refine.pdbx_data_cutoff_high_absF               ? 
_refine.pdbx_data_cutoff_high_rms_absF           ? 
_refine.pdbx_data_cutoff_low_absF                ? 
_refine.pdbx_isotropic_thermal_model             ? 
_refine.pdbx_ls_cross_valid_method               NONE 
_refine.pdbx_method_to_determine_struct          'MOLECULAR REPLACEMENT' 
_refine.pdbx_starting_model                      5IH2 
_refine.pdbx_stereochemistry_target_values       ? 
_refine.pdbx_R_Free_selection_details            ? 
_refine.pdbx_stereochem_target_val_spec_case     ? 
_refine.pdbx_overall_ESU_R                       ? 
_refine.pdbx_overall_ESU_R_Free                  ? 
_refine.pdbx_solvent_vdw_probe_radii             1.11 
_refine.pdbx_solvent_ion_probe_radii             ? 
_refine.pdbx_solvent_shrinkage_radii             0.90 
_refine.pdbx_real_space_R                        ? 
_refine.pdbx_density_correlation                 ? 
_refine.pdbx_pd_number_of_powder_patterns        ? 
_refine.pdbx_pd_number_of_points                 ? 
_refine.pdbx_pd_meas_number_of_points            ? 
_refine.pdbx_pd_proc_ls_prof_R_factor            ? 
_refine.pdbx_pd_proc_ls_prof_wR_factor           ? 
_refine.pdbx_pd_Marquardt_correlation_coeff      ? 
_refine.pdbx_pd_Fsqrd_R_factor                   ? 
_refine.pdbx_pd_ls_matrix_band_width             ? 
_refine.pdbx_overall_phase_error                 22.56 
_refine.pdbx_overall_SU_R_free_Cruickshank_DPI   ? 
_refine.pdbx_overall_SU_R_free_Blow_DPI          ? 
_refine.pdbx_overall_SU_R_Blow_DPI               ? 
_refine.pdbx_TLS_residual_ADP_flag               ? 
_refine.pdbx_diffrn_id                           1 
_refine.overall_SU_B                             ? 
_refine.overall_SU_ML                            0.17 
_refine.overall_SU_R_Cruickshank_DPI             ? 
_refine.overall_SU_R_free                        ? 
_refine.overall_FOM_free_R_set                   ? 
_refine.overall_FOM_work_R_set                   ? 
_refine.pdbx_average_fsc_overall                 ? 
_refine.pdbx_average_fsc_work                    ? 
_refine.pdbx_average_fsc_free                    ? 
# 
_refine_hist.pdbx_refine_id                   'X-RAY DIFFRACTION' 
_refine_hist.cycle_id                         LAST 
_refine_hist.pdbx_number_atoms_protein        607 
_refine_hist.pdbx_number_atoms_nucleic_acid   0 
_refine_hist.pdbx_number_atoms_ligand         0 
_refine_hist.number_atoms_solvent             129 
_refine_hist.number_atoms_total               736 
_refine_hist.d_res_high                       1.450 
_refine_hist.d_res_low                        27.351 
# 
loop_
_refine_ls_restr.pdbx_refine_id 
_refine_ls_restr.criterion 
_refine_ls_restr.dev_ideal 
_refine_ls_restr.dev_ideal_target 
_refine_ls_restr.number 
_refine_ls_restr.rejects 
_refine_ls_restr.type 
_refine_ls_restr.weight 
_refine_ls_restr.pdbx_restraint_function 
'X-RAY DIFFRACTION' ? 0.005  ? 633 ? f_bond_d           ? ? 
'X-RAY DIFFRACTION' ? 0.804  ? 854 ? f_angle_d          ? ? 
'X-RAY DIFFRACTION' ? 18.374 ? 258 ? f_dihedral_angle_d ? ? 
'X-RAY DIFFRACTION' ? 0.084  ? 77  ? f_chiral_restr     ? ? 
'X-RAY DIFFRACTION' ? 0.005  ? 118 ? f_plane_restr      ? ? 
# 
loop_
_refine_ls_shell.pdbx_refine_id 
_refine_ls_shell.d_res_high 
_refine_ls_shell.d_res_low 
_refine_ls_shell.number_reflns_all 
_refine_ls_shell.number_reflns_obs 
_refine_ls_shell.number_reflns_R_free 
_refine_ls_shell.number_reflns_R_work 
_refine_ls_shell.percent_reflns_obs 
_refine_ls_shell.percent_reflns_R_free 
_refine_ls_shell.R_factor_all 
_refine_ls_shell.R_factor_obs 
_refine_ls_shell.R_factor_R_free 
_refine_ls_shell.R_factor_R_free_error 
_refine_ls_shell.R_factor_R_work 
_refine_ls_shell.redundancy_reflns_all 
_refine_ls_shell.redundancy_reflns_obs 
_refine_ls_shell.wR_factor_all 
_refine_ls_shell.wR_factor_obs 
_refine_ls_shell.wR_factor_R_free 
_refine_ls_shell.wR_factor_R_work 
_refine_ls_shell.pdbx_total_number_of_bins_used 
_refine_ls_shell.pdbx_phase_error 
_refine_ls_shell.pdbx_fsc_work 
_refine_ls_shell.pdbx_fsc_free 
'X-RAY DIFFRACTION' 1.4500 1.6598  . . 149 2901 84.00 . . . 0.2415 . 0.1798 . . . . . . . . . . 
'X-RAY DIFFRACTION' 1.6598 2.0911  . . 145 3303 94.00 . . . 0.1768 . 0.1816 . . . . . . . . . . 
'X-RAY DIFFRACTION' 2.0911 27.3561 . . 189 3418 97.00 . . . 0.1810 . 0.1584 . . . . . . . . . . 
# 
_struct.entry_id                     5UL6 
_struct.title                        
'The molecular mechanisms by which NS1 of the 1918 Spanish influenza A virus hijack host protein-protein interactions' 
_struct.pdbx_model_details           ? 
_struct.pdbx_formula_weight          ? 
_struct.pdbx_formula_weight_method   ? 
_struct.pdbx_model_type_details      ? 
_struct.pdbx_CASP_flag               N 
# 
_struct_keywords.entry_id        5UL6 
_struct_keywords.text            'SH3, CrkII, Nonstructural Protein 1, Influenza A Virus, VIRAL PROTEIN' 
_struct_keywords.pdbx_keywords   'VIRAL PROTEIN' 
# 
loop_
_struct_asym.id 
_struct_asym.pdbx_blank_PDB_chainid_flag 
_struct_asym.pdbx_modified 
_struct_asym.entity_id 
_struct_asym.details 
A N N 1 ? 
B N N 2 ? 
C N N 3 ? 
D N N 3 ? 
# 
loop_
_struct_ref.id 
_struct_ref.db_name 
_struct_ref.db_code 
_struct_ref.pdbx_db_accession 
_struct_ref.pdbx_db_isoform 
_struct_ref.entity_id 
_struct_ref.pdbx_seq_one_letter_code 
_struct_ref.pdbx_align_begin 
1 UNP CRK_HUMAN P46108 ? 1 AEYVRALFDFNGNDEEDLPFKKGDILRIRDKPEEQWWNAEDSEGKRGMIPVPYVEKYR 134 
2 PDB 5UL6      5UL6   ? 2 ?                                                          1   
# 
loop_
_struct_ref_seq.align_id 
_struct_ref_seq.ref_id 
_struct_ref_seq.pdbx_PDB_id_code 
_struct_ref_seq.pdbx_strand_id 
_struct_ref_seq.seq_align_beg 
_struct_ref_seq.pdbx_seq_align_beg_ins_code 
_struct_ref_seq.seq_align_end 
_struct_ref_seq.pdbx_seq_align_end_ins_code 
_struct_ref_seq.pdbx_db_accession 
_struct_ref_seq.db_align_beg 
_struct_ref_seq.pdbx_db_align_beg_ins_code 
_struct_ref_seq.db_align_end 
_struct_ref_seq.pdbx_db_align_end_ins_code 
_struct_ref_seq.pdbx_auth_seq_align_beg 
_struct_ref_seq.pdbx_auth_seq_align_end 
1 1 5UL6 A 1 ? 58 ? P46108 134 ? 191 ? 134 191 
2 2 5UL6 M 1 ? 15 ? 5UL6   -1  ? 13  ? -1  13  
# 
_pdbx_struct_assembly.id                   1 
_pdbx_struct_assembly.details              author_and_software_defined_assembly 
_pdbx_struct_assembly.method_details       PISA 
_pdbx_struct_assembly.oligomeric_details   dimeric 
_pdbx_struct_assembly.oligomeric_count     2 
# 
loop_
_pdbx_struct_assembly_prop.biol_id 
_pdbx_struct_assembly_prop.type 
_pdbx_struct_assembly_prop.value 
_pdbx_struct_assembly_prop.details 
1 'ABSA (A^2)' 1210 ? 
1 MORE         -4   ? 
1 'SSA (A^2)'  5290 ? 
# 
_pdbx_struct_assembly_gen.assembly_id       1 
_pdbx_struct_assembly_gen.oper_expression   1 
_pdbx_struct_assembly_gen.asym_id_list      A,B,C,D 
# 
_pdbx_struct_oper_list.id                   1 
_pdbx_struct_oper_list.type                 'identity operation' 
_pdbx_struct_oper_list.name                 1_555 
_pdbx_struct_oper_list.symmetry_operation   x,y,z 
_pdbx_struct_oper_list.matrix[1][1]         1.0000000000 
_pdbx_struct_oper_list.matrix[1][2]         0.0000000000 
_pdbx_struct_oper_list.matrix[1][3]         0.0000000000 
_pdbx_struct_oper_list.vector[1]            0.0000000000 
_pdbx_struct_oper_list.matrix[2][1]         0.0000000000 
_pdbx_struct_oper_list.matrix[2][2]         1.0000000000 
_pdbx_struct_oper_list.matrix[2][3]         0.0000000000 
_pdbx_struct_oper_list.vector[2]            0.0000000000 
_pdbx_struct_oper_list.matrix[3][1]         0.0000000000 
_pdbx_struct_oper_list.matrix[3][2]         0.0000000000 
_pdbx_struct_oper_list.matrix[3][3]         1.0000000000 
_pdbx_struct_oper_list.vector[3]            0.0000000000 
# 
loop_
_struct_conn.id 
_struct_conn.conn_type_id 
_struct_conn.pdbx_leaving_atom_flag 
_struct_conn.pdbx_PDB_id 
_struct_conn.ptnr1_label_asym_id 
_struct_conn.ptnr1_label_comp_id 
_struct_conn.ptnr1_label_seq_id 
_struct_conn.ptnr1_label_atom_id 
_struct_conn.pdbx_ptnr1_label_alt_id 
_struct_conn.pdbx_ptnr1_PDB_ins_code 
_struct_conn.pdbx_ptnr1_standard_comp_id 
_struct_conn.ptnr1_symmetry 
_struct_conn.ptnr2_label_asym_id 
_struct_conn.ptnr2_label_comp_id 
_struct_conn.ptnr2_label_seq_id 
_struct_conn.ptnr2_label_atom_id 
_struct_conn.pdbx_ptnr2_label_alt_id 
_struct_conn.pdbx_ptnr2_PDB_ins_code 
_struct_conn.ptnr1_auth_asym_id 
_struct_conn.ptnr1_auth_comp_id 
_struct_conn.ptnr1_auth_seq_id 
_struct_conn.ptnr2_auth_asym_id 
_struct_conn.ptnr2_auth_comp_id 
_struct_conn.ptnr2_auth_seq_id 
_struct_conn.ptnr2_symmetry 
_struct_conn.pdbx_ptnr3_label_atom_id 
_struct_conn.pdbx_ptnr3_label_seq_id 
_struct_conn.pdbx_ptnr3_label_comp_id 
_struct_conn.pdbx_ptnr3_label_asym_id 
_struct_conn.pdbx_ptnr3_label_alt_id 
_struct_conn.pdbx_ptnr3_PDB_ins_code 
_struct_conn.details 
_struct_conn.pdbx_dist_value 
_struct_conn.pdbx_value_order 
_struct_conn.pdbx_role 
covale1 covale both ? B ACE 1  C ? ? ? 1_555 B TYR 2  N ? ? M ACE -1 M TYR 0  1_555 ? ? ? ? ? ? ? 1.328 ? ? 
covale2 covale both ? B LYS 14 C ? ? ? 1_555 B NH2 15 N ? ? M LYS 12 M NH2 13 1_555 ? ? ? ? ? ? ? 1.328 ? ? 
# 
_struct_conn_type.id          covale 
_struct_conn_type.criteria    ? 
_struct_conn_type.reference   ? 
# 
loop_
_pdbx_modification_feature.ordinal 
_pdbx_modification_feature.label_comp_id 
_pdbx_modification_feature.label_asym_id 
_pdbx_modification_feature.label_seq_id 
_pdbx_modification_feature.label_alt_id 
_pdbx_modification_feature.modified_residue_label_comp_id 
_pdbx_modification_feature.modified_residue_label_asym_id 
_pdbx_modification_feature.modified_residue_label_seq_id 
_pdbx_modification_feature.modified_residue_label_alt_id 
_pdbx_modification_feature.auth_comp_id 
_pdbx_modification_feature.auth_asym_id 
_pdbx_modification_feature.auth_seq_id 
_pdbx_modification_feature.PDB_ins_code 
_pdbx_modification_feature.symmetry 
_pdbx_modification_feature.modified_residue_auth_comp_id 
_pdbx_modification_feature.modified_residue_auth_asym_id 
_pdbx_modification_feature.modified_residue_auth_seq_id 
_pdbx_modification_feature.modified_residue_PDB_ins_code 
_pdbx_modification_feature.modified_residue_symmetry 
_pdbx_modification_feature.comp_id_linking_atom 
_pdbx_modification_feature.modified_residue_id_linking_atom 
_pdbx_modification_feature.modified_residue_id 
_pdbx_modification_feature.ref_pcm_id 
_pdbx_modification_feature.ref_comp_id 
_pdbx_modification_feature.type 
_pdbx_modification_feature.category 
1 ACE B 1  ? TYR B 2  ? ACE M -1 ? 1_555 TYR M 0  ? 1_555 . . TYR 5  ACE None 'Terminal acetylation' 
2 NH2 B 15 ? LYS B 14 ? NH2 M 13 ? 1_555 LYS M 12 ? 1_555 . . LYS 20 NH2 None 'Terminal amidation'   
# 
_struct_sheet.id               AA1 
_struct_sheet.type             ? 
_struct_sheet.number_strands   5 
_struct_sheet.details          ? 
# 
loop_
_struct_sheet_order.sheet_id 
_struct_sheet_order.range_id_1 
_struct_sheet_order.range_id_2 
_struct_sheet_order.offset 
_struct_sheet_order.sense 
AA1 1 2 ? anti-parallel 
AA1 2 3 ? anti-parallel 
AA1 3 4 ? anti-parallel 
AA1 4 5 ? anti-parallel 
# 
loop_
_struct_sheet_range.sheet_id 
_struct_sheet_range.id 
_struct_sheet_range.beg_label_comp_id 
_struct_sheet_range.beg_label_asym_id 
_struct_sheet_range.beg_label_seq_id 
_struct_sheet_range.pdbx_beg_PDB_ins_code 
_struct_sheet_range.end_label_comp_id 
_struct_sheet_range.end_label_asym_id 
_struct_sheet_range.end_label_seq_id 
_struct_sheet_range.pdbx_end_PDB_ins_code 
_struct_sheet_range.beg_auth_comp_id 
_struct_sheet_range.beg_auth_asym_id 
_struct_sheet_range.beg_auth_seq_id 
_struct_sheet_range.end_auth_comp_id 
_struct_sheet_range.end_auth_asym_id 
_struct_sheet_range.end_auth_seq_id 
AA1 1 ARG A 46 ? PRO A 50 ? ARG A 179 PRO A 183 
AA1 2 TRP A 36 ? GLU A 40 ? TRP A 169 GLU A 173 
AA1 3 ILE A 25 ? ASP A 30 ? ILE A 158 ASP A 163 
AA1 4 GLU A 2  ? ALA A 6  ? GLU A 135 ALA A 139 
AA1 5 VAL A 54 ? TYR A 57 ? VAL A 187 TYR A 190 
# 
loop_
_pdbx_struct_sheet_hbond.sheet_id 
_pdbx_struct_sheet_hbond.range_id_1 
_pdbx_struct_sheet_hbond.range_id_2 
_pdbx_struct_sheet_hbond.range_1_label_atom_id 
_pdbx_struct_sheet_hbond.range_1_label_comp_id 
_pdbx_struct_sheet_hbond.range_1_label_asym_id 
_pdbx_struct_sheet_hbond.range_1_label_seq_id 
_pdbx_struct_sheet_hbond.range_1_PDB_ins_code 
_pdbx_struct_sheet_hbond.range_1_auth_atom_id 
_pdbx_struct_sheet_hbond.range_1_auth_comp_id 
_pdbx_struct_sheet_hbond.range_1_auth_asym_id 
_pdbx_struct_sheet_hbond.range_1_auth_seq_id 
_pdbx_struct_sheet_hbond.range_2_label_atom_id 
_pdbx_struct_sheet_hbond.range_2_label_comp_id 
_pdbx_struct_sheet_hbond.range_2_label_asym_id 
_pdbx_struct_sheet_hbond.range_2_label_seq_id 
_pdbx_struct_sheet_hbond.range_2_PDB_ins_code 
_pdbx_struct_sheet_hbond.range_2_auth_atom_id 
_pdbx_struct_sheet_hbond.range_2_auth_comp_id 
_pdbx_struct_sheet_hbond.range_2_auth_asym_id 
_pdbx_struct_sheet_hbond.range_2_auth_seq_id 
AA1 1 2 O GLY A 47 ? O GLY A 180 N ALA A 39 ? N ALA A 172 
AA1 2 3 O ASN A 38 ? O ASN A 171 N ARG A 29 ? N ARG A 162 
AA1 3 4 O ILE A 28 ? O ILE A 161 N GLU A 2  ? N GLU A 135 
AA1 4 5 N ARG A 5  ? N ARG A 138 O GLU A 55 ? O GLU A 188 
# 
_pdbx_entry_details.entry_id                   5UL6 
_pdbx_entry_details.compound_details           ? 
_pdbx_entry_details.source_details             ? 
_pdbx_entry_details.nonpolymer_details         ? 
_pdbx_entry_details.sequence_details           ? 
_pdbx_entry_details.has_ligand_of_interest     ? 
_pdbx_entry_details.has_protein_modification   Y 
# 
loop_
_pdbx_validate_close_contact.id 
_pdbx_validate_close_contact.PDB_model_num 
_pdbx_validate_close_contact.auth_atom_id_1 
_pdbx_validate_close_contact.auth_asym_id_1 
_pdbx_validate_close_contact.auth_comp_id_1 
_pdbx_validate_close_contact.auth_seq_id_1 
_pdbx_validate_close_contact.PDB_ins_code_1 
_pdbx_validate_close_contact.label_alt_id_1 
_pdbx_validate_close_contact.auth_atom_id_2 
_pdbx_validate_close_contact.auth_asym_id_2 
_pdbx_validate_close_contact.auth_comp_id_2 
_pdbx_validate_close_contact.auth_seq_id_2 
_pdbx_validate_close_contact.PDB_ins_code_2 
_pdbx_validate_close_contact.label_alt_id_2 
_pdbx_validate_close_contact.dist 
1 1 O   A HOH 482 ? ? O A HOH 488 ? ? 2.05 
2 1 O   A HOH 401 ? ? O A HOH 469 ? ? 2.06 
3 1 O   A HOH 401 ? ? O A HOH 436 ? ? 2.07 
4 1 OE2 A GLU 188 ? ? O A HOH 401 ? ? 2.08 
5 1 O   A HOH 438 ? ? O A HOH 445 ? ? 2.16 
# 
loop_
_pdbx_validate_symm_contact.id 
_pdbx_validate_symm_contact.PDB_model_num 
_pdbx_validate_symm_contact.auth_atom_id_1 
_pdbx_validate_symm_contact.auth_asym_id_1 
_pdbx_validate_symm_contact.auth_comp_id_1 
_pdbx_validate_symm_contact.auth_seq_id_1 
_pdbx_validate_symm_contact.PDB_ins_code_1 
_pdbx_validate_symm_contact.label_alt_id_1 
_pdbx_validate_symm_contact.site_symmetry_1 
_pdbx_validate_symm_contact.auth_atom_id_2 
_pdbx_validate_symm_contact.auth_asym_id_2 
_pdbx_validate_symm_contact.auth_comp_id_2 
_pdbx_validate_symm_contact.auth_seq_id_2 
_pdbx_validate_symm_contact.PDB_ins_code_2 
_pdbx_validate_symm_contact.label_alt_id_2 
_pdbx_validate_symm_contact.site_symmetry_2 
_pdbx_validate_symm_contact.dist 
1 1 O  A HOH 480 ? ? 1_555 O A HOH 492 ? ? 2_846 1.89 
2 1 O  A HOH 401 ? ? 1_555 O A HOH 416 ? ? 2_846 2.12 
3 1 O  A HOH 401 ? ? 1_555 O A HOH 481 ? ? 2_846 2.15 
4 1 OG A SER 175 ? ? 1_555 O A HOH 401 ? ? 2_856 2.16 
# 
_pdbx_validate_torsion.id              1 
_pdbx_validate_torsion.PDB_model_num   1 
_pdbx_validate_torsion.auth_comp_id    ASN 
_pdbx_validate_torsion.auth_asym_id    A 
_pdbx_validate_torsion.auth_seq_id     146 
_pdbx_validate_torsion.PDB_ins_code    ? 
_pdbx_validate_torsion.label_alt_id    ? 
_pdbx_validate_torsion.phi             -140.02 
_pdbx_validate_torsion.psi             -40.29 
# 
loop_
_pdbx_refine_tls.pdbx_refine_id 
_pdbx_refine_tls.id 
_pdbx_refine_tls.details 
_pdbx_refine_tls.method 
_pdbx_refine_tls.origin_x 
_pdbx_refine_tls.origin_y 
_pdbx_refine_tls.origin_z 
_pdbx_refine_tls.T[1][1] 
_pdbx_refine_tls.T[2][2] 
_pdbx_refine_tls.T[3][3] 
_pdbx_refine_tls.T[1][2] 
_pdbx_refine_tls.T[1][3] 
_pdbx_refine_tls.T[2][3] 
_pdbx_refine_tls.L[1][1] 
_pdbx_refine_tls.L[2][2] 
_pdbx_refine_tls.L[3][3] 
_pdbx_refine_tls.L[1][2] 
_pdbx_refine_tls.L[1][3] 
_pdbx_refine_tls.L[2][3] 
_pdbx_refine_tls.S[1][1] 
_pdbx_refine_tls.S[1][2] 
_pdbx_refine_tls.S[1][3] 
_pdbx_refine_tls.S[2][1] 
_pdbx_refine_tls.S[2][2] 
_pdbx_refine_tls.S[2][3] 
_pdbx_refine_tls.S[3][1] 
_pdbx_refine_tls.S[3][2] 
_pdbx_refine_tls.S[3][3] 
'X-RAY DIFFRACTION' 1 ? refined 1.7257   -4.7420 -2.8637 0.0629 0.0297 0.1019 -0.0075 -0.0096 -0.0129 3.4125 0.9750 5.3999 -0.8370 -0.2881 1.5703 -0.0310 0.0001  -0.0879 0.0714  -0.0498 0.0768  0.0638  0.2359  0.0600  
'X-RAY DIFFRACTION' 2 ? refined -5.2043  -3.1585 2.8741  0.0481 0.0568 0.1072 -0.0078 0.0018  0.0146  2.1443 6.6543 7.0636 -1.9893 -1.6266 5.0263 -0.0710 -0.0306 -0.0582 0.1543  -0.0942 0.1859  0.0426  -0.0752 0.1875  
'X-RAY DIFFRACTION' 3 ? refined -1.7406  3.1710  -7.4806 0.1411 0.0668 0.1325 0.0038  -0.0391 0.0103  3.8670 8.0672 3.1811 -2.2257 -0.6843 0.4811 0.0200  0.1050  0.3787  -0.3503 -0.0653 0.4534  -0.4863 -0.0619 0.0334  
'X-RAY DIFFRACTION' 4 ? refined 1.3121   6.2491  0.0849  0.0980 0.0670 0.0809 -0.0033 -0.0142 0.0001  0.4865 3.5911 4.0904 0.9363  0.3114  2.2689 -0.0642 -0.0096 0.0668  -0.2712 -0.0074 -0.0228 -0.2474 -0.0151 0.0439  
'X-RAY DIFFRACTION' 5 ? refined -10.2481 -2.6085 -7.0533 0.0970 0.1454 0.1491 -0.0121 -0.0137 -0.0302 8.9212 2.2625 7.6370 -3.1374 4.4456  0.2628 0.0154  0.2679  -0.5381 0.1335  -0.2382 0.6203  0.2917  -0.9353 0.1855  
'X-RAY DIFFRACTION' 6 ? refined 3.0084   -0.8346 -3.2050 0.0949 0.0369 0.0803 -0.0198 -0.0102 0.0041  3.8832 1.2486 3.5879 -0.9887 -1.2846 1.2579 0.0037  -0.0271 0.1581  -0.0640 0.0284  -0.0318 -0.0911 0.0496  -0.0659 
'X-RAY DIFFRACTION' 7 ? refined 4.1022   2.9310  8.7705  0.1487 0.1379 0.1199 -0.0250 0.0190  -0.0133 1.2379 3.6267 1.4092 -0.9923 -0.2166 1.8533 -0.0277 -0.0788 0.0535  0.3447  0.0270  0.0755  0.0917  -0.1192 -0.0006 
# 
loop_
_pdbx_refine_tls_group.pdbx_refine_id 
_pdbx_refine_tls_group.id 
_pdbx_refine_tls_group.refine_tls_id 
_pdbx_refine_tls_group.beg_auth_asym_id 
_pdbx_refine_tls_group.beg_auth_seq_id 
_pdbx_refine_tls_group.beg_label_asym_id 
_pdbx_refine_tls_group.beg_label_seq_id 
_pdbx_refine_tls_group.end_auth_asym_id 
_pdbx_refine_tls_group.end_auth_seq_id 
_pdbx_refine_tls_group.end_label_asym_id 
_pdbx_refine_tls_group.end_label_seq_id 
_pdbx_refine_tls_group.selection 
_pdbx_refine_tls_group.selection_details 
'X-RAY DIFFRACTION' 1 1 ? ? ? ? ? ? ? ? ? 
;chain 'A' and (resid 134 through 144 )
;
'X-RAY DIFFRACTION' 2 2 ? ? ? ? ? ? ? ? ? 
;chain 'A' and (resid 145 through 157 )
;
'X-RAY DIFFRACTION' 3 3 ? ? ? ? ? ? ? ? ? 
;chain 'A' and (resid 158 through 163 )
;
'X-RAY DIFFRACTION' 4 4 ? ? ? ? ? ? ? ? ? 
;chain 'A' and (resid 164 through 173 )
;
'X-RAY DIFFRACTION' 5 5 ? ? ? ? ? ? ? ? ? 
;chain 'A' and (resid 174 through 178 )
;
'X-RAY DIFFRACTION' 6 6 ? ? ? ? ? ? ? ? ? 
;chain 'A' and (resid 179 through 191 )
;
'X-RAY DIFFRACTION' 7 7 ? ? ? ? ? ? ? ? ? 
;chain 'M' and (resid 0 through 12 )
;
# 
loop_
_chem_comp_atom.comp_id 
_chem_comp_atom.atom_id 
_chem_comp_atom.type_symbol 
_chem_comp_atom.pdbx_aromatic_flag 
_chem_comp_atom.pdbx_stereo_config 
_chem_comp_atom.pdbx_ordinal 
ACE C    C N N 1   
ACE O    O N N 2   
ACE CH3  C N N 3   
ACE H    H N N 4   
ACE H1   H N N 5   
ACE H2   H N N 6   
ACE H3   H N N 7   
ALA N    N N N 8   
ALA CA   C N S 9   
ALA C    C N N 10  
ALA O    O N N 11  
ALA CB   C N N 12  
ALA OXT  O N N 13  
ALA H    H N N 14  
ALA H2   H N N 15  
ALA HA   H N N 16  
ALA HB1  H N N 17  
ALA HB2  H N N 18  
ALA HB3  H N N 19  
ALA HXT  H N N 20  
ARG N    N N N 21  
ARG CA   C N S 22  
ARG C    C N N 23  
ARG O    O N N 24  
ARG CB   C N N 25  
ARG CG   C N N 26  
ARG CD   C N N 27  
ARG NE   N N N 28  
ARG CZ   C N N 29  
ARG NH1  N N N 30  
ARG NH2  N N N 31  
ARG OXT  O N N 32  
ARG H    H N N 33  
ARG H2   H N N 34  
ARG HA   H N N 35  
ARG HB2  H N N 36  
ARG HB3  H N N 37  
ARG HG2  H N N 38  
ARG HG3  H N N 39  
ARG HD2  H N N 40  
ARG HD3  H N N 41  
ARG HE   H N N 42  
ARG HH11 H N N 43  
ARG HH12 H N N 44  
ARG HH21 H N N 45  
ARG HH22 H N N 46  
ARG HXT  H N N 47  
ASN N    N N N 48  
ASN CA   C N S 49  
ASN C    C N N 50  
ASN O    O N N 51  
ASN CB   C N N 52  
ASN CG   C N N 53  
ASN OD1  O N N 54  
ASN ND2  N N N 55  
ASN OXT  O N N 56  
ASN H    H N N 57  
ASN H2   H N N 58  
ASN HA   H N N 59  
ASN HB2  H N N 60  
ASN HB3  H N N 61  
ASN HD21 H N N 62  
ASN HD22 H N N 63  
ASN HXT  H N N 64  
ASP N    N N N 65  
ASP CA   C N S 66  
ASP C    C N N 67  
ASP O    O N N 68  
ASP CB   C N N 69  
ASP CG   C N N 70  
ASP OD1  O N N 71  
ASP OD2  O N N 72  
ASP OXT  O N N 73  
ASP H    H N N 74  
ASP H2   H N N 75  
ASP HA   H N N 76  
ASP HB2  H N N 77  
ASP HB3  H N N 78  
ASP HD2  H N N 79  
ASP HXT  H N N 80  
GLN N    N N N 81  
GLN CA   C N S 82  
GLN C    C N N 83  
GLN O    O N N 84  
GLN CB   C N N 85  
GLN CG   C N N 86  
GLN CD   C N N 87  
GLN OE1  O N N 88  
GLN NE2  N N N 89  
GLN OXT  O N N 90  
GLN H    H N N 91  
GLN H2   H N N 92  
GLN HA   H N N 93  
GLN HB2  H N N 94  
GLN HB3  H N N 95  
GLN HG2  H N N 96  
GLN HG3  H N N 97  
GLN HE21 H N N 98  
GLN HE22 H N N 99  
GLN HXT  H N N 100 
GLU N    N N N 101 
GLU CA   C N S 102 
GLU C    C N N 103 
GLU O    O N N 104 
GLU CB   C N N 105 
GLU CG   C N N 106 
GLU CD   C N N 107 
GLU OE1  O N N 108 
GLU OE2  O N N 109 
GLU OXT  O N N 110 
GLU H    H N N 111 
GLU H2   H N N 112 
GLU HA   H N N 113 
GLU HB2  H N N 114 
GLU HB3  H N N 115 
GLU HG2  H N N 116 
GLU HG3  H N N 117 
GLU HE2  H N N 118 
GLU HXT  H N N 119 
GLY N    N N N 120 
GLY CA   C N N 121 
GLY C    C N N 122 
GLY O    O N N 123 
GLY OXT  O N N 124 
GLY H    H N N 125 
GLY H2   H N N 126 
GLY HA2  H N N 127 
GLY HA3  H N N 128 
GLY HXT  H N N 129 
HOH O    O N N 130 
HOH H1   H N N 131 
HOH H2   H N N 132 
ILE N    N N N 133 
ILE CA   C N S 134 
ILE C    C N N 135 
ILE O    O N N 136 
ILE CB   C N S 137 
ILE CG1  C N N 138 
ILE CG2  C N N 139 
ILE CD1  C N N 140 
ILE OXT  O N N 141 
ILE H    H N N 142 
ILE H2   H N N 143 
ILE HA   H N N 144 
ILE HB   H N N 145 
ILE HG12 H N N 146 
ILE HG13 H N N 147 
ILE HG21 H N N 148 
ILE HG22 H N N 149 
ILE HG23 H N N 150 
ILE HD11 H N N 151 
ILE HD12 H N N 152 
ILE HD13 H N N 153 
ILE HXT  H N N 154 
LEU N    N N N 155 
LEU CA   C N S 156 
LEU C    C N N 157 
LEU O    O N N 158 
LEU CB   C N N 159 
LEU CG   C N N 160 
LEU CD1  C N N 161 
LEU CD2  C N N 162 
LEU OXT  O N N 163 
LEU H    H N N 164 
LEU H2   H N N 165 
LEU HA   H N N 166 
LEU HB2  H N N 167 
LEU HB3  H N N 168 
LEU HG   H N N 169 
LEU HD11 H N N 170 
LEU HD12 H N N 171 
LEU HD13 H N N 172 
LEU HD21 H N N 173 
LEU HD22 H N N 174 
LEU HD23 H N N 175 
LEU HXT  H N N 176 
LYS N    N N N 177 
LYS CA   C N S 178 
LYS C    C N N 179 
LYS O    O N N 180 
LYS CB   C N N 181 
LYS CG   C N N 182 
LYS CD   C N N 183 
LYS CE   C N N 184 
LYS NZ   N N N 185 
LYS OXT  O N N 186 
LYS H    H N N 187 
LYS H2   H N N 188 
LYS HA   H N N 189 
LYS HB2  H N N 190 
LYS HB3  H N N 191 
LYS HG2  H N N 192 
LYS HG3  H N N 193 
LYS HD2  H N N 194 
LYS HD3  H N N 195 
LYS HE2  H N N 196 
LYS HE3  H N N 197 
LYS HZ1  H N N 198 
LYS HZ2  H N N 199 
LYS HZ3  H N N 200 
LYS HXT  H N N 201 
MET N    N N N 202 
MET CA   C N S 203 
MET C    C N N 204 
MET O    O N N 205 
MET CB   C N N 206 
MET CG   C N N 207 
MET SD   S N N 208 
MET CE   C N N 209 
MET OXT  O N N 210 
MET H    H N N 211 
MET H2   H N N 212 
MET HA   H N N 213 
MET HB2  H N N 214 
MET HB3  H N N 215 
MET HG2  H N N 216 
MET HG3  H N N 217 
MET HE1  H N N 218 
MET HE2  H N N 219 
MET HE3  H N N 220 
MET HXT  H N N 221 
NH2 N    N N N 222 
NH2 HN1  H N N 223 
NH2 HN2  H N N 224 
PHE N    N N N 225 
PHE CA   C N S 226 
PHE C    C N N 227 
PHE O    O N N 228 
PHE CB   C N N 229 
PHE CG   C Y N 230 
PHE CD1  C Y N 231 
PHE CD2  C Y N 232 
PHE CE1  C Y N 233 
PHE CE2  C Y N 234 
PHE CZ   C Y N 235 
PHE OXT  O N N 236 
PHE H    H N N 237 
PHE H2   H N N 238 
PHE HA   H N N 239 
PHE HB2  H N N 240 
PHE HB3  H N N 241 
PHE HD1  H N N 242 
PHE HD2  H N N 243 
PHE HE1  H N N 244 
PHE HE2  H N N 245 
PHE HZ   H N N 246 
PHE HXT  H N N 247 
PRO N    N N N 248 
PRO CA   C N S 249 
PRO C    C N N 250 
PRO O    O N N 251 
PRO CB   C N N 252 
PRO CG   C N N 253 
PRO CD   C N N 254 
PRO OXT  O N N 255 
PRO H    H N N 256 
PRO HA   H N N 257 
PRO HB2  H N N 258 
PRO HB3  H N N 259 
PRO HG2  H N N 260 
PRO HG3  H N N 261 
PRO HD2  H N N 262 
PRO HD3  H N N 263 
PRO HXT  H N N 264 
SER N    N N N 265 
SER CA   C N S 266 
SER C    C N N 267 
SER O    O N N 268 
SER CB   C N N 269 
SER OG   O N N 270 
SER OXT  O N N 271 
SER H    H N N 272 
SER H2   H N N 273 
SER HA   H N N 274 
SER HB2  H N N 275 
SER HB3  H N N 276 
SER HG   H N N 277 
SER HXT  H N N 278 
TRP N    N N N 279 
TRP CA   C N S 280 
TRP C    C N N 281 
TRP O    O N N 282 
TRP CB   C N N 283 
TRP CG   C Y N 284 
TRP CD1  C Y N 285 
TRP CD2  C Y N 286 
TRP NE1  N Y N 287 
TRP CE2  C Y N 288 
TRP CE3  C Y N 289 
TRP CZ2  C Y N 290 
TRP CZ3  C Y N 291 
TRP CH2  C Y N 292 
TRP OXT  O N N 293 
TRP H    H N N 294 
TRP H2   H N N 295 
TRP HA   H N N 296 
TRP HB2  H N N 297 
TRP HB3  H N N 298 
TRP HD1  H N N 299 
TRP HE1  H N N 300 
TRP HE3  H N N 301 
TRP HZ2  H N N 302 
TRP HZ3  H N N 303 
TRP HH2  H N N 304 
TRP HXT  H N N 305 
TYR N    N N N 306 
TYR CA   C N S 307 
TYR C    C N N 308 
TYR O    O N N 309 
TYR CB   C N N 310 
TYR CG   C Y N 311 
TYR CD1  C Y N 312 
TYR CD2  C Y N 313 
TYR CE1  C Y N 314 
TYR CE2  C Y N 315 
TYR CZ   C Y N 316 
TYR OH   O N N 317 
TYR OXT  O N N 318 
TYR H    H N N 319 
TYR H2   H N N 320 
TYR HA   H N N 321 
TYR HB2  H N N 322 
TYR HB3  H N N 323 
TYR HD1  H N N 324 
TYR HD2  H N N 325 
TYR HE1  H N N 326 
TYR HE2  H N N 327 
TYR HH   H N N 328 
TYR HXT  H N N 329 
VAL N    N N N 330 
VAL CA   C N S 331 
VAL C    C N N 332 
VAL O    O N N 333 
VAL CB   C N N 334 
VAL CG1  C N N 335 
VAL CG2  C N N 336 
VAL OXT  O N N 337 
VAL H    H N N 338 
VAL H2   H N N 339 
VAL HA   H N N 340 
VAL HB   H N N 341 
VAL HG11 H N N 342 
VAL HG12 H N N 343 
VAL HG13 H N N 344 
VAL HG21 H N N 345 
VAL HG22 H N N 346 
VAL HG23 H N N 347 
VAL HXT  H N N 348 
# 
loop_
_chem_comp_bond.comp_id 
_chem_comp_bond.atom_id_1 
_chem_comp_bond.atom_id_2 
_chem_comp_bond.value_order 
_chem_comp_bond.pdbx_aromatic_flag 
_chem_comp_bond.pdbx_stereo_config 
_chem_comp_bond.pdbx_ordinal 
ACE C   O    doub N N 1   
ACE C   CH3  sing N N 2   
ACE C   H    sing N N 3   
ACE CH3 H1   sing N N 4   
ACE CH3 H2   sing N N 5   
ACE CH3 H3   sing N N 6   
ALA N   CA   sing N N 7   
ALA N   H    sing N N 8   
ALA N   H2   sing N N 9   
ALA CA  C    sing N N 10  
ALA CA  CB   sing N N 11  
ALA CA  HA   sing N N 12  
ALA C   O    doub N N 13  
ALA C   OXT  sing N N 14  
ALA CB  HB1  sing N N 15  
ALA CB  HB2  sing N N 16  
ALA CB  HB3  sing N N 17  
ALA OXT HXT  sing N N 18  
ARG N   CA   sing N N 19  
ARG N   H    sing N N 20  
ARG N   H2   sing N N 21  
ARG CA  C    sing N N 22  
ARG CA  CB   sing N N 23  
ARG CA  HA   sing N N 24  
ARG C   O    doub N N 25  
ARG C   OXT  sing N N 26  
ARG CB  CG   sing N N 27  
ARG CB  HB2  sing N N 28  
ARG CB  HB3  sing N N 29  
ARG CG  CD   sing N N 30  
ARG CG  HG2  sing N N 31  
ARG CG  HG3  sing N N 32  
ARG CD  NE   sing N N 33  
ARG CD  HD2  sing N N 34  
ARG CD  HD3  sing N N 35  
ARG NE  CZ   sing N N 36  
ARG NE  HE   sing N N 37  
ARG CZ  NH1  sing N N 38  
ARG CZ  NH2  doub N N 39  
ARG NH1 HH11 sing N N 40  
ARG NH1 HH12 sing N N 41  
ARG NH2 HH21 sing N N 42  
ARG NH2 HH22 sing N N 43  
ARG OXT HXT  sing N N 44  
ASN N   CA   sing N N 45  
ASN N   H    sing N N 46  
ASN N   H2   sing N N 47  
ASN CA  C    sing N N 48  
ASN CA  CB   sing N N 49  
ASN CA  HA   sing N N 50  
ASN C   O    doub N N 51  
ASN C   OXT  sing N N 52  
ASN CB  CG   sing N N 53  
ASN CB  HB2  sing N N 54  
ASN CB  HB3  sing N N 55  
ASN CG  OD1  doub N N 56  
ASN CG  ND2  sing N N 57  
ASN ND2 HD21 sing N N 58  
ASN ND2 HD22 sing N N 59  
ASN OXT HXT  sing N N 60  
ASP N   CA   sing N N 61  
ASP N   H    sing N N 62  
ASP N   H2   sing N N 63  
ASP CA  C    sing N N 64  
ASP CA  CB   sing N N 65  
ASP CA  HA   sing N N 66  
ASP C   O    doub N N 67  
ASP C   OXT  sing N N 68  
ASP CB  CG   sing N N 69  
ASP CB  HB2  sing N N 70  
ASP CB  HB3  sing N N 71  
ASP CG  OD1  doub N N 72  
ASP CG  OD2  sing N N 73  
ASP OD2 HD2  sing N N 74  
ASP OXT HXT  sing N N 75  
GLN N   CA   sing N N 76  
GLN N   H    sing N N 77  
GLN N   H2   sing N N 78  
GLN CA  C    sing N N 79  
GLN CA  CB   sing N N 80  
GLN CA  HA   sing N N 81  
GLN C   O    doub N N 82  
GLN C   OXT  sing N N 83  
GLN CB  CG   sing N N 84  
GLN CB  HB2  sing N N 85  
GLN CB  HB3  sing N N 86  
GLN CG  CD   sing N N 87  
GLN CG  HG2  sing N N 88  
GLN CG  HG3  sing N N 89  
GLN CD  OE1  doub N N 90  
GLN CD  NE2  sing N N 91  
GLN NE2 HE21 sing N N 92  
GLN NE2 HE22 sing N N 93  
GLN OXT HXT  sing N N 94  
GLU N   CA   sing N N 95  
GLU N   H    sing N N 96  
GLU N   H2   sing N N 97  
GLU CA  C    sing N N 98  
GLU CA  CB   sing N N 99  
GLU CA  HA   sing N N 100 
GLU C   O    doub N N 101 
GLU C   OXT  sing N N 102 
GLU CB  CG   sing N N 103 
GLU CB  HB2  sing N N 104 
GLU CB  HB3  sing N N 105 
GLU CG  CD   sing N N 106 
GLU CG  HG2  sing N N 107 
GLU CG  HG3  sing N N 108 
GLU CD  OE1  doub N N 109 
GLU CD  OE2  sing N N 110 
GLU OE2 HE2  sing N N 111 
GLU OXT HXT  sing N N 112 
GLY N   CA   sing N N 113 
GLY N   H    sing N N 114 
GLY N   H2   sing N N 115 
GLY CA  C    sing N N 116 
GLY CA  HA2  sing N N 117 
GLY CA  HA3  sing N N 118 
GLY C   O    doub N N 119 
GLY C   OXT  sing N N 120 
GLY OXT HXT  sing N N 121 
HOH O   H1   sing N N 122 
HOH O   H2   sing N N 123 
ILE N   CA   sing N N 124 
ILE N   H    sing N N 125 
ILE N   H2   sing N N 126 
ILE CA  C    sing N N 127 
ILE CA  CB   sing N N 128 
ILE CA  HA   sing N N 129 
ILE C   O    doub N N 130 
ILE C   OXT  sing N N 131 
ILE CB  CG1  sing N N 132 
ILE CB  CG2  sing N N 133 
ILE CB  HB   sing N N 134 
ILE CG1 CD1  sing N N 135 
ILE CG1 HG12 sing N N 136 
ILE CG1 HG13 sing N N 137 
ILE CG2 HG21 sing N N 138 
ILE CG2 HG22 sing N N 139 
ILE CG2 HG23 sing N N 140 
ILE CD1 HD11 sing N N 141 
ILE CD1 HD12 sing N N 142 
ILE CD1 HD13 sing N N 143 
ILE OXT HXT  sing N N 144 
LEU N   CA   sing N N 145 
LEU N   H    sing N N 146 
LEU N   H2   sing N N 147 
LEU CA  C    sing N N 148 
LEU CA  CB   sing N N 149 
LEU CA  HA   sing N N 150 
LEU C   O    doub N N 151 
LEU C   OXT  sing N N 152 
LEU CB  CG   sing N N 153 
LEU CB  HB2  sing N N 154 
LEU CB  HB3  sing N N 155 
LEU CG  CD1  sing N N 156 
LEU CG  CD2  sing N N 157 
LEU CG  HG   sing N N 158 
LEU CD1 HD11 sing N N 159 
LEU CD1 HD12 sing N N 160 
LEU CD1 HD13 sing N N 161 
LEU CD2 HD21 sing N N 162 
LEU CD2 HD22 sing N N 163 
LEU CD2 HD23 sing N N 164 
LEU OXT HXT  sing N N 165 
LYS N   CA   sing N N 166 
LYS N   H    sing N N 167 
LYS N   H2   sing N N 168 
LYS CA  C    sing N N 169 
LYS CA  CB   sing N N 170 
LYS CA  HA   sing N N 171 
LYS C   O    doub N N 172 
LYS C   OXT  sing N N 173 
LYS CB  CG   sing N N 174 
LYS CB  HB2  sing N N 175 
LYS CB  HB3  sing N N 176 
LYS CG  CD   sing N N 177 
LYS CG  HG2  sing N N 178 
LYS CG  HG3  sing N N 179 
LYS CD  CE   sing N N 180 
LYS CD  HD2  sing N N 181 
LYS CD  HD3  sing N N 182 
LYS CE  NZ   sing N N 183 
LYS CE  HE2  sing N N 184 
LYS CE  HE3  sing N N 185 
LYS NZ  HZ1  sing N N 186 
LYS NZ  HZ2  sing N N 187 
LYS NZ  HZ3  sing N N 188 
LYS OXT HXT  sing N N 189 
MET N   CA   sing N N 190 
MET N   H    sing N N 191 
MET N   H2   sing N N 192 
MET CA  C    sing N N 193 
MET CA  CB   sing N N 194 
MET CA  HA   sing N N 195 
MET C   O    doub N N 196 
MET C   OXT  sing N N 197 
MET CB  CG   sing N N 198 
MET CB  HB2  sing N N 199 
MET CB  HB3  sing N N 200 
MET CG  SD   sing N N 201 
MET CG  HG2  sing N N 202 
MET CG  HG3  sing N N 203 
MET SD  CE   sing N N 204 
MET CE  HE1  sing N N 205 
MET CE  HE2  sing N N 206 
MET CE  HE3  sing N N 207 
MET OXT HXT  sing N N 208 
NH2 N   HN1  sing N N 209 
NH2 N   HN2  sing N N 210 
PHE N   CA   sing N N 211 
PHE N   H    sing N N 212 
PHE N   H2   sing N N 213 
PHE CA  C    sing N N 214 
PHE CA  CB   sing N N 215 
PHE CA  HA   sing N N 216 
PHE C   O    doub N N 217 
PHE C   OXT  sing N N 218 
PHE CB  CG   sing N N 219 
PHE CB  HB2  sing N N 220 
PHE CB  HB3  sing N N 221 
PHE CG  CD1  doub Y N 222 
PHE CG  CD2  sing Y N 223 
PHE CD1 CE1  sing Y N 224 
PHE CD1 HD1  sing N N 225 
PHE CD2 CE2  doub Y N 226 
PHE CD2 HD2  sing N N 227 
PHE CE1 CZ   doub Y N 228 
PHE CE1 HE1  sing N N 229 
PHE CE2 CZ   sing Y N 230 
PHE CE2 HE2  sing N N 231 
PHE CZ  HZ   sing N N 232 
PHE OXT HXT  sing N N 233 
PRO N   CA   sing N N 234 
PRO N   CD   sing N N 235 
PRO N   H    sing N N 236 
PRO CA  C    sing N N 237 
PRO CA  CB   sing N N 238 
PRO CA  HA   sing N N 239 
PRO C   O    doub N N 240 
PRO C   OXT  sing N N 241 
PRO CB  CG   sing N N 242 
PRO CB  HB2  sing N N 243 
PRO CB  HB3  sing N N 244 
PRO CG  CD   sing N N 245 
PRO CG  HG2  sing N N 246 
PRO CG  HG3  sing N N 247 
PRO CD  HD2  sing N N 248 
PRO CD  HD3  sing N N 249 
PRO OXT HXT  sing N N 250 
SER N   CA   sing N N 251 
SER N   H    sing N N 252 
SER N   H2   sing N N 253 
SER CA  C    sing N N 254 
SER CA  CB   sing N N 255 
SER CA  HA   sing N N 256 
SER C   O    doub N N 257 
SER C   OXT  sing N N 258 
SER CB  OG   sing N N 259 
SER CB  HB2  sing N N 260 
SER CB  HB3  sing N N 261 
SER OG  HG   sing N N 262 
SER OXT HXT  sing N N 263 
TRP N   CA   sing N N 264 
TRP N   H    sing N N 265 
TRP N   H2   sing N N 266 
TRP CA  C    sing N N 267 
TRP CA  CB   sing N N 268 
TRP CA  HA   sing N N 269 
TRP C   O    doub N N 270 
TRP C   OXT  sing N N 271 
TRP CB  CG   sing N N 272 
TRP CB  HB2  sing N N 273 
TRP CB  HB3  sing N N 274 
TRP CG  CD1  doub Y N 275 
TRP CG  CD2  sing Y N 276 
TRP CD1 NE1  sing Y N 277 
TRP CD1 HD1  sing N N 278 
TRP CD2 CE2  doub Y N 279 
TRP CD2 CE3  sing Y N 280 
TRP NE1 CE2  sing Y N 281 
TRP NE1 HE1  sing N N 282 
TRP CE2 CZ2  sing Y N 283 
TRP CE3 CZ3  doub Y N 284 
TRP CE3 HE3  sing N N 285 
TRP CZ2 CH2  doub Y N 286 
TRP CZ2 HZ2  sing N N 287 
TRP CZ3 CH2  sing Y N 288 
TRP CZ3 HZ3  sing N N 289 
TRP CH2 HH2  sing N N 290 
TRP OXT HXT  sing N N 291 
TYR N   CA   sing N N 292 
TYR N   H    sing N N 293 
TYR N   H2   sing N N 294 
TYR CA  C    sing N N 295 
TYR CA  CB   sing N N 296 
TYR CA  HA   sing N N 297 
TYR C   O    doub N N 298 
TYR C   OXT  sing N N 299 
TYR CB  CG   sing N N 300 
TYR CB  HB2  sing N N 301 
TYR CB  HB3  sing N N 302 
TYR CG  CD1  doub Y N 303 
TYR CG  CD2  sing Y N 304 
TYR CD1 CE1  sing Y N 305 
TYR CD1 HD1  sing N N 306 
TYR CD2 CE2  doub Y N 307 
TYR CD2 HD2  sing N N 308 
TYR CE1 CZ   doub Y N 309 
TYR CE1 HE1  sing N N 310 
TYR CE2 CZ   sing Y N 311 
TYR CE2 HE2  sing N N 312 
TYR CZ  OH   sing N N 313 
TYR OH  HH   sing N N 314 
TYR OXT HXT  sing N N 315 
VAL N   CA   sing N N 316 
VAL N   H    sing N N 317 
VAL N   H2   sing N N 318 
VAL CA  C    sing N N 319 
VAL CA  CB   sing N N 320 
VAL CA  HA   sing N N 321 
VAL C   O    doub N N 322 
VAL C   OXT  sing N N 323 
VAL CB  CG1  sing N N 324 
VAL CB  CG2  sing N N 325 
VAL CB  HB   sing N N 326 
VAL CG1 HG11 sing N N 327 
VAL CG1 HG12 sing N N 328 
VAL CG1 HG13 sing N N 329 
VAL CG2 HG21 sing N N 330 
VAL CG2 HG22 sing N N 331 
VAL CG2 HG23 sing N N 332 
VAL OXT HXT  sing N N 333 
# 
_pdbx_initial_refinement_model.id               1 
_pdbx_initial_refinement_model.entity_id_list   ? 
_pdbx_initial_refinement_model.type             'experimental model' 
_pdbx_initial_refinement_model.source_name      PDB 
_pdbx_initial_refinement_model.accession_code   5IH2 
_pdbx_initial_refinement_model.details          ? 
# 
_atom_sites.entry_id                    5UL6 
_atom_sites.fract_transf_matrix[1][1]   0.01261666 
_atom_sites.fract_transf_matrix[1][2]   -0.03293526 
_atom_sites.fract_transf_matrix[1][3]   0.00963315 
_atom_sites.fract_transf_matrix[2][1]   -0.01737474 
_atom_sites.fract_transf_matrix[2][2]   -0.01104265 
_atom_sites.fract_transf_matrix[2][3]   -0.01499834 
_atom_sites.fract_transf_matrix[3][1]   0.02396863 
_atom_sites.fract_transf_matrix[3][2]   -0.00379048 
_atom_sites.fract_transf_matrix[3][3]   -0.02497556 
_atom_sites.fract_transf_vector[1]      1.330192 
_atom_sites.fract_transf_vector[2]      0.127933 
_atom_sites.fract_transf_vector[3]      0.292315 
# 
loop_
_atom_type.symbol 
C 
N 
O 
S 
# 
loop_
_atom_site.group_PDB 
_atom_site.id 
_atom_site.type_symbol 
_atom_site.label_atom_id 
_atom_site.label_alt_id 
_atom_site.label_comp_id 
_atom_site.label_asym_id 
_atom_site.label_entity_id 
_atom_site.label_seq_id 
_atom_site.pdbx_PDB_ins_code 
_atom_site.Cartn_x 
_atom_site.Cartn_y 
_atom_site.Cartn_z 
_atom_site.occupancy 
_atom_site.B_iso_or_equiv 
_atom_site.pdbx_formal_charge 
_atom_site.auth_seq_id 
_atom_site.auth_comp_id 
_atom_site.auth_asym_id 
_atom_site.auth_atom_id 
_atom_site.pdbx_PDB_model_num 
ATOM   1   N N   . ALA A 1 1  ? 1.317   4.405   -15.874 1.00 26.71 ? 134 ALA A N   1 
ATOM   2   C CA  . ALA A 1 1  ? 1.037   4.260   -14.455 1.00 18.55 ? 134 ALA A CA  1 
ATOM   3   C C   . ALA A 1 1  ? 2.180   3.578   -13.711 1.00 17.37 ? 134 ALA A C   1 
ATOM   4   O O   . ALA A 1 1  ? 2.973   2.841   -14.288 1.00 19.11 ? 134 ALA A O   1 
ATOM   5   C CB  . ALA A 1 1  ? -0.258  3.488   -14.242 1.00 22.60 ? 134 ALA A CB  1 
ATOM   6   N N   . GLU A 1 2  ? 2.242   3.828   -12.415 1.00 17.82 ? 135 GLU A N   1 
ATOM   7   C CA  . GLU A 1 2  ? 3.232   3.220   -11.545 1.00 12.75 ? 135 GLU A CA  1 
ATOM   8   C C   . GLU A 1 2  ? 2.562   2.089   -10.785 1.00 11.42 ? 135 GLU A C   1 
ATOM   9   O O   . GLU A 1 2  ? 1.458   2.261   -10.261 1.00 11.64 ? 135 GLU A O   1 
ATOM   10  C CB  . GLU A 1 2  ? 3.770   4.264   -10.566 1.00 13.61 ? 135 GLU A CB  1 
ATOM   11  C CG  . GLU A 1 2  ? 4.754   3.696   -9.557  1.00 18.41 ? 135 GLU A CG  1 
ATOM   12  C CD  . GLU A 1 2  ? 5.267   4.745   -8.594  1.00 25.74 ? 135 GLU A CD  1 
ATOM   13  O OE1 . GLU A 1 2  ? 4.909   5.927   -8.766  1.00 28.03 ? 135 GLU A OE1 1 
ATOM   14  O OE2 . GLU A 1 2  ? 6.031   4.380   -7.671  1.00 23.84 1 135 GLU A OE2 1 
ATOM   15  N N   . TYR A 1 3  ? 3.216   0.932   -10.742 1.00 9.79  ? 136 TYR A N   1 
ATOM   16  C CA  . TYR A 1 3  ? 2.666   -0.238  -10.071 1.00 8.31  ? 136 TYR A CA  1 
ATOM   17  C C   . TYR A 1 3  ? 3.628   -0.781  -9.023  1.00 7.73  ? 136 TYR A C   1 
ATOM   18  O O   . TYR A 1 3  ? 4.850   -0.622  -9.126  1.00 8.40  ? 136 TYR A O   1 
ATOM   19  C CB  . TYR A 1 3  ? 2.336   -1.367  -11.064 1.00 8.20  ? 136 TYR A CB  1 
ATOM   20  C CG  . TYR A 1 3  ? 1.249   -0.998  -12.030 1.00 8.75  ? 136 TYR A CG  1 
ATOM   21  C CD1 . TYR A 1 3  ? 1.555   -0.415  -13.246 1.00 10.30 ? 136 TYR A CD1 1 
ATOM   22  C CD2 . TYR A 1 3  ? -0.085  -1.215  -11.723 1.00 10.16 ? 136 TYR A CD2 1 
ATOM   23  C CE1 . TYR A 1 3  ? 0.557   -0.057  -14.142 1.00 13.46 ? 136 TYR A CE1 1 
ATOM   24  C CE2 . TYR A 1 3  ? -1.083  -0.862  -12.602 1.00 10.65 ? 136 TYR A CE2 1 
ATOM   25  C CZ  . TYR A 1 3  ? -0.759  -0.283  -13.815 1.00 11.74 ? 136 TYR A CZ  1 
ATOM   26  O OH  . TYR A 1 3  ? -1.751  0.081   -14.707 1.00 16.61 ? 136 TYR A OH  1 
ATOM   27  N N   . VAL A 1 4  ? 3.048   -1.427  -8.010  1.00 7.40  ? 137 VAL A N   1 
ATOM   28  C CA  . VAL A 1 4  ? 3.797   -2.136  -6.982  1.00 6.84  ? 137 VAL A CA  1 
ATOM   29  C C   . VAL A 1 4  ? 3.199   -3.526  -6.810  1.00 6.98  ? 137 VAL A C   1 
ATOM   30  O O   . VAL A 1 4  ? 2.040   -3.781  -7.149  1.00 7.34  ? 137 VAL A O   1 
ATOM   31  C CB  . VAL A 1 4  ? 3.822   -1.400  -5.619  1.00 9.09  ? 137 VAL A CB  1 
ATOM   32  C CG1 . VAL A 1 4  ? 4.526   -0.064  -5.726  1.00 7.40  ? 137 VAL A CG1 1 
ATOM   33  C CG2 . VAL A 1 4  ? 2.407   -1.234  -5.055  1.00 12.04 ? 137 VAL A CG2 1 
ATOM   34  N N   . ARG A 1 5  ? 4.023   -4.432  -6.292  1.00 7.09  ? 138 ARG A N   1 
ATOM   35  C CA  . ARG A 1 5  ? 3.619   -5.798  -5.999  1.00 7.51  ? 138 ARG A CA  1 
ATOM   36  C C   . ARG A 1 5  ? 3.664   -6.003  -4.493  1.00 7.63  ? 138 ARG A C   1 
ATOM   37  O O   . ARG A 1 5  ? 4.656   -5.659  -3.847  1.00 8.83  ? 138 ARG A O   1 
ATOM   38  C CB  . ARG A 1 5  ? 4.587   -6.775  -6.674  1.00 8.39  ? 138 ARG A CB  1 
ATOM   39  C CG  . ARG A 1 5  ? 4.409   -8.222  -6.284  1.00 7.18  ? 138 ARG A CG  1 
ATOM   40  C CD  . ARG A 1 5  ? 5.324   -9.093  -7.106  1.00 9.67  ? 138 ARG A CD  1 
ATOM   41  N NE  . ARG A 1 5  ? 6.736   -8.734  -6.940  1.00 9.76  ? 138 ARG A NE  1 
ATOM   42  C CZ  . ARG A 1 5  ? 7.534   -9.224  -6.000  1.00 10.07 ? 138 ARG A CZ  1 
ATOM   43  N NH1 . ARG A 1 5  ? 7.067   -10.098 -5.113  1.00 16.52 1 138 ARG A NH1 1 
ATOM   44  N NH2 . ARG A 1 5  ? 8.807   -8.842  -5.940  1.00 11.56 ? 138 ARG A NH2 1 
ATOM   45  N N   . ALA A 1 6  ? 2.596   -6.576  -3.949  1.00 7.79  ? 139 ALA A N   1 
ATOM   46  C CA  . ALA A 1 6  ? 2.516   -6.876  -2.527  1.00 6.93  ? 139 ALA A CA  1 
ATOM   47  C C   . ALA A 1 6  ? 3.461   -8.016  -2.160  1.00 7.05  ? 139 ALA A C   1 
ATOM   48  O O   . ALA A 1 6  ? 3.391   -9.115  -2.731  1.00 9.16  ? 139 ALA A O   1 
ATOM   49  C CB  . ALA A 1 6  ? 1.091   -7.301  -2.199  1.00 7.82  ? 139 ALA A CB  1 
ATOM   50  N N   . LEU A 1 7  ? 4.334   -7.757  -1.178  1.00 8.20  ? 140 LEU A N   1 
ATOM   51  C CA  . LEU A 1 7  ? 5.213   -8.766  -0.615  1.00 8.76  ? 140 LEU A CA  1 
ATOM   52  C C   . LEU A 1 7  ? 4.539   -9.584  0.475   1.00 9.15  ? 140 LEU A C   1 
ATOM   53  O O   . LEU A 1 7  ? 4.977   -10.711 0.740   1.00 11.03 ? 140 LEU A O   1 
ATOM   54  C CB  . LEU A 1 7  ? 6.442   -8.086  -0.019  1.00 9.47  ? 140 LEU A CB  1 
ATOM   55  C CG  . LEU A 1 7  ? 7.302   -7.318  -1.020  1.00 9.24  ? 140 LEU A CG  1 
ATOM   56  C CD1 . LEU A 1 7  ? 8.402   -6.562  -0.287  1.00 13.05 ? 140 LEU A CD1 1 
ATOM   57  C CD2 . LEU A 1 7  ? 7.907   -8.269  -2.031  1.00 11.31 ? 140 LEU A CD2 1 
ATOM   58  N N   . PHE A 1 8  ? 3.489   -9.049  1.103   1.00 8.62  ? 141 PHE A N   1 
ATOM   59  C CA  . PHE A 1 8  ? 2.773   -9.735  2.169   1.00 10.93 ? 141 PHE A CA  1 
ATOM   60  C C   . PHE A 1 8  ? 1.288   -9.425  2.042   1.00 9.03  ? 141 PHE A C   1 
ATOM   61  O O   . PHE A 1 8  ? 0.889   -8.478  1.359   1.00 10.70 ? 141 PHE A O   1 
ATOM   62  C CB  . PHE A 1 8  ? 3.253   -9.262  3.555   1.00 12.37 ? 141 PHE A CB  1 
ATOM   63  C CG  . PHE A 1 8  ? 4.748   -9.113  3.665   1.00 10.63 ? 141 PHE A CG  1 
ATOM   64  C CD1 . PHE A 1 8  ? 5.546   -10.203 3.977   1.00 14.56 ? 141 PHE A CD1 1 
ATOM   65  C CD2 . PHE A 1 8  ? 5.358   -7.886  3.433   1.00 11.02 ? 141 PHE A CD2 1 
ATOM   66  C CE1 . PHE A 1 8  ? 6.927   -10.075 4.072   1.00 16.96 ? 141 PHE A CE1 1 
ATOM   67  C CE2 . PHE A 1 8  ? 6.742   -7.759  3.520   1.00 14.45 ? 141 PHE A CE2 1 
ATOM   68  C CZ  . PHE A 1 8  ? 7.524   -8.861  3.836   1.00 14.12 ? 141 PHE A CZ  1 
ATOM   69  N N   . ASP A 1 9  ? 0.471   -10.220 2.735   1.00 13.08 ? 142 ASP A N   1 
ATOM   70  C CA  . ASP A 1 9  ? -0.912  -9.841  2.983   1.00 11.78 ? 142 ASP A CA  1 
ATOM   71  C C   . ASP A 1 9  ? -0.952  -8.587  3.852   1.00 12.20 ? 142 ASP A C   1 
ATOM   72  O O   . ASP A 1 9  ? -0.138  -8.417  4.769   1.00 12.41 ? 142 ASP A O   1 
ATOM   73  C CB  . ASP A 1 9  ? -1.626  -10.947 3.754   1.00 12.18 ? 142 ASP A CB  1 
ATOM   74  C CG  . ASP A 1 9  ? -1.965  -12.156 2.910   1.00 16.74 ? 142 ASP A CG  1 
ATOM   75  O OD1 . ASP A 1 9  ? -1.777  -12.154 1.681   1.00 15.56 ? 142 ASP A OD1 1 
ATOM   76  O OD2 . ASP A 1 9  ? -2.480  -13.119 3.502   1.00 19.34 1 142 ASP A OD2 1 
ATOM   77  N N   . PHE A 1 10 ? -1.918  -7.708  3.568   1.00 10.27 ? 143 PHE A N   1 
ATOM   78  C CA  . PHE A 1 10 ? -2.212  -6.537  4.397   1.00 11.64 ? 143 PHE A CA  1 
ATOM   79  C C   . PHE A 1 10 ? -3.715  -6.532  4.645   1.00 11.29 ? 143 PHE A C   1 
ATOM   80  O O   . PHE A 1 10 ? -4.490  -6.205  3.745   1.00 11.24 ? 143 PHE A O   1 
ATOM   81  C CB  . PHE A 1 10 ? -1.781  -5.262  3.684   1.00 8.35  ? 143 PHE A CB  1 
ATOM   82  C CG  . PHE A 1 10 ? -2.152  -3.991  4.412   1.00 9.35  ? 143 PHE A CG  1 
ATOM   83  C CD1 . PHE A 1 10 ? -1.736  -3.773  5.712   1.00 9.79  ? 143 PHE A CD1 1 
ATOM   84  C CD2 . PHE A 1 10 ? -2.892  -2.989  3.773   1.00 7.22  ? 143 PHE A CD2 1 
ATOM   85  C CE1 . PHE A 1 10 ? -2.051  -2.591  6.370   1.00 9.53  ? 143 PHE A CE1 1 
ATOM   86  C CE2 . PHE A 1 10 ? -3.219  -1.818  4.442   1.00 7.73  ? 143 PHE A CE2 1 
ATOM   87  C CZ  . PHE A 1 10 ? -2.792  -1.622  5.731   1.00 10.71 ? 143 PHE A CZ  1 
ATOM   88  N N   . ASN A 1 11 ? -4.143  -6.920  5.848   1.00 10.32 ? 144 ASN A N   1 
ATOM   89  C CA  . ASN A 1 11 ? -5.570  -6.905  6.146   1.00 11.98 ? 144 ASN A CA  1 
ATOM   90  C C   . ASN A 1 11 ? -6.107  -5.493  6.317   1.00 10.74 ? 144 ASN A C   1 
ATOM   91  O O   . ASN A 1 11 ? -7.316  -5.281  6.171   1.00 12.47 ? 144 ASN A O   1 
ATOM   92  C CB  . ASN A 1 11 ? -5.850  -7.691  7.423   1.00 13.07 ? 144 ASN A CB  1 
ATOM   93  C CG  . ASN A 1 11 ? -5.621  -9.172  7.256   1.00 19.51 ? 144 ASN A CG  1 
ATOM   94  O OD1 . ASN A 1 11 ? -5.495  -9.670  6.137   1.00 23.40 ? 144 ASN A OD1 1 
ATOM   95  N ND2 . ASN A 1 11 ? -5.563  -9.884  8.369   1.00 21.49 ? 144 ASN A ND2 1 
ATOM   96  N N   . GLY A 1 12 ? -5.242  -4.531  6.623   1.00 8.04  ? 145 GLY A N   1 
ATOM   97  C CA  . GLY A 1 12 ? -5.679  -3.189  6.940   1.00 9.02  ? 145 GLY A CA  1 
ATOM   98  C C   . GLY A 1 12 ? -6.200  -3.079  8.363   1.00 8.80  ? 145 GLY A C   1 
ATOM   99  O O   . GLY A 1 12 ? -6.469  -4.069  9.049   1.00 10.23 ? 145 GLY A O   1 
ATOM   100 N N   . ASN A 1 13 ? -6.379  -1.827  8.801   1.00 9.16  ? 146 ASN A N   1 
ATOM   101 C CA  . ASN A 1 13 ? -6.787  -1.558  10.174  1.00 9.96  ? 146 ASN A CA  1 
ATOM   102 C C   . ASN A 1 13 ? -7.800  -0.429  10.236  1.00 9.98  ? 146 ASN A C   1 
ATOM   103 O O   . ASN A 1 13 ? -8.751  -0.493  11.016  1.00 11.35 ? 146 ASN A O   1 
ATOM   104 C CB  . ASN A 1 13 ? -5.577  -1.181  11.043  1.00 16.37 ? 146 ASN A CB  1 
ATOM   105 C CG  . ASN A 1 13 ? -4.591  -2.327  11.212  1.00 17.25 ? 146 ASN A CG  1 
ATOM   106 O OD1 . ASN A 1 13 ? -4.700  -3.125  12.147  1.00 21.10 ? 146 ASN A OD1 1 
ATOM   107 N ND2 . ASN A 1 13 ? -3.622  -2.406  10.319  1.00 12.48 ? 146 ASN A ND2 1 
ATOM   108 N N   . ASP A 1 14 ? -7.594  0.610   9.430   1.00 8.94  ? 147 ASP A N   1 
ATOM   109 C CA  . ASP A 1 14 ? -8.409  1.815   9.446   1.00 10.50 ? 147 ASP A CA  1 
ATOM   110 C C   . ASP A 1 14 ? -9.266  1.885   8.190   1.00 11.77 ? 147 ASP A C   1 
ATOM   111 O O   . ASP A 1 14 ? -8.949  1.282   7.166   1.00 10.86 ? 147 ASP A O   1 
ATOM   112 C CB  . ASP A 1 14 ? -7.514  3.052   9.494   1.00 9.55  ? 147 ASP A CB  1 
ATOM   113 C CG  . ASP A 1 14 ? -6.637  3.081   10.710  1.00 13.71 ? 147 ASP A CG  1 
ATOM   114 O OD1 . ASP A 1 14 ? -7.115  2.686   11.791  1.00 15.18 ? 147 ASP A OD1 1 
ATOM   115 O OD2 . ASP A 1 14 ? -5.465  3.495   10.597  1.00 14.83 1 147 ASP A OD2 1 
ATOM   116 N N   . GLU A 1 15 ? -10.338 2.675   8.279   1.00 13.10 ? 148 GLU A N   1 
ATOM   117 C CA  . GLU A 1 15 ? -11.251 2.866   7.156   1.00 13.31 ? 148 GLU A CA  1 
ATOM   118 C C   . GLU A 1 15 ? -10.510 3.251   5.874   1.00 12.50 ? 148 GLU A C   1 
ATOM   119 O O   . GLU A 1 15 ? -10.820 2.740   4.792   1.00 14.87 ? 148 GLU A O   1 
ATOM   120 C CB  . GLU A 1 15 ? -12.277 3.935   7.530   1.00 17.66 ? 148 GLU A CB  1 
ATOM   121 C CG  . GLU A 1 15 ? -13.402 4.108   6.536   1.00 27.60 ? 148 GLU A CG  1 
ATOM   122 C CD  . GLU A 1 15 ? -14.386 5.179   6.979   1.00 33.22 ? 148 GLU A CD  1 
ATOM   123 O OE1 . GLU A 1 15 ? -14.026 5.984   7.866   1.00 36.57 ? 148 GLU A OE1 1 
ATOM   124 O OE2 . GLU A 1 15 ? -15.516 5.211   6.446   1.00 35.67 1 148 GLU A OE2 1 
ATOM   125 N N   . GLU A 1 16 ? -9.506  4.129   5.980   1.00 10.29 ? 149 GLU A N   1 
ATOM   126 C CA  . GLU A 1 16 ? -8.815  4.629   4.792   1.00 9.95  ? 149 GLU A CA  1 
ATOM   127 C C   . GLU A 1 16 ? -7.879  3.605   4.149   1.00 12.66 ? 149 GLU A C   1 
ATOM   128 O O   . GLU A 1 16 ? -7.420  3.843   3.025   1.00 11.41 ? 149 GLU A O   1 
ATOM   129 C CB  . GLU A 1 16 ? -8.009  5.876   5.152   1.00 10.43 ? 149 GLU A CB  1 
ATOM   130 C CG  . GLU A 1 16 ? -6.866  5.568   6.101   1.00 11.10 ? 149 GLU A CG  1 
ATOM   131 C CD  . GLU A 1 16 ? -5.974  6.746   6.408   1.00 14.58 ? 149 GLU A CD  1 
ATOM   132 O OE1 . GLU A 1 16 ? -6.246  7.869   5.930   1.00 20.76 ? 149 GLU A OE1 1 
ATOM   133 O OE2 . GLU A 1 16 ? -4.984  6.541   7.144   1.00 18.49 1 149 GLU A OE2 1 
ATOM   134 N N   . ASP A 1 17 ? -7.579  2.492   4.815   1.00 7.87  ? 150 ASP A N   1 
ATOM   135 C CA  . ASP A 1 17 ? -6.621  1.529   4.282   1.00 7.85  ? 150 ASP A CA  1 
ATOM   136 C C   . ASP A 1 17 ? -7.222  0.747   3.120   1.00 8.69  ? 150 ASP A C   1 
ATOM   137 O O   . ASP A 1 17 ? -8.436  0.535   3.042   1.00 9.70  ? 150 ASP A O   1 
ATOM   138 C CB  . ASP A 1 17 ? -6.235  0.529   5.367   1.00 9.56  ? 150 ASP A CB  1 
ATOM   139 C CG  . ASP A 1 17 ? -5.449  1.164   6.492   1.00 11.65 ? 150 ASP A CG  1 
ATOM   140 O OD1 . ASP A 1 17 ? -4.872  2.240   6.260   1.00 10.47 ? 150 ASP A OD1 1 
ATOM   141 O OD2 . ASP A 1 17 ? -5.383  0.567   7.596   1.00 10.70 1 150 ASP A OD2 1 
ATOM   142 N N   . LEU A 1 18 ? -6.345  0.295   2.220   1.00 9.79  ? 151 LEU A N   1 
ATOM   143 C CA  . LEU A 1 18 ? -6.725  -0.608  1.137   1.00 11.02 ? 151 LEU A CA  1 
ATOM   144 C C   . LEU A 1 18 ? -6.137  -1.982  1.418   1.00 9.29  ? 151 LEU A C   1 
ATOM   145 O O   . LEU A 1 18 ? -4.925  -2.188  1.241   1.00 9.92  ? 151 LEU A O   1 
ATOM   146 C CB  . LEU A 1 18 ? -6.214  -0.073  -0.200  1.00 7.57  ? 151 LEU A CB  1 
ATOM   147 C CG  . LEU A 1 18 ? -6.426  -0.986  -1.407  1.00 9.59  ? 151 LEU A CG  1 
ATOM   148 C CD1 . LEU A 1 18 ? -7.909  -1.194  -1.639  1.00 12.27 ? 151 LEU A CD1 1 
ATOM   149 C CD2 . LEU A 1 18 ? -5.775  -0.358  -2.620  1.00 12.03 ? 151 LEU A CD2 1 
ATOM   150 N N   . PRO A 1 19 ? -6.929  -2.940  1.893   1.00 8.04  ? 152 PRO A N   1 
ATOM   151 C CA  . PRO A 1 19 ? -6.418  -4.303  2.076   1.00 10.90 ? 152 PRO A CA  1 
ATOM   152 C C   . PRO A 1 19 ? -5.989  -4.921  0.754   1.00 10.49 ? 152 PRO A C   1 
ATOM   153 O O   . PRO A 1 19 ? -6.521  -4.598  -0.312  1.00 10.12 ? 152 PRO A O   1 
ATOM   154 C CB  . PRO A 1 19 ? -7.620  -5.054  2.659   1.00 9.72  ? 152 PRO A CB  1 
ATOM   155 C CG  . PRO A 1 19 ? -8.488  -3.965  3.269   1.00 12.33 ? 152 PRO A CG  1 
ATOM   156 C CD  . PRO A 1 19 ? -8.328  -2.804  2.327   1.00 11.61 ? 152 PRO A CD  1 
ATOM   157 N N   . PHE A 1 20 ? -5.028  -5.842  0.838   1.00 9.21  ? 153 PHE A N   1 
ATOM   158 C CA  . PHE A 1 20 ? -4.538  -6.537  -0.344  1.00 8.04  ? 153 PHE A CA  1 
ATOM   159 C C   . PHE A 1 20 ? -3.931  -7.865  0.076   1.00 9.28  ? 153 PHE A C   1 
ATOM   160 O O   . PHE A 1 20 ? -3.689  -8.113  1.258   1.00 10.35 ? 153 PHE A O   1 
ATOM   161 C CB  . PHE A 1 20 ? -3.568  -5.675  -1.179  1.00 6.08  ? 153 PHE A CB  1 
ATOM   162 C CG  . PHE A 1 20 ? -2.370  -5.137  -0.415  1.00 6.82  ? 153 PHE A CG  1 
ATOM   163 C CD1 . PHE A 1 20 ? -1.274  -5.950  -0.144  1.00 7.04  ? 153 PHE A CD1 1 
ATOM   164 C CD2 . PHE A 1 20 ? -2.314  -3.803  -0.026  1.00 9.05  ? 153 PHE A CD2 1 
ATOM   165 C CE1 . PHE A 1 20 ? -0.165  -5.458  0.530   1.00 8.57  ? 153 PHE A CE1 1 
ATOM   166 C CE2 . PHE A 1 20 ? -1.204  -3.298  0.649   1.00 8.70  ? 153 PHE A CE2 1 
ATOM   167 C CZ  . PHE A 1 20 ? -0.121  -4.128  0.924   1.00 8.90  ? 153 PHE A CZ  1 
ATOM   168 N N   . LYS A 1 21 ? -3.706  -8.726  -0.911  1.00 9.69  ? 154 LYS A N   1 
ATOM   169 C CA  . LYS A 1 21 ? -3.120  -10.040 -0.697  1.00 10.21 ? 154 LYS A CA  1 
ATOM   170 C C   . LYS A 1 21 ? -1.725  -10.097 -1.306  1.00 7.75  ? 154 LYS A C   1 
ATOM   171 O O   . LYS A 1 21 ? -1.424  -9.407  -2.287  1.00 10.35 ? 154 LYS A O   1 
ATOM   172 C CB  . LYS A 1 21 ? -3.999  -11.145 -1.297  1.00 11.24 ? 154 LYS A CB  1 
ATOM   173 C CG  . LYS A 1 21 ? -5.378  -11.279 -0.667  1.00 20.70 ? 154 LYS A CG  1 
ATOM   174 C CD  . LYS A 1 21 ? -5.285  -11.676 0.786   1.00 27.33 ? 154 LYS A CD  1 
ATOM   175 C CE  . LYS A 1 21 ? -6.652  -12.028 1.355   1.00 36.64 ? 154 LYS A CE  1 
ATOM   176 N NZ  . LYS A 1 21 ? -6.575  -12.364 2.811   1.00 42.70 1 154 LYS A NZ  1 
ATOM   177 N N   . LYS A 1 22 ? -0.871  -10.917 -0.689  1.00 10.58 ? 155 LYS A N   1 
ATOM   178 C CA  . LYS A 1 22 ? 0.465   -11.195 -1.205  1.00 10.32 ? 155 LYS A CA  1 
ATOM   179 C C   . LYS A 1 22 ? 0.414   -11.498 -2.697  1.00 10.51 ? 155 LYS A C   1 
ATOM   180 O O   . LYS A 1 22 ? -0.368  -12.341 -3.150  1.00 11.44 ? 155 LYS A O   1 
ATOM   181 C CB  . LYS A 1 22 ? 1.048   -12.390 -0.446  1.00 11.29 ? 155 LYS A CB  1 
ATOM   182 C CG  . LYS A 1 22 ? 2.472   -12.729 -0.800  1.00 12.87 ? 155 LYS A CG  1 
ATOM   183 C CD  . LYS A 1 22 ? 2.838   -14.099 -0.257  1.00 14.55 ? 155 LYS A CD  1 
ATOM   184 C CE  . LYS A 1 22 ? 4.326   -14.345 -0.368  1.00 18.61 ? 155 LYS A CE  1 
ATOM   185 N NZ  . LYS A 1 22 ? 5.064   -13.473 0.578   1.00 31.04 1 155 LYS A NZ  1 
ATOM   186 N N   . GLY A 1 23 ? 1.246   -10.791 -3.461  1.00 8.84  ? 156 GLY A N   1 
ATOM   187 C CA  . GLY A 1 23 ? 1.333   -10.975 -4.896  1.00 9.52  ? 156 GLY A CA  1 
ATOM   188 C C   . GLY A 1 23 ? 0.454   -10.048 -5.707  1.00 8.35  ? 156 GLY A C   1 
ATOM   189 O O   . GLY A 1 23 ? 0.643   -9.955  -6.926  1.00 11.91 ? 156 GLY A O   1 
ATOM   190 N N   . ASP A 1 24 ? -0.479  -9.339  -5.075  1.00 7.54  ? 157 ASP A N   1 
ATOM   191 C CA  . ASP A 1 24 ? -1.366  -8.456  -5.822  1.00 7.47  ? 157 ASP A CA  1 
ATOM   192 C C   . ASP A 1 24 ? -0.573  -7.311  -6.435  1.00 8.46  ? 157 ASP A C   1 
ATOM   193 O O   . ASP A 1 24 ? 0.410   -6.825  -5.859  1.00 9.35  ? 157 ASP A O   1 
ATOM   194 C CB  . ASP A 1 24 ? -2.406  -7.823  -4.892  1.00 8.33  ? 157 ASP A CB  1 
ATOM   195 C CG  . ASP A 1 24 ? -3.523  -8.768  -4.487  1.00 9.64  ? 157 ASP A CG  1 
ATOM   196 O OD1 . ASP A 1 24 ? -3.566  -9.921  -4.958  1.00 13.03 ? 157 ASP A OD1 1 
ATOM   197 O OD2 . ASP A 1 24 ? -4.384  -8.334  -3.692  1.00 10.80 1 157 ASP A OD2 1 
ATOM   198 N N   . ILE A 1 25 ? -1.013  -6.877  -7.609  1.00 7.23  ? 158 ILE A N   1 
ATOM   199 C CA  . ILE A 1 25 ? -0.437  -5.725  -8.281  1.00 8.04  ? 158 ILE A CA  1 
ATOM   200 C C   . ILE A 1 25 ? -1.353  -4.529  -8.016  1.00 6.13  ? 158 ILE A C   1 
ATOM   201 O O   . ILE A 1 25 ? -2.563  -4.582  -8.294  1.00 8.24  ? 158 ILE A O   1 
ATOM   202 C CB  . ILE A 1 25 ? -0.244  -5.987  -9.784  1.00 7.58  ? 158 ILE A CB  1 
ATOM   203 C CG1 . ILE A 1 25 ? 0.601   -7.253  -10.023 1.00 8.67  ? 158 ILE A CG1 1 
ATOM   204 C CG2 . ILE A 1 25 ? 0.381   -4.768  -10.465 1.00 9.91  ? 158 ILE A CG2 1 
ATOM   205 C CD1 . ILE A 1 25 ? 1.949   -7.280  -9.300  1.00 7.31  ? 158 ILE A CD1 1 
ATOM   206 N N   . LEU A 1 26 ? -0.780  -3.454  -7.470  1.00 5.71  ? 159 LEU A N   1 
ATOM   207 C CA  . LEU A 1 26 ? -1.528  -2.258  -7.111  1.00 7.04  ? 159 LEU A CA  1 
ATOM   208 C C   . LEU A 1 26 ? -0.989  -1.071  -7.892  1.00 7.72  ? 159 LEU A C   1 
ATOM   209 O O   . LEU A 1 26 ? 0.223   -0.944  -8.093  1.00 9.20  ? 159 LEU A O   1 
ATOM   210 C CB  . LEU A 1 26 ? -1.404  -1.980  -5.616  1.00 7.76  ? 159 LEU A CB  1 
ATOM   211 C CG  . LEU A 1 26 ? -1.882  -3.126  -4.732  1.00 15.68 ? 159 LEU A CG  1 
ATOM   212 C CD1 . LEU A 1 26 ? -0.965  -3.291  -3.538  1.00 19.43 ? 159 LEU A CD1 1 
ATOM   213 C CD2 . LEU A 1 26 ? -3.278  -2.846  -4.280  1.00 18.07 ? 159 LEU A CD2 1 
ATOM   214 N N   . ARG A 1 27 ? -1.895  -0.195  -8.323  1.00 9.23  ? 160 ARG A N   1 
ATOM   215 C CA  . ARG A 1 27 ? -1.503  1.034   -8.988  1.00 8.69  ? 160 ARG A CA  1 
ATOM   216 C C   . ARG A 1 27 ? -1.335  2.127   -7.941  1.00 12.40 ? 160 ARG A C   1 
ATOM   217 O O   . ARG A 1 27 ? -2.151  2.255   -7.024  1.00 11.59 ? 160 ARG A O   1 
ATOM   218 C CB  . ARG A 1 27 ? -2.568  1.476   -9.992  1.00 11.50 ? 160 ARG A CB  1 
ATOM   219 C CG  . ARG A 1 27 ? -2.082  2.620   -10.848 1.00 15.96 ? 160 ARG A CG  1 
ATOM   220 C CD  . ARG A 1 27 ? -3.155  3.610   -11.125 1.00 25.56 ? 160 ARG A CD  1 
ATOM   221 N NE  . ARG A 1 27 ? -2.629  4.969   -11.136 1.00 27.42 ? 160 ARG A NE  1 
ATOM   222 C CZ  . ARG A 1 27 ? -3.324  6.032   -11.524 1.00 29.76 ? 160 ARG A CZ  1 
ATOM   223 N NH1 . ARG A 1 27 ? -4.577  5.886   -11.947 1.00 25.86 1 160 ARG A NH1 1 
ATOM   224 N NH2 . ARG A 1 27 ? -2.770  7.239   -11.493 1.00 30.92 ? 160 ARG A NH2 1 
ATOM   225 N N   . ILE A 1 28 ? -0.273  2.908   -8.068  1.00 9.10  ? 161 ILE A N   1 
ATOM   226 C CA  . ILE A 1 28 ? -0.026  4.010   -7.147  1.00 9.05  ? 161 ILE A CA  1 
ATOM   227 C C   . ILE A 1 28 ? -0.709  5.258   -7.683  1.00 12.93 ? 161 ILE A C   1 
ATOM   228 O O   . ILE A 1 28 ? -0.454  5.679   -8.820  1.00 18.13 ? 161 ILE A O   1 
ATOM   229 C CB  . ILE A 1 28 ? 1.481   4.244   -6.943  1.00 12.39 ? 161 ILE A CB  1 
ATOM   230 C CG1 . ILE A 1 28 ? 2.156   2.961   -6.433  1.00 12.61 ? 161 ILE A CG1 1 
ATOM   231 C CG2 . ILE A 1 28 ? 1.710   5.435   -6.005  1.00 13.92 ? 161 ILE A CG2 1 
ATOM   232 C CD1 . ILE A 1 28 ? 1.452   2.280   -5.254  1.00 12.36 ? 161 ILE A CD1 1 
ATOM   233 N N   . ARG A 1 29 ? -1.575  5.859   -6.871  1.00 11.21 ? 162 ARG A N   1 
ATOM   234 C CA  . ARG A 1 29 ? -2.232  7.090   -7.292  1.00 13.05 ? 162 ARG A CA  1 
ATOM   235 C C   . ARG A 1 29 ? -1.452  8.321   -6.853  1.00 18.17 ? 162 ARG A C   1 
ATOM   236 O O   . ARG A 1 29 ? -1.188  9.212   -7.670  1.00 18.42 ? 162 ARG A O   1 
ATOM   237 C CB  . ARG A 1 29 ? -3.671  7.136   -6.785  1.00 17.36 ? 162 ARG A CB  1 
ATOM   238 C CG  . ARG A 1 29 ? -4.562  6.099   -7.429  1.00 21.24 ? 162 ARG A CG  1 
ATOM   239 C CD  . ARG A 1 29 ? -5.991  6.279   -6.976  1.00 19.63 ? 162 ARG A CD  1 
ATOM   240 N NE  . ARG A 1 29 ? -6.406  7.667   -7.149  1.00 24.44 ? 162 ARG A NE  1 
ATOM   241 C CZ  . ARG A 1 29 ? -6.781  8.173   -8.313  1.00 32.35 ? 162 ARG A CZ  1 
ATOM   242 N NH1 . ARG A 1 29 ? -6.795  7.394   -9.388  1.00 34.03 1 162 ARG A NH1 1 
ATOM   243 N NH2 . ARG A 1 29 ? -7.139  9.443   -8.406  1.00 31.07 ? 162 ARG A NH2 1 
ATOM   244 N N   . ASP A 1 30 ? -1.063  8.387   -5.582  1.00 15.17 ? 163 ASP A N   1 
ATOM   245 C CA  . ASP A 1 30 ? -0.175  9.450   -5.130  1.00 18.52 ? 163 ASP A CA  1 
ATOM   246 C C   . ASP A 1 30 ? 0.512   9.006   -3.845  1.00 15.61 ? 163 ASP A C   1 
ATOM   247 O O   . ASP A 1 30 ? 0.254   7.918   -3.316  1.00 13.61 ? 163 ASP A O   1 
ATOM   248 C CB  . ASP A 1 30 ? -0.898  10.797  -4.996  1.00 22.53 ? 163 ASP A CB  1 
ATOM   249 C CG  . ASP A 1 30 ? -2.088  10.726  -4.084  1.00 30.98 ? 163 ASP A CG  1 
ATOM   250 O OD1 . ASP A 1 30 ? -3.221  10.923  -4.566  1.00 41.81 ? 163 ASP A OD1 1 
ATOM   251 O OD2 . ASP A 1 30 ? -1.891  10.472  -2.883  1.00 34.64 1 163 ASP A OD2 1 
ATOM   252 N N   . LYS A 1 31 ? 1.404   9.863   -3.351  1.00 11.10 ? 164 LYS A N   1 
ATOM   253 C CA  . LYS A 1 31 ? 2.331   9.522   -2.275  1.00 12.43 ? 164 LYS A CA  1 
ATOM   254 C C   . LYS A 1 31 ? 2.266   10.624  -1.226  1.00 13.81 ? 164 LYS A C   1 
ATOM   255 O O   . LYS A 1 31 ? 3.131   11.510  -1.175  1.00 16.51 ? 164 LYS A O   1 
ATOM   256 C CB  . LYS A 1 31 ? 3.741   9.326   -2.832  1.00 14.21 ? 164 LYS A CB  1 
ATOM   257 C CG  . LYS A 1 31 ? 3.820   8.224   -3.870  1.00 13.28 ? 164 LYS A CG  1 
ATOM   258 C CD  . LYS A 1 31 ? 5.212   8.044   -4.421  1.00 14.03 ? 164 LYS A CD  1 
ATOM   259 C CE  . LYS A 1 31 ? 5.225   6.917   -5.440  1.00 14.82 ? 164 LYS A CE  1 
ATOM   260 N NZ  . LYS A 1 31 ? 6.554   6.722   -6.080  1.00 21.34 1 164 LYS A NZ  1 
ATOM   261 N N   . PRO A 1 32 ? 1.234   10.614  -0.379  1.00 13.26 ? 165 PRO A N   1 
ATOM   262 C CA  . PRO A 1 32 ? 1.078   11.697  0.602   1.00 12.12 ? 165 PRO A CA  1 
ATOM   263 C C   . PRO A 1 32 ? 2.139   11.702  1.688   1.00 14.45 ? 165 PRO A C   1 
ATOM   264 O O   . PRO A 1 32 ? 2.366   12.754  2.295   1.00 16.59 ? 165 PRO A O   1 
ATOM   265 C CB  . PRO A 1 32 ? -0.320  11.447  1.184   1.00 16.27 ? 165 PRO A CB  1 
ATOM   266 C CG  . PRO A 1 32 ? -0.524  9.987   1.008   1.00 16.38 ? 165 PRO A CG  1 
ATOM   267 C CD  . PRO A 1 32 ? 0.148   9.629   -0.291  1.00 15.69 ? 165 PRO A CD  1 
ATOM   268 N N   . GLU A 1 33 ? 2.781   10.569  1.968   1.00 12.36 ? 166 GLU A N   1 
ATOM   269 C CA  . GLU A 1 33 ? 3.885   10.537  2.916   1.00 8.43  ? 166 GLU A CA  1 
ATOM   270 C C   . GLU A 1 33 ? 4.828   9.414   2.509   1.00 10.30 ? 166 GLU A C   1 
ATOM   271 O O   . GLU A 1 33 ? 4.536   8.634   1.596   1.00 11.53 ? 166 GLU A O   1 
ATOM   272 C CB  . GLU A 1 33 ? 3.391   10.413  4.365   1.00 9.48  ? 166 GLU A CB  1 
ATOM   273 C CG  . GLU A 1 33 ? 2.631   9.149   4.692   1.00 11.00 ? 166 GLU A CG  1 
ATOM   274 C CD  . GLU A 1 33 ? 2.085   9.160   6.114   1.00 8.71  ? 166 GLU A CD  1 
ATOM   275 O OE1 . GLU A 1 33 ? 1.009   9.739   6.341   1.00 13.73 ? 166 GLU A OE1 1 
ATOM   276 O OE2 . GLU A 1 33 ? 2.734   8.605   7.010   1.00 11.76 1 166 GLU A OE2 1 
ATOM   277 N N   . GLU A 1 34 ? 5.965   9.330   3.210   1.00 8.01  ? 167 GLU A N   1 
ATOM   278 C CA  . GLU A 1 34 ? 7.031   8.433   2.773   1.00 8.79  ? 167 GLU A CA  1 
ATOM   279 C C   . GLU A 1 34 ? 6.627   6.965   2.854   1.00 10.47 ? 167 GLU A C   1 
ATOM   280 O O   . GLU A 1 34 ? 6.978   6.176   1.968   1.00 10.73 ? 167 GLU A O   1 
ATOM   281 C CB  . GLU A 1 34 ? 8.295   8.694   3.590   1.00 9.32  ? 167 GLU A CB  1 
ATOM   282 C CG  . GLU A 1 34 ? 9.469   7.813   3.178   1.00 10.25 ? 167 GLU A CG  1 
ATOM   283 C CD  . GLU A 1 34 ? 10.682  8.058   4.037   1.00 11.82 ? 167 GLU A CD  1 
ATOM   284 O OE1 . GLU A 1 34 ? 11.593  8.799   3.600   1.00 14.91 ? 167 GLU A OE1 1 
ATOM   285 O OE2 . GLU A 1 34 ? 10.696  7.537   5.171   1.00 12.64 1 167 GLU A OE2 1 
ATOM   286 N N   . GLN A 1 35 ? 5.903   6.565   3.904   1.00 9.24  ? 168 GLN A N   1 
ATOM   287 C CA  . GLN A 1 35 ? 5.677   5.149   4.167   1.00 8.30  ? 168 GLN A CA  1 
ATOM   288 C C   . GLN A 1 35 ? 4.245   4.699   3.918   1.00 7.27  ? 168 GLN A C   1 
ATOM   289 O O   . GLN A 1 35 ? 3.931   3.513   4.106   1.00 8.22  ? 168 GLN A O   1 
ATOM   290 C CB  . GLN A 1 35 ? 6.118   4.784   5.592   1.00 8.88  ? 168 GLN A CB  1 
ATOM   291 C CG  . GLN A 1 35 ? 7.580   5.069   5.905   1.00 11.45 ? 168 GLN A CG  1 
ATOM   292 C CD  . GLN A 1 35 ? 8.551   4.272   5.055   1.00 11.06 ? 168 GLN A CD  1 
ATOM   293 O OE1 . GLN A 1 35 ? 8.198   3.209   4.526   1.00 11.29 ? 168 GLN A OE1 1 
ATOM   294 N NE2 . GLN A 1 35 ? 9.781   4.767   4.924   1.00 10.68 ? 168 GLN A NE2 1 
ATOM   295 N N   . TRP A 1 36 ? 3.367   5.605   3.509   1.00 7.78  ? 169 TRP A N   1 
ATOM   296 C CA  . TRP A 1 36 ? 1.980   5.283   3.212   1.00 7.35  ? 169 TRP A CA  1 
ATOM   297 C C   . TRP A 1 36 ? 1.618   5.962   1.906   1.00 11.08 ? 169 TRP A C   1 
ATOM   298 O O   . TRP A 1 36 ? 1.720   7.190   1.795   1.00 10.08 ? 169 TRP A O   1 
ATOM   299 C CB  . TRP A 1 36 ? 1.048   5.762   4.333   1.00 8.68  ? 169 TRP A CB  1 
ATOM   300 C CG  . TRP A 1 36 ? 1.165   4.929   5.585   1.00 6.09  ? 169 TRP A CG  1 
ATOM   301 C CD1 . TRP A 1 36 ? 1.978   5.161   6.664   1.00 8.04  ? 169 TRP A CD1 1 
ATOM   302 C CD2 . TRP A 1 36 ? 0.459   3.719   5.864   1.00 6.24  ? 169 TRP A CD2 1 
ATOM   303 N NE1 . TRP A 1 36 ? 1.801   4.176   7.605   1.00 9.34  ? 169 TRP A NE1 1 
ATOM   304 C CE2 . TRP A 1 36 ? 0.878   3.276   7.133   1.00 8.39  ? 169 TRP A CE2 1 
ATOM   305 C CE3 . TRP A 1 36 ? -0.499  2.967   5.166   1.00 7.55  ? 169 TRP A CE3 1 
ATOM   306 C CZ2 . TRP A 1 36 ? 0.371   2.117   7.720   1.00 9.19  ? 169 TRP A CZ2 1 
ATOM   307 C CZ3 . TRP A 1 36 ? -1.007  1.817   5.757   1.00 7.44  ? 169 TRP A CZ3 1 
ATOM   308 C CH2 . TRP A 1 36 ? -0.566  1.400   7.017   1.00 7.44  ? 169 TRP A CH2 1 
ATOM   309 N N   . TRP A 1 37 ? 1.217   5.170   0.915   1.00 10.00 ? 170 TRP A N   1 
ATOM   310 C CA  . TRP A 1 37 ? 0.830   5.708   -0.379  1.00 7.07  ? 170 TRP A CA  1 
ATOM   311 C C   . TRP A 1 37 ? -0.643  5.442   -0.640  1.00 9.16  ? 170 TRP A C   1 
ATOM   312 O O   . TRP A 1 37 ? -1.228  4.503   -0.090  1.00 10.12 ? 170 TRP A O   1 
ATOM   313 C CB  . TRP A 1 37 ? 1.662   5.105   -1.500  1.00 8.45  ? 170 TRP A CB  1 
ATOM   314 C CG  . TRP A 1 37 ? 3.111   5.468   -1.451  1.00 10.42 ? 170 TRP A CG  1 
ATOM   315 C CD1 . TRP A 1 37 ? 3.700   6.409   -0.655  1.00 8.85  ? 170 TRP A CD1 1 
ATOM   316 C CD2 . TRP A 1 37 ? 4.154   4.895   -2.242  1.00 11.58 ? 170 TRP A CD2 1 
ATOM   317 N NE1 . TRP A 1 37 ? 5.057   6.457   -0.904  1.00 11.16 ? 170 TRP A NE1 1 
ATOM   318 C CE2 . TRP A 1 37 ? 5.361   5.534   -1.871  1.00 11.40 ? 170 TRP A CE2 1 
ATOM   319 C CE3 . TRP A 1 37 ? 4.188   3.897   -3.224  1.00 12.75 ? 170 TRP A CE3 1 
ATOM   320 C CZ2 . TRP A 1 37 ? 6.585   5.214   -2.455  1.00 13.69 ? 170 TRP A CZ2 1 
ATOM   321 C CZ3 . TRP A 1 37 ? 5.405   3.576   -3.798  1.00 13.31 ? 170 TRP A CZ3 1 
ATOM   322 C CH2 . TRP A 1 37 ? 6.589   4.236   -3.414  1.00 13.60 ? 170 TRP A CH2 1 
ATOM   323 N N   A ASN A 1 38 ? -1.243  6.270   -1.492  0.50 10.81 ? 171 ASN A N   1 
ATOM   324 N N   B ASN A 1 38 ? -1.234  6.296   -1.474  0.50 10.48 ? 171 ASN A N   1 
ATOM   325 C CA  A ASN A 1 38 ? -2.624  6.058   -1.909  0.50 9.42  ? 171 ASN A CA  1 
ATOM   326 C CA  B ASN A 1 38 ? -2.591  6.093   -1.968  0.50 9.80  ? 171 ASN A CA  1 
ATOM   327 C C   A ASN A 1 38 ? -2.641  5.228   -3.188  0.50 9.55  ? 171 ASN A C   1 
ATOM   328 C C   B ASN A 1 38 ? -2.533  5.169   -3.177  0.50 9.11  ? 171 ASN A C   1 
ATOM   329 O O   A ASN A 1 38 ? -2.133  5.662   -4.228  0.50 11.33 ? 171 ASN A O   1 
ATOM   330 O O   B ASN A 1 38 ? -1.859  5.479   -4.164  0.50 10.79 ? 171 ASN A O   1 
ATOM   331 C CB  A ASN A 1 38 ? -3.351  7.382   -2.122  0.50 11.61 ? 171 ASN A CB  1 
ATOM   332 C CB  B ASN A 1 38 ? -3.190  7.433   -2.387  0.50 12.59 ? 171 ASN A CB  1 
ATOM   333 C CG  A ASN A 1 38 ? -4.805  7.189   -2.521  0.50 15.79 ? 171 ASN A CG  1 
ATOM   334 C CG  B ASN A 1 38 ? -3.677  8.250   -1.214  0.50 16.25 ? 171 ASN A CG  1 
ATOM   335 O OD1 A ASN A 1 38 ? -5.593  6.613   -1.774  0.50 21.33 ? 171 ASN A OD1 1 
ATOM   336 O OD1 B ASN A 1 38 ? -4.371  7.737   -0.343  0.50 20.95 ? 171 ASN A OD1 1 
ATOM   337 N ND2 A ASN A 1 38 ? -5.166  7.679   -3.700  0.50 23.94 ? 171 ASN A ND2 1 
ATOM   338 N ND2 B ASN A 1 38 ? -3.328  9.527   -1.191  0.50 19.01 ? 171 ASN A ND2 1 
ATOM   339 N N   . ALA A 1 39 ? -3.241  4.049   -3.113  1.00 11.68 ? 172 ALA A N   1 
ATOM   340 C CA  . ALA A 1 39 ? -3.194  3.059   -4.181  1.00 12.16 ? 172 ALA A CA  1 
ATOM   341 C C   . ALA A 1 39 ? -4.596  2.671   -4.630  1.00 9.58  ? 172 ALA A C   1 
ATOM   342 O O   . ALA A 1 39 ? -5.599  3.055   -4.023  1.00 10.67 ? 172 ALA A O   1 
ATOM   343 C CB  . ALA A 1 39 ? -2.406  1.818   -3.750  1.00 12.15 ? 172 ALA A CB  1 
ATOM   344 N N   . GLU A 1 40 ? -4.649  1.913   -5.726  1.00 9.08  ? 173 GLU A N   1 
ATOM   345 C CA  . GLU A 1 40 ? -5.901  1.449   -6.308  1.00 11.18 ? 173 GLU A CA  1 
ATOM   346 C C   . GLU A 1 40 ? -5.735  0.001   -6.733  1.00 10.17 ? 173 GLU A C   1 
ATOM   347 O O   . GLU A 1 40 ? -4.711  -0.363  -7.331  1.00 10.74 ? 173 GLU A O   1 
ATOM   348 C CB  . GLU A 1 40 ? -6.312  2.298   -7.517  1.00 15.73 ? 173 GLU A CB  1 
ATOM   349 C CG  . GLU A 1 40 ? -7.549  1.799   -8.256  1.00 13.32 ? 173 GLU A CG  1 
ATOM   350 C CD  . GLU A 1 40 ? -8.238  2.885   -9.063  1.00 18.21 ? 173 GLU A CD  1 
ATOM   351 O OE1 . GLU A 1 40 ? -7.997  4.079   -8.777  1.00 21.36 ? 173 GLU A OE1 1 
ATOM   352 O OE2 . GLU A 1 40 ? -9.028  2.543   -9.968  1.00 24.14 1 173 GLU A OE2 1 
ATOM   353 N N   . ASP A 1 41 ? -6.729  -0.826  -6.408  1.00 7.56  ? 174 ASP A N   1 
ATOM   354 C CA  . ASP A 1 41 ? -6.658  -2.239  -6.749  1.00 8.10  ? 174 ASP A CA  1 
ATOM   355 C C   . ASP A 1 41 ? -7.347  -2.505  -8.081  1.00 9.03  ? 174 ASP A C   1 
ATOM   356 O O   . ASP A 1 41 ? -7.909  -1.605  -8.713  1.00 8.65  ? 174 ASP A O   1 
ATOM   357 C CB  . ASP A 1 41 ? -7.110  -3.143  -5.589  1.00 9.88  ? 174 ASP A CB  1 
ATOM   358 C CG  . ASP A 1 41 ? -8.609  -3.116  -5.334  1.00 9.62  ? 174 ASP A CG  1 
ATOM   359 O OD1 . ASP A 1 41 ? -9.376  -2.615  -6.187  1.00 9.03  ? 174 ASP A OD1 1 
ATOM   360 O OD2 . ASP A 1 41 ? -9.021  -3.622  -4.268  1.00 10.39 1 174 ASP A OD2 1 
ATOM   361 N N   . SER A 1 42 ? -7.299  -3.764  -8.509  1.00 8.45  ? 175 SER A N   1 
ATOM   362 C CA  . SER A 1 42 ? -7.843  -4.145  -9.805  1.00 10.10 ? 175 SER A CA  1 
ATOM   363 C C   . SER A 1 42 ? -9.359  -4.010  -9.854  1.00 14.97 ? 175 SER A C   1 
ATOM   364 O O   . SER A 1 42 ? -9.933  -3.977  -10.949 1.00 19.12 ? 175 SER A O   1 
ATOM   365 C CB  . SER A 1 42 ? -7.435  -5.575  -10.173 1.00 11.77 ? 175 SER A CB  1 
ATOM   366 O OG  . SER A 1 42 ? -8.031  -6.506  -9.289  1.00 13.12 ? 175 SER A OG  1 
ATOM   367 N N   . GLU A 1 43 ? -10.020 -3.961  -8.702  1.00 13.64 ? 176 GLU A N   1 
ATOM   368 C CA  . GLU A 1 43 ? -11.456 -3.748  -8.633  1.00 15.24 ? 176 GLU A CA  1 
ATOM   369 C C   . GLU A 1 43 ? -11.830 -2.276  -8.581  1.00 14.01 ? 176 GLU A C   1 
ATOM   370 O O   . GLU A 1 43 ? -13.013 -1.960  -8.460  1.00 17.53 ? 176 GLU A O   1 
ATOM   371 C CB  . GLU A 1 43 ? -12.055 -4.475  -7.423  1.00 16.25 ? 176 GLU A CB  1 
ATOM   372 C CG  . GLU A 1 43 ? -12.182 -5.979  -7.583  1.00 31.14 ? 176 GLU A CG  1 
ATOM   373 C CD  . GLU A 1 43 ? -11.064 -6.734  -6.896  1.00 42.83 ? 176 GLU A CD  1 
ATOM   374 O OE1 . GLU A 1 43 ? -9.933  -6.207  -6.845  1.00 48.68 ? 176 GLU A OE1 1 
ATOM   375 O OE2 . GLU A 1 43 ? -11.317 -7.851  -6.396  1.00 43.41 1 176 GLU A OE2 1 
ATOM   376 N N   . GLY A 1 44 ? -10.861 -1.371  -8.678  1.00 13.39 ? 177 GLY A N   1 
ATOM   377 C CA  . GLY A 1 44 ? -11.136 0.051   -8.604  1.00 14.56 ? 177 GLY A CA  1 
ATOM   378 C C   . GLY A 1 44 ? -11.319 0.598   -7.210  1.00 14.00 ? 177 GLY A C   1 
ATOM   379 O O   . GLY A 1 44 ? -11.808 1.725   -7.064  1.00 17.25 ? 177 GLY A O   1 
ATOM   380 N N   . LYS A 1 45 ? -10.989 -0.167  -6.180  1.00 11.12 ? 178 LYS A N   1 
ATOM   381 C CA  . LYS A 1 45 ? -11.026 0.339   -4.821  1.00 12.66 ? 178 LYS A CA  1 
ATOM   382 C C   . LYS A 1 45 ? -9.719  1.049   -4.493  1.00 12.75 ? 178 LYS A C   1 
ATOM   383 O O   . LYS A 1 45 ? -8.660  0.705   -5.020  1.00 11.34 ? 178 LYS A O   1 
ATOM   384 C CB  . LYS A 1 45 ? -11.300 -0.796  -3.833  1.00 11.60 ? 178 LYS A CB  1 
ATOM   385 C CG  . LYS A 1 45 ? -12.582 -1.578  -4.127  1.00 14.18 ? 178 LYS A CG  1 
ATOM   386 C CD  . LYS A 1 45 ? -13.790 -0.657  -4.180  1.00 19.08 ? 178 LYS A CD  1 
ATOM   387 C CE  . LYS A 1 45 ? -15.052 -1.398  -4.597  1.00 24.00 ? 178 LYS A CE  1 
ATOM   388 N NZ  . LYS A 1 45 ? -16.214 -0.474  -4.665  1.00 25.72 1 178 LYS A NZ  1 
ATOM   389 N N   . ARG A 1 46 ? -9.800  2.046   -3.608  1.00 11.96 ? 179 ARG A N   1 
ATOM   390 C CA  . ARG A 1 46 ? -8.681  2.936   -3.322  1.00 11.06 ? 179 ARG A CA  1 
ATOM   391 C C   . ARG A 1 46 ? -8.430  3.003   -1.827  1.00 10.46 ? 179 ARG A C   1 
ATOM   392 O O   . ARG A 1 46 ? -9.352  2.859   -1.019  1.00 10.92 ? 179 ARG A O   1 
ATOM   393 C CB  . ARG A 1 46 ? -8.972  4.361   -3.811  1.00 12.32 ? 179 ARG A CB  1 
ATOM   394 C CG  . ARG A 1 46 ? -9.181  4.471   -5.307  1.00 13.68 ? 179 ARG A CG  1 
ATOM   395 C CD  . ARG A 1 46 ? -9.400  5.923   -5.699  1.00 16.44 ? 179 ARG A CD  1 
ATOM   396 N NE  . ARG A 1 46 ? -9.769  6.067   -7.105  1.00 18.76 ? 179 ARG A NE  1 
ATOM   397 C CZ  . ARG A 1 46 ? -10.080 7.225   -7.676  1.00 25.63 ? 179 ARG A CZ  1 
ATOM   398 N NH1 . ARG A 1 46 ? -10.052 8.344   -6.964  1.00 26.50 1 179 ARG A NH1 1 
ATOM   399 N NH2 . ARG A 1 46 ? -10.412 7.265   -8.958  1.00 27.28 ? 179 ARG A NH2 1 
ATOM   400 N N   . GLY A 1 47 ? -7.187  3.275   -1.455  1.00 10.31 ? 180 GLY A N   1 
ATOM   401 C CA  . GLY A 1 47 ? -6.884  3.450   -0.052  1.00 9.45  ? 180 GLY A CA  1 
ATOM   402 C C   . GLY A 1 47 ? -5.394  3.436   0.209   1.00 8.67  ? 180 GLY A C   1 
ATOM   403 O O   . GLY A 1 47 ? -4.574  3.299   -0.700  1.00 10.31 ? 180 GLY A O   1 
ATOM   404 N N   . MET A 1 48 ? -5.072  3.565   1.488   1.00 8.66  ? 181 MET A N   1 
ATOM   405 C CA  . MET A 1 48 ? -3.697  3.683   1.946   1.00 8.44  ? 181 MET A CA  1 
ATOM   406 C C   . MET A 1 48 ? -3.043  2.316   2.074   1.00 8.84  ? 181 MET A C   1 
ATOM   407 O O   . MET A 1 48 ? -3.653  1.356   2.555   1.00 8.72  ? 181 MET A O   1 
ATOM   408 C CB  . MET A 1 48 ? -3.682  4.378   3.302   1.00 13.59 ? 181 MET A CB  1 
ATOM   409 C CG  . MET A 1 48 ? -4.352  5.731   3.258   1.00 11.97 ? 181 MET A CG  1 
ATOM   410 S SD  . MET A 1 48 ? -3.459  6.817   2.144   1.00 25.50 ? 181 MET A SD  1 
ATOM   411 C CE  . MET A 1 48 ? -2.026  7.122   3.167   1.00 24.26 ? 181 MET A CE  1 
ATOM   412 N N   . ILE A 1 49 ? -1.787  2.239   1.644   1.00 8.01  ? 182 ILE A N   1 
ATOM   413 C CA  . ILE A 1 49 ? -1.026  0.992   1.680   1.00 7.60  ? 182 ILE A CA  1 
ATOM   414 C C   . ILE A 1 49 ? 0.330   1.255   2.321   1.00 9.09  ? 182 ILE A C   1 
ATOM   415 O O   . ILE A 1 49 ? 0.936   2.311   2.090   1.00 7.26  ? 182 ILE A O   1 
ATOM   416 C CB  . ILE A 1 49 ? -0.872  0.368   0.285   1.00 6.66  ? 182 ILE A CB  1 
ATOM   417 C CG1 . ILE A 1 49 ? -0.099  1.284   -0.669  1.00 8.81  ? 182 ILE A CG1 1 
ATOM   418 C CG2 . ILE A 1 49 ? -2.227  0.000   -0.307  1.00 9.46  ? 182 ILE A CG2 1 
ATOM   419 C CD1 . ILE A 1 49 ? 0.398   0.548   -1.889  1.00 10.01 ? 182 ILE A CD1 1 
ATOM   420 N N   . PRO A 1 50 ? 0.847   0.313   3.112   1.00 9.56  ? 183 PRO A N   1 
ATOM   421 C CA  . PRO A 1 50 ? 2.163   0.486   3.744   1.00 9.17  ? 183 PRO A CA  1 
ATOM   422 C C   . PRO A 1 50 ? 3.282   0.175   2.762   1.00 7.08  ? 183 PRO A C   1 
ATOM   423 O O   . PRO A 1 50 ? 3.410   -0.951  2.264   1.00 8.65  ? 183 PRO A O   1 
ATOM   424 C CB  . PRO A 1 50 ? 2.131   -0.516  4.903   1.00 7.85  ? 183 PRO A CB  1 
ATOM   425 C CG  . PRO A 1 50 ? 1.181   -1.589  4.423   1.00 7.98  ? 183 PRO A CG  1 
ATOM   426 C CD  . PRO A 1 50 ? 0.143   -0.891  3.586   1.00 7.60  ? 183 PRO A CD  1 
ATOM   427 N N   . VAL A 1 51 ? 4.095   1.194   2.493   1.00 8.79  ? 184 VAL A N   1 
ATOM   428 C CA  . VAL A 1 51 ? 5.182   1.054   1.518   1.00 9.97  ? 184 VAL A CA  1 
ATOM   429 C C   . VAL A 1 51 ? 6.155   -0.073  1.837   1.00 9.48  ? 184 VAL A C   1 
ATOM   430 O O   . VAL A 1 51 ? 6.601   -0.753  0.901   1.00 8.22  ? 184 VAL A O   1 
ATOM   431 C CB  . VAL A 1 51 ? 5.851   2.410   1.268   1.00 8.90  ? 184 VAL A CB  1 
ATOM   432 C CG1 . VAL A 1 51 ? 6.975   2.263   0.263   1.00 12.01 ? 184 VAL A CG1 1 
ATOM   433 C CG2 . VAL A 1 51 ? 4.841   3.440   0.780   1.00 10.05 ? 184 VAL A CG2 1 
ATOM   434 N N   . PRO A 1 52 ? 6.524   -0.343  3.096   1.00 8.29  ? 185 PRO A N   1 
ATOM   435 C CA  . PRO A 1 52 ? 7.431   -1.476  3.357   1.00 8.74  ? 185 PRO A CA  1 
ATOM   436 C C   . PRO A 1 52 ? 6.868   -2.826  2.943   1.00 8.19  ? 185 PRO A C   1 
ATOM   437 O O   . PRO A 1 52 ? 7.631   -3.795  2.872   1.00 9.38  ? 185 PRO A O   1 
ATOM   438 C CB  . PRO A 1 52 ? 7.662   -1.398  4.869   1.00 10.87 ? 185 PRO A CB  1 
ATOM   439 C CG  . PRO A 1 52 ? 7.388   0.030   5.215   1.00 10.20 ? 185 PRO A CG  1 
ATOM   440 C CD  . PRO A 1 52 ? 6.255   0.412   4.335   1.00 9.07  ? 185 PRO A CD  1 
ATOM   441 N N   . TYR A 1 53 ? 5.567   -2.921  2.680   1.00 8.81  ? 186 TYR A N   1 
ATOM   442 C CA  . TYR A 1 53 ? 4.971   -4.187  2.290   1.00 7.33  ? 186 TYR A CA  1 
ATOM   443 C C   . TYR A 1 53 ? 4.934   -4.390  0.791   1.00 9.71  ? 186 TYR A C   1 
ATOM   444 O O   . TYR A 1 53 ? 4.379   -5.395  0.347   1.00 8.73  ? 186 TYR A O   1 
ATOM   445 C CB  . TYR A 1 53 ? 3.539   -4.310  2.810   1.00 10.17 ? 186 TYR A CB  1 
ATOM   446 C CG  . TYR A 1 53 ? 3.373   -4.694  4.261   1.00 14.10 ? 186 TYR A CG  1 
ATOM   447 C CD1 . TYR A 1 53 ? 4.336   -4.392  5.212   1.00 12.59 ? 186 TYR A CD1 1 
ATOM   448 C CD2 . TYR A 1 53 ? 2.236   -5.369  4.672   1.00 13.67 ? 186 TYR A CD2 1 
ATOM   449 C CE1 . TYR A 1 53 ? 4.156   -4.741  6.549   1.00 16.62 ? 186 TYR A CE1 1 
ATOM   450 C CE2 . TYR A 1 53 ? 2.050   -5.738  5.995   1.00 14.85 ? 186 TYR A CE2 1 
ATOM   451 C CZ  . TYR A 1 53 ? 3.006   -5.415  6.927   1.00 18.12 ? 186 TYR A CZ  1 
ATOM   452 O OH  . TYR A 1 53 ? 2.812   -5.782  8.242   1.00 27.09 ? 186 TYR A OH  1 
ATOM   453 N N   . VAL A 1 54 ? 5.489   -3.479  -0.008  1.00 6.99  ? 187 VAL A N   1 
ATOM   454 C CA  . VAL A 1 54 ? 5.400   -3.619  -1.455  1.00 9.24  ? 187 VAL A CA  1 
ATOM   455 C C   . VAL A 1 54 ? 6.774   -3.460  -2.099  1.00 8.16  ? 187 VAL A C   1 
ATOM   456 O O   . VAL A 1 54 ? 7.730   -2.972  -1.487  1.00 7.66  ? 187 VAL A O   1 
ATOM   457 C CB  . VAL A 1 54 ? 4.372   -2.649  -2.083  1.00 7.35  ? 187 VAL A CB  1 
ATOM   458 C CG1 . VAL A 1 54 ? 3.001   -2.793  -1.409  1.00 9.62  ? 187 VAL A CG1 1 
ATOM   459 C CG2 . VAL A 1 54 ? 4.880   -1.206  -2.032  1.00 8.41  ? 187 VAL A CG2 1 
ATOM   460 N N   . GLU A 1 55 ? 6.866   -3.919  -3.350  1.00 8.03  ? 188 GLU A N   1 
ATOM   461 C CA  . GLU A 1 55 ? 8.064   -3.796  -4.172  1.00 7.89  ? 188 GLU A CA  1 
ATOM   462 C C   . GLU A 1 55 ? 7.665   -3.137  -5.486  1.00 7.54  ? 188 GLU A C   1 
ATOM   463 O O   . GLU A 1 55 ? 6.555   -3.355  -5.974  1.00 9.88  ? 188 GLU A O   1 
ATOM   464 C CB  . GLU A 1 55 ? 8.647   -5.205  -4.477  1.00 9.40  ? 188 GLU A CB  1 
ATOM   465 C CG  . GLU A 1 55 ? 10.103  -5.207  -4.902  1.00 11.01 ? 188 GLU A CG  1 
ATOM   466 C CD  . GLU A 1 55 ? 11.029  -5.020  -3.720  1.00 10.54 ? 188 GLU A CD  1 
ATOM   467 O OE1 . GLU A 1 55 ? 11.434  -6.034  -3.096  1.00 12.19 ? 188 GLU A OE1 1 
ATOM   468 O OE2 . GLU A 1 55 ? 11.320  -3.862  -3.383  1.00 10.37 1 188 GLU A OE2 1 
ATOM   469 N N   . LYS A 1 56 ? 8.579   -2.368  -6.084  1.00 8.35  ? 189 LYS A N   1 
ATOM   470 C CA  . LYS A 1 56 ? 8.301   -1.837  -7.417  1.00 7.14  ? 189 LYS A CA  1 
ATOM   471 C C   . LYS A 1 56 ? 7.975   -2.987  -8.360  1.00 7.58  ? 189 LYS A C   1 
ATOM   472 O O   . LYS A 1 56 ? 8.597   -4.051  -8.297  1.00 8.98  ? 189 LYS A O   1 
ATOM   473 C CB  . LYS A 1 56 ? 9.513   -1.090  -7.968  1.00 10.41 ? 189 LYS A CB  1 
ATOM   474 C CG  . LYS A 1 56 ? 9.867   0.205   -7.239  1.00 9.04  ? 189 LYS A CG  1 
ATOM   475 C CD  . LYS A 1 56 ? 11.073  0.871   -7.902  1.00 10.50 ? 189 LYS A CD  1 
ATOM   476 C CE  . LYS A 1 56 ? 11.442  2.200   -7.250  1.00 11.57 ? 189 LYS A CE  1 
ATOM   477 N NZ  . LYS A 1 56 ? 12.572  2.830   -7.990  1.00 13.79 1 189 LYS A NZ  1 
ATOM   478 N N   . TYR A 1 57 ? 6.988   -2.784  -9.232  1.00 9.45  ? 190 TYR A N   1 
ATOM   479 C CA  . TYR A 1 57 ? 6.592   -3.804  -10.198 1.00 7.77  ? 190 TYR A CA  1 
ATOM   480 C C   . TYR A 1 57 ? 6.612   -3.177  -11.581 1.00 8.17  ? 190 TYR A C   1 
ATOM   481 O O   . TYR A 1 57 ? 5.923   -2.180  -11.818 1.00 10.14 ? 190 TYR A O   1 
ATOM   482 C CB  . TYR A 1 57 ? 5.200   -4.362  -9.874  1.00 7.21  ? 190 TYR A CB  1 
ATOM   483 C CG  . TYR A 1 57 ? 4.688   -5.331  -10.923 1.00 7.63  ? 190 TYR A CG  1 
ATOM   484 C CD1 . TYR A 1 57 ? 5.110   -6.649  -10.947 1.00 8.31  ? 190 TYR A CD1 1 
ATOM   485 C CD2 . TYR A 1 57 ? 3.781   -4.915  -11.891 1.00 8.22  ? 190 TYR A CD2 1 
ATOM   486 C CE1 . TYR A 1 57 ? 4.649   -7.523  -11.903 1.00 9.47  ? 190 TYR A CE1 1 
ATOM   487 C CE2 . TYR A 1 57 ? 3.307   -5.784  -12.843 1.00 9.05  ? 190 TYR A CE2 1 
ATOM   488 C CZ  . TYR A 1 57 ? 3.745   -7.084  -12.851 1.00 9.29  ? 190 TYR A CZ  1 
ATOM   489 O OH  . TYR A 1 57 ? 3.264   -7.934  -13.814 1.00 10.80 ? 190 TYR A OH  1 
ATOM   490 N N   . ARG A 1 58 ? 7.374   -3.776  -12.488 1.00 8.77  ? 191 ARG A N   1 
ATOM   491 C CA  . ARG A 1 58 ? 7.593   -3.194  -13.804 1.00 10.10 ? 191 ARG A CA  1 
ATOM   492 C C   . ARG A 1 58 ? 7.623   -4.249  -14.906 1.00 10.88 ? 191 ARG A C   1 
ATOM   493 O O   . ARG A 1 58 ? 7.387   -3.924  -16.078 1.00 11.60 ? 191 ARG A O   1 
ATOM   494 C CB  . ARG A 1 58 ? 8.906   -2.401  -13.824 1.00 10.39 ? 191 ARG A CB  1 
ATOM   495 C CG  . ARG A 1 58 ? 9.125   -1.597  -15.088 1.00 12.46 ? 191 ARG A CG  1 
ATOM   496 C CD  . ARG A 1 58 ? 7.967   -0.624  -15.263 1.00 12.19 ? 191 ARG A CD  1 
ATOM   497 N NE  . ARG A 1 58 ? 8.008   0.122   -16.518 1.00 14.48 ? 191 ARG A NE  1 
ATOM   498 C CZ  . ARG A 1 58 ? 7.450   -0.302  -17.640 1.00 14.75 ? 191 ARG A CZ  1 
ATOM   499 N NH1 . ARG A 1 58 ? 6.848   -1.485  -17.668 1.00 14.04 1 191 ARG A NH1 1 
ATOM   500 N NH2 . ARG A 1 58 ? 7.493   0.448   -18.731 1.00 18.47 ? 191 ARG A NH2 1 
HETATM 501 C C   . ACE B 2 1  ? 15.489  -12.168 5.934   1.00 19.96 ? -1  ACE M C   1 
HETATM 502 O O   . ACE B 2 1  ? 15.694  -11.667 7.033   1.00 24.47 ? -1  ACE M O   1 
HETATM 503 C CH3 . ACE B 2 1  ? 15.888  -13.578 5.617   1.00 19.20 ? -1  ACE M CH3 1 
ATOM   504 N N   . TYR B 2 2  ? 14.909  -11.491 4.950   1.00 17.00 ? 0   TYR M N   1 
ATOM   505 C CA  . TYR B 2 2  ? 14.466  -10.115 5.136   1.00 19.11 ? 0   TYR M CA  1 
ATOM   506 C C   . TYR B 2 2  ? 13.348  -10.055 6.169   1.00 15.68 ? 0   TYR M C   1 
ATOM   507 O O   . TYR B 2 2  ? 13.312  -9.157  7.002   1.00 14.39 ? 0   TYR M O   1 
ATOM   508 C CB  . TYR B 2 2  ? 13.982  -9.543  3.806   1.00 11.67 ? 0   TYR M CB  1 
ATOM   509 C CG  . TYR B 2 2  ? 13.511  -8.111  3.859   1.00 11.17 ? 0   TYR M CG  1 
ATOM   510 C CD1 . TYR B 2 2  ? 14.404  -7.074  4.076   1.00 11.44 ? 0   TYR M CD1 1 
ATOM   511 C CD2 . TYR B 2 2  ? 12.182  -7.798  3.646   1.00 10.58 ? 0   TYR M CD2 1 
ATOM   512 C CE1 . TYR B 2 2  ? 13.965  -5.752  4.093   1.00 11.07 ? 0   TYR M CE1 1 
ATOM   513 C CE2 . TYR B 2 2  ? 11.733  -6.490  3.669   1.00 10.22 ? 0   TYR M CE2 1 
ATOM   514 C CZ  . TYR B 2 2  ? 12.628  -5.475  3.886   1.00 10.43 ? 0   TYR M CZ  1 
ATOM   515 O OH  . TYR B 2 2  ? 12.178  -4.171  3.899   1.00 10.16 ? 0   TYR M OH  1 
ATOM   516 N N   . GLY B 2 3  ? 12.438  -11.023 6.107   1.00 16.75 ? 1   GLY M N   1 
ATOM   517 C CA  . GLY B 2 3  ? 11.376  -11.097 7.072   1.00 14.42 ? 1   GLY M CA  1 
ATOM   518 C C   . GLY B 2 3  ? 10.242  -10.158 6.727   1.00 18.26 ? 1   GLY M C   1 
ATOM   519 O O   . GLY B 2 3  ? 10.142  -9.625  5.620   1.00 18.55 ? 1   GLY M O   1 
ATOM   520 N N   . ARG B 2 4  ? 9.367   -9.963  7.704   1.00 12.98 ? 2   ARG M N   1 
ATOM   521 C CA  . ARG B 2 4  ? 8.212   -9.093  7.544   1.00 15.38 ? 2   ARG M CA  1 
ATOM   522 C C   . ARG B 2 4  ? 8.426   -7.857  8.401   1.00 16.27 ? 2   ARG M C   1 
ATOM   523 O O   . ARG B 2 4  ? 8.355   -7.952  9.637   1.00 17.43 ? 2   ARG M O   1 
ATOM   524 C CB  . ARG B 2 4  ? 6.940   -9.816  7.973   1.00 19.47 ? 2   ARG M CB  1 
ATOM   525 C CG  . ARG B 2 4  ? 5.671   -9.005  7.736   1.00 20.86 ? 2   ARG M CG  1 
ATOM   526 C CD  . ARG B 2 4  ? 4.429   -9.861  7.918   1.00 34.44 ? 2   ARG M CD  1 
ATOM   527 N NE  . ARG B 2 4  ? 3.210   -9.060  7.920   1.00 45.41 ? 2   ARG M NE  1 
ATOM   528 C CZ  . ARG B 2 4  ? 2.030   -9.486  7.479   1.00 51.81 ? 2   ARG M CZ  1 
ATOM   529 N NH1 . ARG B 2 4  ? 1.903   -10.712 6.980   1.00 49.21 1 2   ARG M NH1 1 
ATOM   530 N NH2 . ARG B 2 4  ? 0.975   -8.681  7.524   1.00 57.16 ? 2   ARG M NH2 1 
ATOM   531 N N   . PRO B 2 5  ? 8.696   -6.695  7.807   1.00 11.70 ? 3   PRO M N   1 
ATOM   532 C CA  . PRO B 2 5  ? 8.949   -5.507  8.617   1.00 13.86 ? 3   PRO M CA  1 
ATOM   533 C C   . PRO B 2 5  ? 7.683   -5.057  9.324   1.00 12.54 ? 3   PRO M C   1 
ATOM   534 O O   . PRO B 2 5  ? 6.565   -5.324  8.854   1.00 15.13 ? 3   PRO M O   1 
ATOM   535 C CB  . PRO B 2 5  ? 9.406   -4.464  7.583   1.00 14.75 ? 3   PRO M CB  1 
ATOM   536 C CG  . PRO B 2 5  ? 8.899   -4.955  6.278   1.00 20.18 ? 3   PRO M CG  1 
ATOM   537 C CD  . PRO B 2 5  ? 8.873   -6.446  6.365   1.00 17.17 ? 3   PRO M CD  1 
ATOM   538 N N   . PRO B 2 6  ? 7.806   -4.371  10.456  1.00 14.52 ? 4   PRO M N   1 
ATOM   539 C CA  . PRO B 2 6  ? 6.606   -3.885  11.143  1.00 17.58 ? 4   PRO M CA  1 
ATOM   540 C C   . PRO B 2 6  ? 5.900   -2.824  10.313  1.00 12.21 ? 4   PRO M C   1 
ATOM   541 O O   . PRO B 2 6  ? 6.484   -2.193  9.429   1.00 14.37 ? 4   PRO M O   1 
ATOM   542 C CB  . PRO B 2 6  ? 7.138   -3.309  12.465  1.00 20.12 ? 4   PRO M CB  1 
ATOM   543 C CG  . PRO B 2 6  ? 8.604   -3.122  12.255  1.00 13.78 ? 4   PRO M CG  1 
ATOM   544 C CD  . PRO B 2 6  ? 9.047   -4.099  11.203  1.00 15.40 ? 4   PRO M CD  1 
ATOM   545 N N   . LEU B 2 7  ? 4.609   -2.673  10.581  1.00 12.82 ? 5   LEU M N   1 
ATOM   546 C CA  . LEU B 2 7  ? 3.818   -1.663  9.890   1.00 12.99 ? 5   LEU M CA  1 
ATOM   547 C C   . LEU B 2 7  ? 4.335   -0.275  10.242  1.00 11.77 ? 5   LEU M C   1 
ATOM   548 O O   . LEU B 2 7  ? 4.570   0.017   11.423  1.00 12.77 ? 5   LEU M O   1 
ATOM   549 C CB  . LEU B 2 7  ? 2.348   -1.754  10.304  1.00 14.90 ? 5   LEU M CB  1 
ATOM   550 C CG  . LEU B 2 7  ? 1.354   -2.609  9.514   1.00 18.82 ? 5   LEU M CG  1 
ATOM   551 C CD1 . LEU B 2 7  ? -0.022  -2.473  10.136  1.00 19.35 ? 5   LEU M CD1 1 
ATOM   552 C CD2 . LEU B 2 7  ? 1.299   -2.231  8.046   1.00 13.26 ? 5   LEU M CD2 1 
ATOM   553 N N   . PRO B 2 8  ? 4.482   0.618   9.264   1.00 11.05 ? 6   PRO M N   1 
ATOM   554 C CA  . PRO B 2 8  ? 5.043   1.934   9.563   1.00 10.96 ? 6   PRO M CA  1 
ATOM   555 C C   . PRO B 2 8  ? 4.042   2.801   10.302  1.00 11.41 ? 6   PRO M C   1 
ATOM   556 O O   . PRO B 2 8  ? 2.824   2.708   10.071  1.00 11.58 ? 6   PRO M O   1 
ATOM   557 C CB  . PRO B 2 8  ? 5.344   2.511   8.168   1.00 11.00 ? 6   PRO M CB  1 
ATOM   558 C CG  . PRO B 2 8  ? 4.392   1.792   7.272   1.00 11.37 ? 6   PRO M CG  1 
ATOM   559 C CD  . PRO B 2 8  ? 4.281   0.406   7.820   1.00 10.48 ? 6   PRO M CD  1 
ATOM   560 N N   . PRO B 2 9  ? 4.509   3.672   11.194  1.00 12.79 ? 7   PRO M N   1 
ATOM   561 C CA  . PRO B 2 9  ? 3.614   4.683   11.765  1.00 12.71 ? 7   PRO M CA  1 
ATOM   562 C C   . PRO B 2 9  ? 2.991   5.532   10.666  1.00 11.68 ? 7   PRO M C   1 
ATOM   563 O O   . PRO B 2 9  ? 3.596   5.768   9.617   1.00 13.11 ? 7   PRO M O   1 
ATOM   564 C CB  . PRO B 2 9  ? 4.547   5.529   12.638  1.00 15.25 ? 7   PRO M CB  1 
ATOM   565 C CG  . PRO B 2 9  ? 5.729   4.654   12.918  1.00 17.37 ? 7   PRO M CG  1 
ATOM   566 C CD  . PRO B 2 9  ? 5.880   3.744   11.737  1.00 11.96 ? 7   PRO M CD  1 
ATOM   567 N N   . LYS B 2 10 ? 1.762   5.981   10.911  1.00 12.11 ? 8   LYS M N   1 
ATOM   568 C CA  . LYS B 2 10 ? 1.103   6.943   10.032  1.00 12.00 ? 8   LYS M CA  1 
ATOM   569 C C   . LYS B 2 10 ? 1.367   8.344   10.559  1.00 12.20 ? 8   LYS M C   1 
ATOM   570 O O   . LYS B 2 10 ? 1.106   8.629   11.729  1.00 14.69 ? 8   LYS M O   1 
ATOM   571 C CB  . LYS B 2 10 ? -0.406  6.697   9.991   1.00 12.60 ? 8   LYS M CB  1 
ATOM   572 C CG  . LYS B 2 10 ? -0.810  5.424   9.277   1.00 12.56 ? 8   LYS M CG  1 
ATOM   573 C CD  . LYS B 2 10 ? -2.318  5.294   9.231   1.00 13.45 ? 8   LYS M CD  1 
ATOM   574 C CE  . LYS B 2 10 ? -2.698  4.082   8.399   1.00 13.53 ? 8   LYS M CE  1 
ATOM   575 N NZ  . LYS B 2 10 ? -4.164  4.077   8.185   1.00 14.59 1 8   LYS M NZ  1 
ATOM   576 N N   . GLN B 2 11 ? 1.892   9.215   9.698   1.00 11.90 ? 9   GLN M N   1 
ATOM   577 C CA  . GLN B 2 11 ? 2.244   10.545  10.173  1.00 12.20 ? 9   GLN M CA  1 
ATOM   578 C C   . GLN B 2 11 ? 1.038   11.471  10.218  1.00 12.72 ? 9   GLN M C   1 
ATOM   579 O O   . GLN B 2 11 ? 1.030   12.423  11.007  1.00 14.03 ? 9   GLN M O   1 
ATOM   580 C CB  . GLN B 2 11 ? 3.347   11.145  9.305   1.00 13.24 ? 9   GLN M CB  1 
ATOM   581 C CG  . GLN B 2 11 ? 4.589   10.281  9.218   1.00 13.99 ? 9   GLN M CG  1 
ATOM   582 C CD  . GLN B 2 11 ? 5.294   10.136  10.545  1.00 17.11 ? 9   GLN M CD  1 
ATOM   583 O OE1 . GLN B 2 11 ? 5.295   11.066  11.361  1.00 22.56 ? 9   GLN M OE1 1 
ATOM   584 N NE2 . GLN B 2 11 ? 5.900   8.971   10.775  1.00 17.93 ? 9   GLN M NE2 1 
ATOM   585 N N   . LYS B 2 12 ? 0.039   11.229  9.366   1.00 12.81 ? 10  LYS M N   1 
ATOM   586 C CA  . LYS B 2 12 ? -1.240  11.949  9.397   1.00 13.53 ? 10  LYS M CA  1 
ATOM   587 C C   . LYS B 2 12 ? -1.088  13.466  9.265   1.00 17.56 ? 10  LYS M C   1 
ATOM   588 O O   . LYS B 2 12 ? -1.873  14.230  9.829   1.00 14.52 ? 10  LYS M O   1 
ATOM   589 C CB  . LYS B 2 12 ? -2.088  11.565  10.614  1.00 23.13 ? 10  LYS M CB  1 
ATOM   590 C CG  . LYS B 2 12 ? -2.434  10.089  10.639  1.00 22.85 ? 10  LYS M CG  1 
ATOM   591 C CD  . LYS B 2 12 ? -3.341  9.721   11.798  1.00 31.65 ? 10  LYS M CD  1 
ATOM   592 C CE  . LYS B 2 12 ? -3.823  8.281   11.643  1.00 35.30 ? 10  LYS M CE  1 
ATOM   593 N NZ  . LYS B 2 12 ? -4.605  7.790   12.811  1.00 46.07 1 10  LYS M NZ  1 
ATOM   594 N N   . ARG B 2 13 ? -0.098  13.939  8.518   1.00 13.60 ? 11  ARG M N   1 
ATOM   595 C CA  . ARG B 2 13 ? 0.034   15.376  8.321   1.00 14.14 ? 11  ARG M CA  1 
ATOM   596 C C   . ARG B 2 13 ? -1.010  15.886  7.337   1.00 16.62 ? 11  ARG M C   1 
ATOM   597 O O   . ARG B 2 13 ? -1.383  15.200  6.386   1.00 19.89 ? 11  ARG M O   1 
ATOM   598 C CB  . ARG B 2 13 ? 1.420   15.712  7.779   1.00 13.98 ? 11  ARG M CB  1 
ATOM   599 C CG  . ARG B 2 13 ? 2.555   15.172  8.607   1.00 18.44 ? 11  ARG M CG  1 
ATOM   600 C CD  . ARG B 2 13 ? 2.433   15.611  10.058  1.00 22.28 ? 11  ARG M CD  1 
ATOM   601 N NE  . ARG B 2 13 ? 3.601   15.190  10.831  1.00 27.57 ? 11  ARG M NE  1 
ATOM   602 C CZ  . ARG B 2 13 ? 3.683   15.212  12.158  1.00 35.01 ? 11  ARG M CZ  1 
ATOM   603 N NH1 . ARG B 2 13 ? 4.796   14.803  12.758  1.00 35.97 1 11  ARG M NH1 1 
ATOM   604 N NH2 . ARG B 2 13 ? 2.656   15.634  12.890  1.00 30.42 ? 11  ARG M NH2 1 
ATOM   605 N N   . LYS B 2 14 ? -1.465  17.119  7.559   1.00 15.58 ? 12  LYS M N   1 
ATOM   606 C CA  . LYS B 2 14 ? -2.342  17.764  6.600   1.00 16.50 ? 12  LYS M CA  1 
ATOM   607 C C   . LYS B 2 14 ? -1.530  18.054  5.348   1.00 24.34 ? 12  LYS M C   1 
ATOM   608 O O   . LYS B 2 14 ? -0.393  18.513  5.433   1.00 19.05 ? 12  LYS M O   1 
ATOM   609 C CB  . LYS B 2 14 ? -2.934  19.054  7.172   1.00 17.38 ? 12  LYS M CB  1 
ATOM   610 C CG  . LYS B 2 14 ? -4.243  19.462  6.501   1.00 23.09 ? 12  LYS M CG  1 
ATOM   611 C CD  . LYS B 2 14 ? -4.946  20.612  7.219   1.00 28.06 ? 12  LYS M CD  1 
ATOM   612 C CE  . LYS B 2 14 ? -6.415  20.722  6.786   1.00 33.29 ? 12  LYS M CE  1 
ATOM   613 N NZ  . LYS B 2 14 ? -7.224  19.509  7.149   1.00 30.86 1 12  LYS M NZ  1 
HETATM 614 N N   . NH2 B 2 15 ? -2.106  17.758  4.188   1.00 20.44 ? 13  NH2 M N   1 
HETATM 615 O O   . HOH C 3 .  ? 12.048  -3.053  -1.605  1.00 4.06  ? 401 HOH A O   1 
HETATM 616 O O   . HOH C 3 .  ? 4.271   -6.263  10.037  1.00 25.43 ? 402 HOH A O   1 
HETATM 617 O O   . HOH C 3 .  ? 2.985   7.333   -8.931  1.00 42.28 ? 403 HOH A O   1 
HETATM 618 O O   . HOH C 3 .  ? -7.991  7.141   -1.582  1.00 36.55 ? 404 HOH A O   1 
HETATM 619 O O   . HOH C 3 .  ? -1.001  9.205   7.696   1.00 27.48 ? 405 HOH A O   1 
HETATM 620 O O   . HOH C 3 .  ? -9.912  1.228   -11.935 1.00 27.64 ? 406 HOH A O   1 
HETATM 621 O O   . HOH C 3 .  ? -3.769  2.739   12.369  1.00 21.86 ? 407 HOH A O   1 
HETATM 622 O O   . HOH C 3 .  ? 1.466   13.893  4.419   1.00 28.28 ? 408 HOH A O   1 
HETATM 623 O O   . HOH C 3 .  ? -8.764  -13.596 3.475   1.00 18.39 ? 409 HOH A O   1 
HETATM 624 O O   . HOH C 3 .  ? -7.256  -5.092  -2.759  1.00 14.71 ? 410 HOH A O   1 
HETATM 625 O O   . HOH C 3 .  ? -16.346 1.286   -2.750  1.00 29.19 ? 411 HOH A O   1 
HETATM 626 O O   . HOH C 3 .  ? -11.430 -4.806  -12.913 1.00 39.44 ? 412 HOH A O   1 
HETATM 627 O O   . HOH C 3 .  ? 5.259   12.354  0.080   1.00 39.08 ? 413 HOH A O   1 
HETATM 628 O O   . HOH C 3 .  ? 11.387  -2.029  -5.253  1.00 14.16 ? 414 HOH A O   1 
HETATM 629 O O   . HOH C 3 .  ? -7.292  -5.894  10.764  1.00 15.56 ? 415 HOH A O   1 
HETATM 630 O O   . HOH C 3 .  ? -8.002  -8.020  -6.725  1.00 16.92 ? 416 HOH A O   1 
HETATM 631 O O   . HOH C 3 .  ? 11.152  -8.524  -3.976  1.00 20.33 ? 417 HOH A O   1 
HETATM 632 O O   . HOH C 3 .  ? -14.951 -3.366  -9.647  1.00 29.94 ? 418 HOH A O   1 
HETATM 633 O O   . HOH C 3 .  ? -0.713  10.849  4.619   1.00 21.47 ? 419 HOH A O   1 
HETATM 634 O O   . HOH C 3 .  ? 8.545   4.620   -6.772  1.00 34.84 ? 420 HOH A O   1 
HETATM 635 O O   . HOH C 3 .  ? 10.186  -3.333  2.197   1.00 8.91  ? 421 HOH A O   1 
HETATM 636 O O   . HOH C 3 .  ? -12.645 3.204   -9.149  1.00 27.56 ? 422 HOH A O   1 
HETATM 637 O O   . HOH C 3 .  ? 11.300  10.142  1.286   1.00 17.89 ? 423 HOH A O   1 
HETATM 638 O O   . HOH C 3 .  ? 5.271   7.940   6.396   1.00 11.07 ? 424 HOH A O   1 
HETATM 639 O O   . HOH C 3 .  ? 13.761  8.727   5.206   1.00 16.21 ? 425 HOH A O   1 
HETATM 640 O O   . HOH C 3 .  ? 8.073   -6.872  -8.383  1.00 14.85 ? 426 HOH A O   1 
HETATM 641 O O   . HOH C 3 .  ? 4.728   0.907   -15.024 1.00 16.03 ? 427 HOH A O   1 
HETATM 642 O O   . HOH C 3 .  ? 11.190  -4.737  -8.756  1.00 16.52 ? 428 HOH A O   1 
HETATM 643 O O   . HOH C 3 .  ? -2.389  -13.127 6.229   1.00 31.29 ? 429 HOH A O   1 
HETATM 644 O O   . HOH C 3 .  ? 5.592   0.470   -12.408 1.00 10.01 ? 430 HOH A O   1 
HETATM 645 O O   . HOH C 3 .  ? -5.842  -8.442  10.685  1.00 26.40 ? 431 HOH A O   1 
HETATM 646 O O   . HOH C 3 .  ? -11.091 0.894   11.364  1.00 12.87 ? 432 HOH A O   1 
HETATM 647 O O   . HOH C 3 .  ? -9.032  -7.404  5.795   1.00 17.21 ? 433 HOH A O   1 
HETATM 648 O O   . HOH C 3 .  ? -0.706  -10.593 -9.247  1.00 18.25 ? 434 HOH A O   1 
HETATM 649 O O   . HOH C 3 .  ? -3.060  -0.042  9.013   1.00 11.28 ? 435 HOH A O   1 
HETATM 650 O O   . HOH C 3 .  ? 10.296  -3.428  -0.567  1.00 10.71 ? 436 HOH A O   1 
HETATM 651 O O   . HOH C 3 .  ? -10.079 0.866   0.756   1.00 12.57 ? 437 HOH A O   1 
HETATM 652 O O   . HOH C 3 .  ? -2.760  -11.951 -6.660  1.00 26.87 ? 438 HOH A O   1 
HETATM 653 O O   . HOH C 3 .  ? 8.821   6.538   -0.067  1.00 19.67 ? 439 HOH A O   1 
HETATM 654 O O   . HOH C 3 .  ? 7.001   -5.767  -18.113 1.00 15.05 ? 440 HOH A O   1 
HETATM 655 O O   . HOH C 3 .  ? 9.298   7.957   7.529   1.00 16.63 ? 441 HOH A O   1 
HETATM 656 O O   . HOH C 3 .  ? -1.031  1.154   -17.165 1.00 22.15 ? 442 HOH A O   1 
HETATM 657 O O   . HOH C 3 .  ? 11.209  11.447  4.349   1.00 38.29 ? 443 HOH A O   1 
HETATM 658 O O   . HOH C 3 .  ? 7.620   -11.590 0.924   1.00 25.48 ? 444 HOH A O   1 
HETATM 659 O O   . HOH C 3 .  ? -1.391  -13.232 -5.591  1.00 28.63 ? 445 HOH A O   1 
HETATM 660 O O   . HOH C 3 .  ? -9.413  3.899   12.852  1.00 24.37 ? 446 HOH A O   1 
HETATM 661 O O   . HOH C 3 .  ? -4.991  -5.123  -6.983  1.00 9.68  ? 447 HOH A O   1 
HETATM 662 O O   . HOH C 3 .  ? -2.143  -14.368 -2.335  1.00 22.18 ? 448 HOH A O   1 
HETATM 663 O O   . HOH C 3 .  ? -9.672  8.742   -4.194  1.00 29.94 ? 449 HOH A O   1 
HETATM 664 O O   . HOH C 3 .  ? 0.372   5.951   -11.523 1.00 19.71 ? 450 HOH A O   1 
HETATM 665 O O   . HOH C 3 .  ? -7.082  -8.971  -4.307  1.00 22.21 ? 451 HOH A O   1 
HETATM 666 O O   . HOH C 3 .  ? -2.887  -14.440 0.414   1.00 19.07 ? 452 HOH A O   1 
HETATM 667 O O   . HOH C 3 .  ? -15.229 -0.231  -7.926  1.00 35.61 ? 453 HOH A O   1 
HETATM 668 O O   . HOH C 3 .  ? 7.030   9.007   -7.754  1.00 37.41 ? 454 HOH A O   1 
HETATM 669 O O   . HOH C 3 .  ? -3.062  -4.837  8.885   1.00 17.89 ? 455 HOH A O   1 
HETATM 670 O O   . HOH C 3 .  ? 6.599   1.471   -8.210  1.00 15.57 ? 456 HOH A O   1 
HETATM 671 O O   . HOH C 3 .  ? -5.096  -5.644  -4.436  1.00 12.47 ? 457 HOH A O   1 
HETATM 672 O O   . HOH C 3 .  ? -2.967  -8.359  -9.124  1.00 12.49 ? 458 HOH A O   1 
HETATM 673 O O   . HOH C 3 .  ? -5.781  -3.418  14.806  1.00 21.96 ? 459 HOH A O   1 
HETATM 674 O O   . HOH C 3 .  ? -10.958 4.629   -10.471 1.00 26.28 ? 460 HOH A O   1 
HETATM 675 O O   . HOH C 3 .  ? -2.387  -8.069  7.831   1.00 20.70 ? 461 HOH A O   1 
HETATM 676 O O   . HOH C 3 .  ? 8.853   -0.324  -1.222  1.00 19.21 ? 462 HOH A O   1 
HETATM 677 O O   . HOH C 3 .  ? 1.044   11.018  -8.018  1.00 30.55 ? 463 HOH A O   1 
HETATM 678 O O   . HOH C 3 .  ? -12.324 9.297   -9.793  1.00 28.25 ? 464 HOH A O   1 
HETATM 679 O O   . HOH C 3 .  ? -5.679  -11.637 -5.998  1.00 33.21 ? 465 HOH A O   1 
HETATM 680 O O   . HOH C 3 .  ? 13.007  5.323   -6.541  1.00 24.30 ? 466 HOH A O   1 
HETATM 681 O O   . HOH C 3 .  ? 9.207   -11.354 -3.566  1.00 24.33 ? 467 HOH A O   1 
HETATM 682 O O   . HOH C 3 .  ? -3.913  9.634   5.786   1.00 29.96 ? 468 HOH A O   1 
HETATM 683 O O   . HOH C 3 .  ? 11.299  -1.206  -2.120  1.00 14.95 ? 469 HOH A O   1 
HETATM 684 O O   . HOH C 3 .  ? -10.900 4.061   10.851  1.00 28.48 ? 470 HOH A O   1 
HETATM 685 O O   . HOH C 3 .  ? 2.679   11.408  -5.583  1.00 18.34 ? 471 HOH A O   1 
HETATM 686 O O   . HOH C 3 .  ? -6.751  7.872   1.481   1.00 35.33 ? 472 HOH A O   1 
HETATM 687 O O   . HOH C 3 .  ? -9.239  -3.888  -13.898 1.00 29.66 ? 473 HOH A O   1 
HETATM 688 O O   . HOH C 3 .  ? 8.943   -6.361  -12.263 1.00 10.86 ? 474 HOH A O   1 
HETATM 689 O O   . HOH C 3 .  ? -6.388  -8.805  2.467   1.00 30.34 ? 475 HOH A O   1 
HETATM 690 O O   . HOH C 3 .  ? -5.986  11.561  -6.540  1.00 23.52 ? 476 HOH A O   1 
HETATM 691 O O   . HOH C 3 .  ? 14.586  0.544   -7.761  1.00 24.25 ? 477 HOH A O   1 
HETATM 692 O O   . HOH C 3 .  ? 9.045   7.175   -4.347  1.00 20.96 ? 478 HOH A O   1 
HETATM 693 O O   . HOH C 3 .  ? -9.398  6.008   8.431   1.00 17.81 ? 479 HOH A O   1 
HETATM 694 O O   . HOH C 3 .  ? 11.078  -7.666  -7.699  1.00 24.22 ? 480 HOH A O   1 
HETATM 695 O O   . HOH C 3 .  ? -5.363  -7.542  -8.062  1.00 15.67 ? 481 HOH A O   1 
HETATM 696 O O   . HOH C 3 .  ? -14.197 6.211   3.792   1.00 35.39 ? 482 HOH A O   1 
HETATM 697 O O   . HOH C 3 .  ? -12.465 6.131   10.587  1.00 34.20 ? 483 HOH A O   1 
HETATM 698 O O   . HOH C 3 .  ? 7.154   11.984  4.417   1.00 21.07 ? 484 HOH A O   1 
HETATM 699 O O   . HOH C 3 .  ? -0.372  -5.872  8.805   1.00 26.47 ? 485 HOH A O   1 
HETATM 700 O O   . HOH C 3 .  ? -4.180  11.494  1.292   1.00 34.14 ? 486 HOH A O   1 
HETATM 701 O O   . HOH C 3 .  ? -6.727  8.289   -12.594 1.00 23.40 ? 487 HOH A O   1 
HETATM 702 O O   . HOH C 3 .  ? -16.053 5.577   3.198   1.00 19.12 ? 488 HOH A O   1 
HETATM 703 O O   . HOH C 3 .  ? 6.798   10.478  6.221   1.00 19.72 ? 489 HOH A O   1 
HETATM 704 O O   . HOH C 3 .  ? -10.624 -0.909  -12.210 1.00 25.25 ? 490 HOH A O   1 
HETATM 705 O O   . HOH C 3 .  ? 7.067   -12.345 -1.965  1.00 27.72 ? 491 HOH A O   1 
HETATM 706 O O   . HOH C 3 .  ? -14.167 -8.611  -8.247  1.00 33.10 ? 492 HOH A O   1 
HETATM 707 O O   . HOH C 3 .  ? -4.436  -6.537  10.997  1.00 48.13 ? 493 HOH A O   1 
HETATM 708 O O   . HOH C 3 .  ? 7.645   -14.650 -1.688  1.00 35.40 ? 494 HOH A O   1 
HETATM 709 O O   . HOH C 3 .  ? -8.532  -9.146  4.182   1.00 33.85 ? 495 HOH A O   1 
HETATM 710 O O   . HOH C 3 .  ? -3.056  6.981   -15.154 1.00 27.64 ? 496 HOH A O   1 
HETATM 711 O O   . HOH C 3 .  ? 6.788   -10.418 -10.250 1.00 13.06 ? 497 HOH A O   1 
HETATM 712 O O   . HOH C 3 .  ? -7.895  -8.270  0.384   1.00 25.35 ? 498 HOH A O   1 
HETATM 713 O O   . HOH C 3 .  ? 8.062   8.671   -1.548  1.00 30.93 ? 499 HOH A O   1 
HETATM 714 O O   . HOH C 3 .  ? -10.838 7.862   6.939   1.00 32.35 ? 500 HOH A O   1 
HETATM 715 O O   . HOH C 3 .  ? -8.057  -7.627  -2.211  1.00 27.04 ? 501 HOH A O   1 
HETATM 716 O O   . HOH C 3 .  ? -19.718 0.953   -3.654  1.00 32.71 ? 502 HOH A O   1 
HETATM 717 O O   . HOH C 3 .  ? 10.138  0.951   0.644   1.00 27.28 ? 503 HOH A O   1 
HETATM 718 O O   . HOH C 3 .  ? -1.144  -2.728  13.835  1.00 23.90 ? 504 HOH A O   1 
HETATM 719 O O   . HOH C 3 .  ? 8.626   -8.491  -10.518 1.00 14.38 ? 505 HOH A O   1 
HETATM 720 O O   . HOH C 3 .  ? -1.842  -0.272  13.316  1.00 21.49 ? 506 HOH A O   1 
HETATM 721 O O   . HOH C 3 .  ? -1.906  1.275   11.099  1.00 14.24 ? 507 HOH A O   1 
HETATM 722 O O   . HOH C 3 .  ? 12.817  -9.950  -5.683  1.00 29.76 ? 508 HOH A O   1 
HETATM 723 O O   . HOH C 3 .  ? -11.022 5.761   -12.885 1.00 26.18 ? 509 HOH A O   1 
HETATM 724 O O   . HOH C 3 .  ? 12.610  4.594   -4.028  1.00 21.58 ? 510 HOH A O   1 
HETATM 725 O O   . HOH C 3 .  ? 9.111   1.015   -3.307  1.00 39.95 ? 511 HOH A O   1 
HETATM 726 O O   . HOH D 3 .  ? 5.903   6.701   8.845   1.00 13.14 ? 101 HOH M O   1 
HETATM 727 O O   . HOH D 3 .  ? 0.699   2.252   11.577  1.00 13.78 ? 102 HOH M O   1 
HETATM 728 O O   . HOH D 3 .  ? 6.609   13.433  11.242  1.00 43.43 ? 103 HOH M O   1 
HETATM 729 O O   . HOH D 3 .  ? 6.359   15.584  10.528  1.00 30.34 ? 104 HOH M O   1 
HETATM 730 O O   . HOH D 3 .  ? 1.599   12.476  13.772  1.00 26.13 ? 105 HOH M O   1 
HETATM 731 O O   . HOH D 3 .  ? -4.729  16.743  3.830   1.00 24.21 ? 106 HOH M O   1 
HETATM 732 O O   . HOH D 3 .  ? 10.432  -10.987 3.139   1.00 31.56 ? 107 HOH M O   1 
HETATM 733 O O   . HOH D 3 .  ? 1.506   12.531  6.632   1.00 23.46 ? 108 HOH M O   1 
HETATM 734 O O   . HOH D 3 .  ? 4.080   11.332  13.991  1.00 28.63 ? 109 HOH M O   1 
HETATM 735 O O   . HOH D 3 .  ? 7.476   -7.057  12.300  1.00 30.00 ? 110 HOH M O   1 
HETATM 736 O O   . HOH D 3 .  ? -7.090  17.137  5.288   1.00 23.28 ? 111 HOH M O   1 
HETATM 737 O O   . HOH D 3 .  ? 12.259  -13.247 4.046   1.00 23.38 ? 112 HOH M O   1 
HETATM 738 O O   . HOH D 3 .  ? -2.586  5.555   13.213  1.00 23.88 ? 113 HOH M O   1 
HETATM 739 O O   . HOH D 3 .  ? 3.052   -4.770  12.438  1.00 13.68 ? 114 HOH M O   1 
HETATM 740 O O   . HOH D 3 .  ? 8.450   8.048   12.762  1.00 23.90 ? 115 HOH M O   1 
HETATM 741 O O   . HOH D 3 .  ? 2.554   18.359  3.811   1.00 28.22 ? 116 HOH M O   1 
HETATM 742 O O   . HOH D 3 .  ? -1.490  -11.274 7.475   1.00 36.25 ? 117 HOH M O   1 
HETATM 743 O O   . HOH D 3 .  ? -7.378  5.785   14.288  1.00 36.35 ? 118 HOH M O   1 
# 
loop_
_atom_site_anisotrop.id 
_atom_site_anisotrop.type_symbol 
_atom_site_anisotrop.pdbx_label_atom_id 
_atom_site_anisotrop.pdbx_label_alt_id 
_atom_site_anisotrop.pdbx_label_comp_id 
_atom_site_anisotrop.pdbx_label_asym_id 
_atom_site_anisotrop.pdbx_label_seq_id 
_atom_site_anisotrop.pdbx_PDB_ins_code 
_atom_site_anisotrop.U[1][1] 
_atom_site_anisotrop.U[2][2] 
_atom_site_anisotrop.U[3][3] 
_atom_site_anisotrop.U[1][2] 
_atom_site_anisotrop.U[1][3] 
_atom_site_anisotrop.U[2][3] 
_atom_site_anisotrop.pdbx_auth_seq_id 
_atom_site_anisotrop.pdbx_auth_comp_id 
_atom_site_anisotrop.pdbx_auth_asym_id 
_atom_site_anisotrop.pdbx_auth_atom_id 
1   N N   . ALA A 1  ? 0.4289 0.3159 0.2699 0.0230  -0.0072 0.0863  134 ALA A N   
2   C CA  . ALA A 1  ? 0.3224 0.1968 0.1857 0.0178  -0.0106 0.0723  134 ALA A CA  
3   C C   . ALA A 1  ? 0.2906 0.1891 0.1805 -0.0068 -0.0059 0.0639  134 ALA A C   
4   O O   . ALA A 1  ? 0.2958 0.2339 0.1963 -0.0135 -0.0030 0.0621  134 ALA A O   
5   C CB  . ALA A 1  ? 0.3591 0.2575 0.2422 0.0411  -0.0206 0.0544  134 ALA A CB  
6   N N   . GLU A 2  ? 0.2997 0.1777 0.1996 -0.0170 -0.0061 0.0574  135 GLU A N   
7   C CA  . GLU A 2  ? 0.2197 0.1216 0.1432 -0.0354 -0.0032 0.0482  135 GLU A CA  
8   C C   . GLU A 2  ? 0.1869 0.1104 0.1368 -0.0228 -0.0098 0.0322  135 GLU A C   
9   O O   . GLU A 2  ? 0.1952 0.1013 0.1456 -0.0105 -0.0145 0.0271  135 GLU A O   
10  C CB  . GLU A 2  ? 0.2447 0.1121 0.1603 -0.0556 0.0013  0.0505  135 GLU A CB  
11  C CG  . GLU A 2  ? 0.2866 0.1857 0.2270 -0.0705 0.0030  0.0384  135 GLU A CG  
12  C CD  . GLU A 2  ? 0.3821 0.2695 0.3262 -0.0793 0.0063  0.0323  135 GLU A CD  
13  O OE1 . GLU A 2  ? 0.4276 0.2806 0.3568 -0.0780 0.0082  0.0381  135 GLU A OE1 
14  O OE2 . GLU A 2  ? 0.3439 0.2572 0.3046 -0.0864 0.0064  0.0221  135 GLU A OE2 
15  N N   . TYR A 3  ? 0.1472 0.1078 0.1169 -0.0254 -0.0095 0.0242  136 TYR A N   
16  C CA  . TYR A 3  ? 0.1167 0.0914 0.1074 -0.0158 -0.0137 0.0113  136 TYR A CA  
17  C C   . TYR A 3  ? 0.1009 0.0886 0.1044 -0.0252 -0.0120 0.0063  136 TYR A C   
18  O O   . TYR A 3  ? 0.1042 0.1087 0.1063 -0.0367 -0.0085 0.0088  136 TYR A O   
19  C CB  . TYR A 3  ? 0.1032 0.1054 0.1030 -0.0030 -0.0164 0.0039  136 TYR A CB  
20  C CG  . TYR A 3  ? 0.1145 0.1138 0.1041 0.0106  -0.0197 0.0049  136 TYR A CG  
21  C CD1 . TYR A 3  ? 0.1383 0.1432 0.1097 0.0131  -0.0183 0.0151  136 TYR A CD1 
22  C CD2 . TYR A 3  ? 0.1311 0.1268 0.1282 0.0216  -0.0239 -0.0046 136 TYR A CD2 
23  C CE1 . TYR A 3  ? 0.1827 0.1878 0.1411 0.0301  -0.0223 0.0166  136 TYR A CE1 
24  C CE2 . TYR A 3  ? 0.1386 0.1399 0.1263 0.0372  -0.0281 -0.0061 136 TYR A CE2 
25  C CZ  . TYR A 3  ? 0.1578 0.1630 0.1251 0.0433  -0.0279 0.0048  136 TYR A CZ  
26  O OH  . TYR A 3  ? 0.2210 0.2345 0.1756 0.0632  -0.0329 0.0040  136 TYR A OH  
27  N N   . VAL A 4  ? 0.0945 0.0777 0.1092 -0.0196 -0.0140 -0.0009 137 VAL A N   
28  C CA  . VAL A 4  ? 0.0803 0.0757 0.1041 -0.0220 -0.0134 -0.0049 137 VAL A CA  
29  C C   . VAL A 4  ? 0.0777 0.0755 0.1119 -0.0105 -0.0148 -0.0114 137 VAL A C   
30  O O   . VAL A 4  ? 0.0841 0.0736 0.1213 -0.0051 -0.0157 -0.0151 137 VAL A O   
31  C CB  . VAL A 4  ? 0.1140 0.0957 0.1358 -0.0295 -0.0128 -0.0050 137 VAL A CB  
32  C CG1 . VAL A 4  ? 0.0984 0.0728 0.1100 -0.0449 -0.0104 -0.0010 137 VAL A CG1 
33  C CG2 . VAL A 4  ? 0.1582 0.1190 0.1803 -0.0230 -0.0144 -0.0073 137 VAL A CG2 
34  N N   . ARG A 5  ? 0.0740 0.0835 0.1119 -0.0067 -0.0146 -0.0134 138 ARG A N   
35  C CA  . ARG A 5  ? 0.0803 0.0819 0.1230 0.0030  -0.0144 -0.0178 138 ARG A CA  
36  C C   . ARG A 5  ? 0.0863 0.0776 0.1260 0.0034  -0.0127 -0.0145 138 ARG A C   
37  O O   . ARG A 5  ? 0.0980 0.1036 0.1340 0.0028  -0.0136 -0.0125 138 ARG A O   
38  C CB  . ARG A 5  ? 0.0854 0.1042 0.1291 0.0129  -0.0162 -0.0221 138 ARG A CB  
39  C CG  . ARG A 5  ? 0.0761 0.0772 0.1195 0.0241  -0.0156 -0.0257 138 ARG A CG  
40  C CD  . ARG A 5  ? 0.1025 0.1196 0.1454 0.0375  -0.0188 -0.0326 138 ARG A CD  
41  N NE  . ARG A 5  ? 0.0937 0.1438 0.1334 0.0417  -0.0211 -0.0312 138 ARG A NE  
42  C CZ  . ARG A 5  ? 0.0986 0.1526 0.1314 0.0535  -0.0226 -0.0298 138 ARG A CZ  
43  N NH1 . ARG A 5  ? 0.1946 0.2140 0.2193 0.0625  -0.0212 -0.0260 138 ARG A NH1 
44  N NH2 . ARG A 5  ? 0.1042 0.1987 0.1363 0.0558  -0.0248 -0.0321 138 ARG A NH2 
45  N N   . ALA A 6  ? 0.0945 0.0660 0.1356 0.0038  -0.0098 -0.0150 139 ALA A N   
46  C CA  . ALA A 6  ? 0.0888 0.0505 0.1241 0.0050  -0.0069 -0.0101 139 ALA A CA  
47  C C   . ALA A 6  ? 0.0940 0.0531 0.1209 0.0177  -0.0070 -0.0069 139 ALA A C   
48  O O   . ALA A 6  ? 0.1258 0.0706 0.1517 0.0244  -0.0061 -0.0093 139 ALA A O   
49  C CB  . ALA A 6  ? 0.1050 0.0536 0.1386 -0.0003 -0.0016 -0.0104 139 ALA A CB  
50  N N   . LEU A 7  ? 0.1065 0.0795 0.1257 0.0229  -0.0086 -0.0029 140 LEU A N   
51  C CA  . LEU A 7  ? 0.1178 0.0905 0.1244 0.0403  -0.0096 0.0012  140 LEU A CA  
52  C C   . LEU A 7  ? 0.1374 0.0796 0.1306 0.0448  -0.0038 0.0106  140 LEU A C   
53  O O   . LEU A 7  ? 0.1725 0.0964 0.1503 0.0613  -0.0032 0.0162  140 LEU A O   
54  C CB  . LEU A 7  ? 0.1150 0.1252 0.1196 0.0447  -0.0142 -0.0009 140 LEU A CB  
55  C CG  . LEU A 7  ? 0.0972 0.1411 0.1128 0.0373  -0.0178 -0.0093 140 LEU A CG  
56  C CD1 . LEU A 7  ? 0.1320 0.2161 0.1479 0.0354  -0.0207 -0.0142 140 LEU A CD1 
57  C CD2 . LEU A 7  ? 0.1214 0.1718 0.1366 0.0513  -0.0204 -0.0131 140 LEU A CD2 
58  N N   . PHE A 8  ? 0.1321 0.0673 0.1282 0.0315  0.0009  0.0128  141 PHE A N   
59  C CA  . PHE A 8  ? 0.1740 0.0846 0.1566 0.0316  0.0086  0.0227  141 PHE A CA  
60  C C   . PHE A 8  ? 0.1488 0.0513 0.1431 0.0129  0.0146  0.0188  141 PHE A C   
61  O O   . PHE A 8  ? 0.1594 0.0779 0.1692 0.0042  0.0110  0.0093  141 PHE A O   
62  C CB  . PHE A 8  ? 0.1894 0.1199 0.1605 0.0386  0.0076  0.0286  141 PHE A CB  
63  C CG  . PHE A 8  ? 0.1594 0.1190 0.1254 0.0548  -0.0005 0.0261  141 PHE A CG  
64  C CD1 . PHE A 8  ? 0.2187 0.1693 0.1652 0.0773  -0.0017 0.0340  141 PHE A CD1 
65  C CD2 . PHE A 8  ? 0.1476 0.1437 0.1276 0.0474  -0.0067 0.0150  141 PHE A CD2 
66  C CE1 . PHE A 8  ? 0.2378 0.2256 0.1809 0.0945  -0.0099 0.0288  141 PHE A CE1 
67  C CE2 . PHE A 8  ? 0.1798 0.2112 0.1579 0.0589  -0.0131 0.0098  141 PHE A CE2 
68  C CZ  . PHE A 8  ? 0.1811 0.2134 0.1421 0.0835  -0.0153 0.0156  141 PHE A CZ  
69  N N   . ASP A 9  ? 0.2104 0.0912 0.1952 0.0072  0.0236  0.0261  142 ASP A N   
70  C CA  . ASP A 9  ? 0.1884 0.0762 0.1830 -0.0096 0.0295  0.0215  142 ASP A CA  
71  C C   . ASP A 9  ? 0.1842 0.0988 0.1805 -0.0091 0.0272  0.0202  142 ASP A C   
72  O O   . ASP A 9  ? 0.1882 0.1119 0.1716 0.0016  0.0249  0.0268  142 ASP A O   
73  C CB  . ASP A 9  ? 0.2038 0.0732 0.1860 -0.0168 0.0389  0.0300  142 ASP A CB  
74  C CG  . ASP A 9  ? 0.2659 0.1194 0.2509 -0.0219 0.0381  0.0257  142 ASP A CG  
75  O OD1 . ASP A 9  ? 0.2451 0.1051 0.2413 -0.0199 0.0303  0.0155  142 ASP A OD1 
76  O OD2 . ASP A 9  ? 0.3089 0.1424 0.2836 -0.0290 0.0461  0.0330  142 ASP A OD2 
77  N N   . PHE A 10 ? 0.1491 0.0805 0.1606 -0.0186 0.0262  0.0091  143 PHE A N   
78  C CA  . PHE A 10 ? 0.1581 0.1134 0.1710 -0.0180 0.0235  0.0041  143 PHE A CA  
79  C C   . PHE A 10 ? 0.1477 0.1134 0.1682 -0.0288 0.0307  -0.0020 143 PHE A C   
80  O O   . PHE A 10 ? 0.1398 0.1126 0.1745 -0.0331 0.0286  -0.0133 143 PHE A O   
81  C CB  . PHE A 10 ? 0.1100 0.0755 0.1318 -0.0145 0.0131  -0.0057 143 PHE A CB  
82  C CG  . PHE A 10 ? 0.1167 0.0989 0.1397 -0.0135 0.0096  -0.0140 143 PHE A CG  
83  C CD1 . PHE A 10 ? 0.1212 0.1162 0.1346 -0.0096 0.0100  -0.0120 143 PHE A CD1 
84  C CD2 . PHE A 10 ? 0.0862 0.0707 0.1173 -0.0134 0.0049  -0.0251 143 PHE A CD2 
85  C CE1 . PHE A 10 ? 0.1128 0.1223 0.1272 -0.0078 0.0061  -0.0229 143 PHE A CE1 
86  C CE2 . PHE A 10 ? 0.0902 0.0839 0.1197 -0.0095 0.0009  -0.0343 143 PHE A CE2 
87  C CZ  . PHE A 10 ? 0.1263 0.1322 0.1486 -0.0077 0.0015  -0.0343 143 PHE A CZ  
88  N N   . ASN A 11 ? 0.1367 0.1081 0.1471 -0.0326 0.0396  0.0049  144 ASN A N   
89  C CA  . ASN A 11 ? 0.1486 0.1393 0.1673 -0.0448 0.0476  -0.0026 144 ASN A CA  
90  C C   . ASN A 11 ? 0.1192 0.1412 0.1477 -0.0382 0.0398  -0.0180 144 ASN A C   
91  O O   . ASN A 11 ? 0.1296 0.1745 0.1698 -0.0440 0.0425  -0.0300 144 ASN A O   
92  C CB  . ASN A 11 ? 0.1683 0.1582 0.1702 -0.0518 0.0608  0.0108  144 ASN A CB  
93  C CG  . ASN A 11 ? 0.2674 0.2176 0.2562 -0.0600 0.0711  0.0260  144 ASN A CG  
94  O OD1 . ASN A 11 ? 0.3208 0.2503 0.3178 -0.0624 0.0682  0.0218  144 ASN A OD1 
95  N ND2 . ASN A 11 ? 0.3042 0.2421 0.2700 -0.0621 0.0822  0.0434  144 ASN A ND2 
96  N N   . GLY A 12 ? 0.1210 0.0714 0.1127 0.0002  0.0245  0.0216  145 GLY A N   
97  C CA  . GLY A 12 ? 0.1229 0.0903 0.1295 -0.0022 0.0203  0.0167  145 GLY A CA  
98  C C   . GLY A 12 ? 0.1375 0.0815 0.1155 0.0000  0.0324  0.0161  145 GLY A C   
99  O O   . GLY A 12 ? 0.1796 0.0871 0.1221 -0.0002 0.0506  0.0196  145 GLY A O   
100 N N   . ASN A 13 ? 0.1352 0.0916 0.1211 0.0016  0.0259  0.0111  146 ASN A N   
101 C CA  . ASN A 13 ? 0.1625 0.0972 0.1185 0.0054  0.0361  0.0092  146 ASN A CA  
102 C C   . ASN A 13 ? 0.1474 0.1023 0.1294 0.0006  0.0396  -0.0012 146 ASN A C   
103 O O   . ASN A 13 ? 0.1706 0.1164 0.1444 -0.0039 0.0600  -0.0079 146 ASN A O   
104 C CB  . ASN A 13 ? 0.2576 0.1815 0.1829 0.0220  0.0174  0.0101  146 ASN A CB  
105 C CG  . ASN A 13 ? 0.2875 0.1895 0.1783 0.0374  0.0097  0.0155  146 ASN A CG  
106 O OD1 . ASN A 13 ? 0.3715 0.2259 0.2042 0.0497  0.0204  0.0213  146 ASN A OD1 
107 N ND2 . ASN A 13 ? 0.2084 0.1382 0.1275 0.0393  -0.0072 0.0127  146 ASN A ND2 
108 N N   . ASP A 14 ? 0.1186 0.0948 0.1264 0.0027  0.0224  -0.0040 147 ASP A N   
109 C CA  . ASP A 14 ? 0.1301 0.1165 0.1523 0.0064  0.0200  -0.0140 147 ASP A CA  
110 C C   . ASP A 14 ? 0.1287 0.1369 0.1814 0.0088  0.0161  -0.0222 147 ASP A C   
111 O O   . ASP A 14 ? 0.1129 0.1260 0.1736 0.0066  0.0111  -0.0176 147 ASP A O   
112 C CB  . ASP A 14 ? 0.1249 0.1012 0.1370 0.0105  0.0046  -0.0126 147 ASP A CB  
113 C CG  . ASP A 14 ? 0.1897 0.1541 0.1771 0.0125  0.0016  -0.0127 147 ASP A CG  
114 O OD1 . ASP A 14 ? 0.2194 0.1726 0.1847 0.0165  0.0121  -0.0137 147 ASP A OD1 
115 O OD2 . ASP A 14 ? 0.2030 0.1690 0.1915 0.0105  -0.0104 -0.0152 147 ASP A OD2 
116 N N   . GLU A 15 ? 0.1359 0.1580 0.2036 0.0180  0.0151  -0.0374 148 GLU A N   
117 C CA  . GLU A 15 ? 0.1221 0.1681 0.2155 0.0308  0.0039  -0.0525 148 GLU A CA  
118 C C   . GLU A 15 ? 0.1257 0.1503 0.1991 0.0399  -0.0140 -0.0403 148 GLU A C   
119 O O   . GLU A 15 ? 0.1472 0.1857 0.2323 0.0458  -0.0218 -0.0460 148 GLU A O   
120 C CB  . GLU A 15 ? 0.1697 0.2283 0.2729 0.0484  -0.0011 -0.0718 148 GLU A CB  
121 C CG  . GLU A 15 ? 0.2822 0.3656 0.4009 0.0621  -0.0172 -0.0890 148 GLU A CG  
122 C CD  . GLU A 15 ? 0.3506 0.4422 0.4695 0.0772  -0.0244 -0.1043 148 GLU A CD  
123 O OE1 . GLU A 15 ? 0.4066 0.4756 0.5071 0.0811  -0.0196 -0.0978 148 GLU A OE1 
124 O OE2 . GLU A 15 ? 0.3659 0.4866 0.5029 0.0859  -0.0364 -0.1262 148 GLU A OE2 
125 N N   . GLU A 16 ? 0.1204 0.1089 0.1616 0.0389  -0.0176 -0.0263 149 GLU A N   
126 C CA  . GLU A 16 ? 0.1362 0.0921 0.1496 0.0436  -0.0252 -0.0163 149 GLU A CA  
127 C C   . GLU A 16 ? 0.1674 0.1281 0.1855 0.0289  -0.0206 -0.0059 149 GLU A C   
128 O O   . GLU A 16 ? 0.1678 0.1030 0.1629 0.0319  -0.0226 0.0005  149 GLU A O   
129 C CB  . GLU A 16 ? 0.1667 0.0807 0.1489 0.0388  -0.0218 -0.0103 149 GLU A CB  
130 C CG  . GLU A 16 ? 0.1682 0.0921 0.1614 0.0169  -0.0132 -0.0071 149 GLU A CG  
131 C CD  . GLU A 16 ? 0.2295 0.1208 0.2035 0.0065  -0.0081 -0.0094 149 GLU A CD  
132 O OE1 . GLU A 16 ? 0.3334 0.1800 0.2755 0.0142  -0.0065 -0.0094 149 GLU A OE1 
133 O OE2 . GLU A 16 ? 0.2689 0.1767 0.2571 -0.0082 -0.0058 -0.0144 149 GLU A OE2 
134 N N   . ASP A 17 ? 0.0921 0.0765 0.1306 0.0158  -0.0130 -0.0042 150 ASP A N   
135 C CA  . ASP A 17 ? 0.0898 0.0775 0.1309 0.0060  -0.0101 0.0039  150 ASP A CA  
136 C C   . ASP A 17 ? 0.0937 0.0925 0.1441 0.0113  -0.0136 0.0007  150 ASP A C   
137 O O   . ASP A 17 ? 0.0942 0.1122 0.1621 0.0186  -0.0163 -0.0125 150 ASP A O   
138 C CB  . ASP A 17 ? 0.1066 0.1041 0.1524 -0.0009 -0.0034 0.0058  150 ASP A CB  
139 C CG  . ASP A 17 ? 0.1393 0.1297 0.1735 -0.0020 -0.0054 0.0051  150 ASP A CG  
140 O OD1 . ASP A 17 ? 0.1282 0.1101 0.1595 -0.0052 -0.0087 0.0026  150 ASP A OD1 
141 O OD2 . ASP A 17 ? 0.1320 0.1199 0.1546 0.0009  -0.0024 0.0051  150 ASP A OD2 
142 N N   . LEU A 18 ? 0.1124 0.1040 0.1554 0.0069  -0.0130 0.0080  151 LEU A N   
143 C CA  . LEU A 18 ? 0.1227 0.1240 0.1722 0.0110  -0.0165 0.0045  151 LEU A CA  
144 C C   . LEU A 18 ? 0.0929 0.1050 0.1551 -0.0002 -0.0084 0.0080  151 LEU A C   
145 O O   . LEU A 18 ? 0.1050 0.1114 0.1604 -0.0048 -0.0058 0.0152  151 LEU A O   
146 C CB  . LEU A 18 ? 0.0983 0.0720 0.1173 0.0180  -0.0198 0.0101  151 LEU A CB  
147 C CG  . LEU A 18 ? 0.1222 0.1020 0.1401 0.0244  -0.0251 0.0062  151 LEU A CG  
148 C CD1 . LEU A 18 ? 0.1421 0.1462 0.1779 0.0402  -0.0398 -0.0130 151 LEU A CD1 
149 C CD2 . LEU A 18 ? 0.1823 0.1206 0.1543 0.0308  -0.0225 0.0145  151 LEU A CD2 
150 N N   . PRO A 19 ? 0.0675 0.0917 0.1461 -0.0048 -0.0016 0.0003  152 PRO A N   
151 C CA  . PRO A 19 ? 0.1074 0.1241 0.1828 -0.0119 0.0079  0.0047  152 PRO A CA  
152 C C   . PRO A 19 ? 0.1014 0.1199 0.1774 -0.0100 0.0030  0.0051  152 PRO A C   
153 O O   . PRO A 19 ? 0.0921 0.1194 0.1730 -0.0040 -0.0058 -0.0026 152 PRO A O   
154 C CB  . PRO A 19 ? 0.0872 0.1065 0.1758 -0.0218 0.0237  -0.0078 152 PRO A CB  
155 C CG  . PRO A 19 ? 0.1113 0.1451 0.2121 -0.0195 0.0228  -0.0169 152 PRO A CG  
156 C CD  . PRO A 19 ? 0.0999 0.1417 0.1994 -0.0048 0.0019  -0.0160 152 PRO A CD  
157 N N   . PHE A 20 ? 0.0923 0.0999 0.1578 -0.0106 0.0071  0.0120  153 PHE A N   
158 C CA  . PHE A 20 ? 0.0774 0.0857 0.1424 -0.0086 0.0048  0.0115  153 PHE A CA  
159 C C   . PHE A 20 ? 0.1030 0.0939 0.1556 -0.0067 0.0115  0.0148  153 PHE A C   
160 O O   . PHE A 20 ? 0.1283 0.1016 0.1635 -0.0026 0.0155  0.0194  153 PHE A O   
161 C CB  . PHE A 20 ? 0.0534 0.0653 0.1125 -0.0051 -0.0003 0.0156  153 PHE A CB  
162 C CG  . PHE A 20 ? 0.0607 0.0775 0.1208 -0.0060 0.0007  0.0182  153 PHE A CG  
163 C CD1 . PHE A 20 ? 0.0598 0.0843 0.1233 -0.0004 -0.0001 0.0156  153 PHE A CD1 
164 C CD2 . PHE A 20 ? 0.0897 0.1054 0.1487 -0.0100 0.0007  0.0183  153 PHE A CD2 
165 C CE1 . PHE A 20 ? 0.0699 0.1119 0.1439 0.0018  -0.0036 0.0082  153 PHE A CE1 
166 C CE2 . PHE A 20 ? 0.0782 0.1057 0.1465 -0.0133 0.0014  0.0128  153 PHE A CE2 
167 C CZ  . PHE A 20 ? 0.0706 0.1170 0.1507 -0.0071 -0.0021 0.0053  153 PHE A CZ  
168 N N   . LYS A 21 ? 0.1090 0.0976 0.1615 -0.0056 0.0119  0.0118  154 LYS A N   
169 C CA  . LYS A 21 ? 0.1302 0.0942 0.1638 0.0007  0.0173  0.0139  154 LYS A CA  
170 C C   . LYS A 21 ? 0.0941 0.0719 0.1286 0.0130  0.0089  0.0145  154 LYS A C   
171 O O   . LYS A 21 ? 0.1153 0.1147 0.1635 0.0096  0.0062  0.0120  154 LYS A O   
172 C CB  . LYS A 21 ? 0.1481 0.0962 0.1829 -0.0094 0.0279  0.0048  154 LYS A CB  
173 C CG  . LYS A 21 ? 0.2679 0.2074 0.3113 -0.0269 0.0435  -0.0049 154 LYS A CG  
174 C CD  . LYS A 21 ? 0.3762 0.2798 0.3826 -0.0239 0.0557  0.0041  154 LYS A CD  
175 C CE  . LYS A 21 ? 0.4936 0.3949 0.5036 -0.0394 0.0745  -0.0094 154 LYS A CE  
176 N NZ  . LYS A 21 ? 0.5990 0.4591 0.5643 -0.0352 0.0890  -0.0016 154 LYS A NZ  
177 N N   . LYS A 22 ? 0.1419 0.1031 0.1568 0.0293  0.0063  0.0153  155 LYS A N   
178 C CA  . LYS A 22 ? 0.1292 0.1106 0.1522 0.0441  -0.0013 0.0081  155 LYS A CA  
179 C C   . LYS A 22 ? 0.1252 0.1149 0.1591 0.0362  0.0041  0.0043  155 LYS A C   
180 O O   . LYS A 22 ? 0.1492 0.1141 0.1712 0.0313  0.0099  0.0049  155 LYS A O   
181 C CB  . LYS A 22 ? 0.1641 0.1125 0.1522 0.0703  -0.0071 0.0074  155 LYS A CB  
182 C CG  . LYS A 22 ? 0.1697 0.1481 0.1712 0.0891  -0.0183 -0.0067 155 LYS A CG  
183 C CD  . LYS A 22 ? 0.2191 0.1580 0.1759 0.1075  -0.0226 -0.0063 155 LYS A CD  
184 C CE  . LYS A 22 ? 0.2541 0.2288 0.2239 0.1264  -0.0371 -0.0245 155 LYS A CE  
185 N NZ  . LYS A 22 ? 0.3959 0.4043 0.3791 0.1326  -0.0507 -0.0374 155 LYS A NZ  
186 N N   . GLY A 23 ? 0.0865 0.1083 0.1411 0.0331  0.0052  -0.0024 156 GLY A N   
187 C CA  . GLY A 23 ? 0.0943 0.1187 0.1489 0.0282  0.0124  -0.0059 156 GLY A CA  
188 C C   . GLY A 23 ? 0.0845 0.1018 0.1309 0.0150  0.0162  -0.0011 156 GLY A C   
189 O O   . GLY A 23 ? 0.1349 0.1482 0.1696 0.0138  0.0227  -0.0038 156 GLY A O   
190 N N   . ASP A 24 ? 0.0762 0.0882 0.1220 0.0093  0.0117  0.0045  157 ASP A N   
191 C CA  . ASP A 24 ? 0.0832 0.0858 0.1148 0.0063  0.0097  0.0059  157 ASP A CA  
192 C C   . ASP A 24 ? 0.1032 0.0986 0.1194 0.0018  0.0210  0.0085  157 ASP A C   
193 O O   . ASP A 24 ? 0.1047 0.1138 0.1368 -0.0060 0.0300  0.0066  157 ASP A O   
194 C CB  . ASP A 24 ? 0.0914 0.0950 0.1300 0.0037  0.0031  0.0078  157 ASP A CB  
195 C CG  . ASP A 24 ? 0.1035 0.1081 0.1545 0.0016  0.0000  0.0002  157 ASP A CG  
196 O OD1 . ASP A 24 ? 0.1483 0.1474 0.1994 0.0015  0.0022  -0.0061 157 ASP A OD1 
197 O OD2 . ASP A 24 ? 0.1132 0.1225 0.1745 -0.0024 -0.0012 -0.0021 157 ASP A OD2 
198 N N   . ILE A 25 ? 0.0810 0.0797 0.1140 -0.0061 -0.0139 -0.0058 158 ILE A N   
199 C CA  . ILE A 25 ? 0.1026 0.0971 0.1059 -0.0056 -0.0228 -0.0037 158 ILE A CA  
200 C C   . ILE A 25 ? 0.0723 0.0683 0.0923 -0.0047 -0.0295 -0.0035 158 ILE A C   
201 O O   . ILE A 25 ? 0.0886 0.0859 0.1385 -0.0030 -0.0412 -0.0093 158 ILE A O   
202 C CB  . ILE A 25 ? 0.1113 0.0901 0.0865 -0.0032 -0.0363 -0.0085 158 ILE A CB  
203 C CG1 . ILE A 25 ? 0.1311 0.1060 0.0926 -0.0017 -0.0267 -0.0107 158 ILE A CG1 
204 C CG2 . ILE A 25 ? 0.1560 0.1239 0.0967 -0.0017 -0.0376 -0.0015 158 ILE A CG2 
205 C CD1 . ILE A 25 ? 0.1116 0.0991 0.0671 -0.0014 -0.0077 -0.0018 158 ILE A CD1 
206 N N   . LEU A 26 ? 0.0715 0.0673 0.0781 -0.0053 -0.0233 0.0012  159 LEU A N   
207 C CA  . LEU A 26 ? 0.0854 0.0778 0.1043 -0.0028 -0.0264 0.0010  159 LEU A CA  
208 C C   . LEU A 26 ? 0.1078 0.0845 0.1010 -0.0037 -0.0339 0.0054  159 LEU A C   
209 O O   . LEU A 26 ? 0.1346 0.1085 0.1064 -0.0090 -0.0274 0.0094  159 LEU A O   
210 C CB  . LEU A 26 ? 0.0918 0.0887 0.1143 -0.0014 -0.0108 0.0007  159 LEU A CB  
211 C CG  . LEU A 26 ? 0.1839 0.1884 0.2234 0.0018  0.0044  0.0012  159 LEU A CG  
212 C CD1 . LEU A 26 ? 0.2410 0.2440 0.2531 0.0051  0.0162  0.0033  159 LEU A CD1 
213 C CD2 . LEU A 26 ? 0.2016 0.2079 0.2769 0.0068  0.0124  -0.0005 159 LEU A CD2 
214 N N   . ARG A 27 ? 0.1284 0.0940 0.1282 0.0023  -0.0457 0.0059  160 ARG A N   
215 C CA  . ARG A 27 ? 0.1380 0.0803 0.1117 0.0032  -0.0495 0.0133  160 ARG A CA  
216 C C   . ARG A 27 ? 0.1835 0.1211 0.1668 0.0004  -0.0397 0.0118  160 ARG A C   
217 O O   . ARG A 27 ? 0.1625 0.1075 0.1703 0.0055  -0.0368 0.0054  160 ARG A O   
218 C CB  . ARG A 27 ? 0.1797 0.1066 0.1505 0.0154  -0.0709 0.0152  160 ARG A CB  
219 C CG  . ARG A 27 ? 0.2586 0.1556 0.1923 0.0177  -0.0690 0.0260  160 ARG A CG  
220 C CD  . ARG A 27 ? 0.3802 0.2673 0.3238 0.0290  -0.0804 0.0263  160 ARG A CD  
221 N NE  . ARG A 27 ? 0.4182 0.2789 0.3449 0.0280  -0.0694 0.0366  160 ARG A NE  
222 C CZ  . ARG A 27 ? 0.4535 0.2981 0.3792 0.0387  -0.0757 0.0412  160 ARG A CZ  
223 N NH1 . ARG A 27 ? 0.3956 0.2503 0.3364 0.0513  -0.0949 0.0359  160 ARG A NH1 
224 N NH2 . ARG A 27 ? 0.4808 0.2991 0.3951 0.0361  -0.0624 0.0506  160 ARG A NH2 
225 N N   . ILE A 28 ? 0.1522 0.0754 0.1182 -0.0077 -0.0327 0.0165  161 ILE A N   
226 C CA  . ILE A 28 ? 0.1524 0.0651 0.1263 -0.0119 -0.0274 0.0114  161 ILE A CA  
227 C C   . ILE A 28 ? 0.2130 0.0953 0.1829 -0.0045 -0.0329 0.0174  161 ILE A C   
228 O O   . ILE A 28 ? 0.2936 0.1533 0.2420 -0.0039 -0.0341 0.0302  161 ILE A O   
229 C CB  . ILE A 28 ? 0.1948 0.1091 0.1669 -0.0266 -0.0193 0.0106  161 ILE A CB  
230 C CG1 . ILE A 28 ? 0.1858 0.1308 0.1626 -0.0294 -0.0169 0.0057  161 ILE A CG1 
231 C CG2 . ILE A 28 ? 0.2161 0.1150 0.1979 -0.0318 -0.0194 0.0004  161 ILE A CG2 
232 C CD1 . ILE A 28 ? 0.1769 0.1354 0.1573 -0.0205 -0.0180 -0.0033 161 ILE A CD1 
233 N N   . ARG A 29 ? 0.1873 0.0647 0.1741 0.0038  -0.0337 0.0095  162 ARG A N   
234 C CA  . ARG A 29 ? 0.2209 0.0674 0.2074 0.0136  -0.0390 0.0149  162 ARG A CA  
235 C C   . ARG A 29 ? 0.2955 0.1177 0.2772 0.0039  -0.0290 0.0116  162 ARG A C   
236 O O   . ARG A 29 ? 0.3093 0.1092 0.2813 0.0029  -0.0253 0.0227  162 ARG A O   
237 C CB  . ARG A 29 ? 0.2618 0.1207 0.2769 0.0298  -0.0415 0.0081  162 ARG A CB  
238 C CG  . ARG A 29 ? 0.2961 0.1816 0.3294 0.0376  -0.0537 0.0103  162 ARG A CG  
239 C CD  . ARG A 29 ? 0.2567 0.1591 0.3298 0.0504  -0.0524 0.0043  162 ARG A CD  
240 N NE  . ARG A 29 ? 0.3269 0.2063 0.3954 0.0599  -0.0529 0.0078  162 ARG A NE  
241 C CZ  . ARG A 29 ? 0.4340 0.3027 0.4925 0.0679  -0.0684 0.0169  162 ARG A CZ  
242 N NH1 . ARG A 29 ? 0.4561 0.3340 0.5027 0.0669  -0.0854 0.0206  162 ARG A NH1 
243 N NH2 . ARG A 29 ? 0.4268 0.2718 0.4820 0.0779  -0.0665 0.0215  162 ARG A NH2 
244 N N   . ASP A 30 ? 0.2543 0.0799 0.2424 -0.0024 -0.0243 -0.0046 163 ASP A N   
245 C CA  . ASP A 30 ? 0.3021 0.1100 0.2914 -0.0144 -0.0187 -0.0125 163 ASP A CA  
246 C C   . ASP A 30 ? 0.2606 0.0838 0.2488 -0.0216 -0.0212 -0.0318 163 ASP A C   
247 O O   . ASP A 30 ? 0.2303 0.0752 0.2118 -0.0152 -0.0228 -0.0359 163 ASP A O   
248 C CB  . ASP A 30 ? 0.3613 0.1408 0.3541 -0.0048 -0.0142 -0.0145 163 ASP A CB  
249 C CG  . ASP A 30 ? 0.4660 0.2490 0.4619 0.0125  -0.0125 -0.0250 163 ASP A CG  
250 O OD1 . ASP A 30 ? 0.6008 0.3822 0.6057 0.0283  -0.0129 -0.0163 163 ASP A OD1 
251 O OD2 . ASP A 30 ? 0.5128 0.3013 0.5020 0.0120  -0.0099 -0.0420 163 ASP A OD2 
252 N N   . LYS A 31 ? 0.2283 0.0858 0.1077 -0.0107 -0.0237 0.0044  164 LYS A N   
253 C CA  . LYS A 31 ? 0.2254 0.1132 0.1335 -0.0171 -0.0131 0.0028  164 LYS A CA  
254 C C   . LYS A 31 ? 0.2446 0.1283 0.1518 -0.0147 -0.0167 0.0018  164 LYS A C   
255 O O   . LYS A 31 ? 0.2897 0.1569 0.1807 -0.0260 -0.0105 0.0012  164 LYS A O   
256 C CB  . LYS A 31 ? 0.2493 0.1367 0.1539 -0.0334 0.0020  0.0009  164 LYS A CB  
257 C CG  . LYS A 31 ? 0.2367 0.1265 0.1412 -0.0355 0.0070  0.0007  164 LYS A CG  
258 C CD  . LYS A 31 ? 0.2445 0.1386 0.1500 -0.0516 0.0240  -0.0053 164 LYS A CD  
259 C CE  . LYS A 31 ? 0.2546 0.1495 0.1591 -0.0525 0.0295  -0.0064 164 LYS A CE  
260 N NZ  . LYS A 31 ? 0.3342 0.2353 0.2414 -0.0683 0.0483  -0.0158 164 LYS A NZ  
261 N N   . PRO A 32 ? 0.2275 0.1256 0.1506 -0.0021 -0.0255 -0.0001 165 PRO A N   
262 C CA  . PRO A 32 ? 0.2164 0.1078 0.1363 0.0011  -0.0287 -0.0024 165 PRO A CA  
263 C C   . PRO A 32 ? 0.2356 0.1438 0.1697 -0.0092 -0.0200 -0.0025 165 PRO A C   
264 O O   . PRO A 32 ? 0.2708 0.1656 0.1938 -0.0119 -0.0202 -0.0036 165 PRO A O   
265 C CB  . PRO A 32 ? 0.2563 0.1664 0.1954 0.0157  -0.0372 -0.0078 165 PRO A CB  
266 C CG  . PRO A 32 ? 0.2424 0.1784 0.2017 0.0140  -0.0337 -0.0076 165 PRO A CG  
267 C CD  . PRO A 32 ? 0.2440 0.1646 0.1874 0.0075  -0.0308 -0.0025 165 PRO A CD  
268 N N   . GLU A 33 ? 0.1930 0.1275 0.1492 -0.0138 -0.0143 -0.0021 166 GLU A N   
269 C CA  . GLU A 33 ? 0.1336 0.0837 0.1030 -0.0217 -0.0098 -0.0037 166 GLU A CA  
270 C C   . GLU A 33 ? 0.1455 0.1146 0.1314 -0.0257 -0.0048 -0.0050 166 GLU A C   
271 O O   . GLU A 33 ? 0.1613 0.1300 0.1469 -0.0228 -0.0035 -0.0037 166 GLU A O   
272 C CB  . GLU A 33 ? 0.1393 0.1014 0.1197 -0.0167 -0.0141 -0.0046 166 GLU A CB  
273 C CG  . GLU A 33 ? 0.1495 0.1263 0.1420 -0.0104 -0.0162 -0.0043 166 GLU A CG  
274 C CD  . GLU A 33 ? 0.1184 0.0998 0.1128 -0.0098 -0.0177 -0.0066 166 GLU A CD  
275 O OE1 . GLU A 33 ? 0.1839 0.1621 0.1757 -0.0054 -0.0182 -0.0107 166 GLU A OE1 
276 O OE2 . GLU A 33 ? 0.1543 0.1411 0.1516 -0.0135 -0.0188 -0.0058 166 GLU A OE2 
277 N N   . GLU A 34 ? 0.1054 0.0919 0.1069 -0.0311 -0.0033 -0.0090 167 GLU A N   
278 C CA  . GLU A 34 ? 0.1023 0.1090 0.1229 -0.0332 0.0009  -0.0142 167 GLU A CA  
279 C C   . GLU A 34 ? 0.1174 0.1323 0.1479 -0.0218 -0.0042 -0.0118 167 GLU A C   
280 O O   . GLU A 34 ? 0.1168 0.1371 0.1536 -0.0208 0.0002  -0.0144 167 GLU A O   
281 C CB  . GLU A 34 ? 0.0958 0.1233 0.1350 -0.0389 0.0000  -0.0220 167 GLU A CB  
282 C CG  . GLU A 34 ? 0.0895 0.1442 0.1555 -0.0384 0.0029  -0.0321 167 GLU A CG  
283 C CD  . GLU A 34 ? 0.0927 0.1738 0.1826 -0.0419 -0.0015 -0.0428 167 GLU A CD  
284 O OE1 . GLU A 34 ? 0.1251 0.2186 0.2228 -0.0572 0.0092  -0.0536 167 GLU A OE1 
285 O OE2 . GLU A 34 ? 0.0987 0.1856 0.1960 -0.0307 -0.0160 -0.0413 167 GLU A OE2 
286 N N   . GLN A 35 ? 0.1034 0.1161 0.1316 -0.0150 -0.0122 -0.0079 168 GLN A N   
287 C CA  . GLN A 35 ? 0.0900 0.1047 0.1209 -0.0072 -0.0171 -0.0064 168 GLN A CA  
288 C C   . GLN A 35 ? 0.0850 0.0884 0.1029 -0.0054 -0.0161 -0.0020 168 GLN A C   
289 O O   . GLN A 35 ? 0.0997 0.0993 0.1132 -0.0022 -0.0184 -0.0009 168 GLN A O   
290 C CB  . GLN A 35 ? 0.0963 0.1126 0.1286 -0.0036 -0.0269 -0.0071 168 GLN A CB  
291 C CG  . GLN A 35 ? 0.1169 0.1505 0.1676 -0.0036 -0.0313 -0.0143 168 GLN A CG  
292 C CD  . GLN A 35 ? 0.0999 0.1498 0.1705 0.0018  -0.0302 -0.0217 168 GLN A CD  
293 O OE1 . GLN A 35 ? 0.1068 0.1493 0.1727 0.0084  -0.0299 -0.0196 168 GLN A OE1 
294 N NE2 . GLN A 35 ? 0.0795 0.1532 0.1732 -0.0019 -0.0286 -0.0325 168 GLN A NE2 
295 N N   . TRP A 36 ? 0.0958 0.0932 0.1066 -0.0072 -0.0138 -0.0013 169 TRP A N   
296 C CA  . TRP A 36 ? 0.0933 0.0875 0.0985 -0.0050 -0.0141 -0.0012 169 TRP A CA  
297 C C   . TRP A 36 ? 0.1456 0.1313 0.1440 -0.0039 -0.0138 -0.0010 169 TRP A C   
298 O O   . TRP A 36 ? 0.1388 0.1146 0.1296 -0.0043 -0.0149 -0.0013 169 TRP A O   
299 C CB  . TRP A 36 ? 0.1100 0.1058 0.1139 -0.0052 -0.0154 -0.0041 169 TRP A CB  
300 C CG  . TRP A 36 ? 0.0787 0.0740 0.0784 -0.0088 -0.0157 -0.0040 169 TRP A CG  
301 C CD1 . TRP A 36 ? 0.1058 0.0975 0.1024 -0.0106 -0.0189 -0.0030 169 TRP A CD1 
302 C CD2 . TRP A 36 ? 0.0845 0.0765 0.0762 -0.0125 -0.0135 -0.0052 169 TRP A CD2 
303 N NE1 . TRP A 36 ? 0.1302 0.1119 0.1130 -0.0141 -0.0203 -0.0027 169 TRP A NE1 
304 C CE2 . TRP A 36 ? 0.1202 0.1006 0.0982 -0.0165 -0.0158 -0.0040 169 TRP A CE2 
305 C CE3 . TRP A 36 ? 0.1001 0.0955 0.0912 -0.0146 -0.0101 -0.0078 169 TRP A CE3 
306 C CZ2 . TRP A 36 ? 0.1421 0.1075 0.0997 -0.0235 -0.0137 -0.0048 169 TRP A CZ2 
307 C CZ3 . TRP A 36 ? 0.1068 0.0932 0.0828 -0.0228 -0.0065 -0.0097 169 TRP A CZ3 
308 C CH2 . TRP A 36 ? 0.1191 0.0878 0.0758 -0.0277 -0.0078 -0.0077 169 TRP A CH2 
309 N N   . TRP A 37 ? 0.1335 0.1174 0.1288 -0.0030 -0.0132 -0.0004 170 TRP A N   
310 C CA  . TRP A 37 ? 0.1057 0.0753 0.0877 -0.0018 -0.0154 0.0000  170 TRP A CA  
311 C C   . TRP A 37 ? 0.1303 0.1044 0.1135 0.0038  -0.0221 -0.0035 170 TRP A C   
312 O O   . TRP A 37 ? 0.1339 0.1229 0.1276 0.0026  -0.0207 -0.0062 170 TRP A O   
313 C CB  . TRP A 37 ? 0.1278 0.0901 0.1030 -0.0068 -0.0092 0.0017  170 TRP A CB  
314 C CG  . TRP A 37 ? 0.1514 0.1149 0.1295 -0.0136 -0.0013 0.0004  170 TRP A CG  
315 C CD1 . TRP A 37 ? 0.1295 0.0954 0.1113 -0.0166 -0.0007 -0.0009 170 TRP A CD1 
316 C CD2 . TRP A 37 ? 0.1650 0.1301 0.1450 -0.0194 0.0080  -0.0025 170 TRP A CD2 
317 N NE1 . TRP A 37 ? 0.1544 0.1270 0.1426 -0.0249 0.0081  -0.0054 170 TRP A NE1 
318 C CE2 . TRP A 37 ? 0.1567 0.1307 0.1459 -0.0263 0.0141  -0.0074 170 TRP A CE2 
319 C CE3 . TRP A 37 ? 0.1821 0.1440 0.1581 -0.0200 0.0126  -0.0033 170 TRP A CE3 
320 C CZ2 . TRP A 37 ? 0.1790 0.1633 0.1779 -0.0335 0.0253  -0.0153 170 TRP A CZ2 
321 C CZ3 . TRP A 37 ? 0.1850 0.1529 0.1678 -0.0261 0.0238  -0.0098 170 TRP A CZ3 
322 C CH2 . TRP A 37 ? 0.1797 0.1612 0.1760 -0.0328 0.0305  -0.0168 170 TRP A CH2 
323 N N   A ASN A 38 ? 0.1604 0.1196 0.1306 0.0093  -0.0303 -0.0047 171 ASN A N   
324 N N   B ASN A 38 ? 0.1563 0.1155 0.1265 0.0093  -0.0304 -0.0047 171 ASN A N   
325 C CA  A ASN A 38 ? 0.1385 0.1057 0.1136 0.0164  -0.0399 -0.0109 171 ASN A CA  
326 C CA  B ASN A 38 ? 0.1443 0.1101 0.1181 0.0165  -0.0401 -0.0106 171 ASN A CA  
327 C C   A ASN A 38 ? 0.1474 0.1052 0.1102 0.0131  -0.0405 -0.0084 171 ASN A C   
328 C C   B ASN A 38 ? 0.1420 0.0995 0.1045 0.0123  -0.0393 -0.0078 171 ASN A C   
329 O O   A ASN A 38 ? 0.1873 0.1178 0.1255 0.0116  -0.0422 -0.0039 171 ASN A O   
330 O O   B ASN A 38 ? 0.1796 0.1115 0.1190 0.0091  -0.0386 -0.0027 171 ASN A O   
331 C CB  A ASN A 38 ? 0.1733 0.1277 0.1402 0.0286  -0.0537 -0.0156 171 ASN A CB  
332 C CB  B ASN A 38 ? 0.1903 0.1375 0.1506 0.0279  -0.0540 -0.0138 171 ASN A CB  
333 C CG  A ASN A 38 ? 0.2168 0.1869 0.1961 0.0388  -0.0665 -0.0261 171 ASN A CG  
334 C CG  B ASN A 38 ? 0.2274 0.1872 0.2028 0.0351  -0.0565 -0.0207 171 ASN A CG  
335 O OD1 A ASN A 38 ? 0.2671 0.2701 0.2733 0.0378  -0.0633 -0.0355 171 ASN A OD1 
336 O OD1 B ASN A 38 ? 0.2685 0.2583 0.2690 0.0347  -0.0530 -0.0286 171 ASN A OD1 
337 N ND2 A ASN A 38 ? 0.3356 0.2810 0.2931 0.0476  -0.0815 -0.0261 171 ASN A ND2 
338 N ND2 B ASN A 38 ? 0.2775 0.2110 0.2339 0.0398  -0.0614 -0.0187 171 ASN A ND2 
339 N N   . ALA A 39 ? 0.1640 0.1405 0.1394 0.0098  -0.0381 -0.0119 172 ALA A N   
340 C CA  . ALA A 39 ? 0.1766 0.1449 0.1404 0.0047  -0.0363 -0.0096 172 ALA A CA  
341 C C   . ALA A 39 ? 0.1371 0.1191 0.1077 0.0073  -0.0462 -0.0182 172 ALA A C   
342 O O   . ALA A 39 ? 0.1371 0.1411 0.1273 0.0129  -0.0527 -0.0281 172 ALA A O   
343 C CB  . ALA A 39 ? 0.1738 0.1464 0.1412 -0.0036 -0.0234 -0.0061 172 ALA A CB  
344 N N   . GLU A 40 ? 0.1394 0.1101 0.0954 0.0029  -0.0469 -0.0163 173 GLU A N   
345 C CA  . GLU A 40 ? 0.1600 0.1436 0.1211 0.0036  -0.0572 -0.0252 173 GLU A CA  
346 C C   . GLU A 40 ? 0.1512 0.1317 0.1037 -0.0087 -0.0472 -0.0230 173 GLU A C   
347 O O   . GLU A 40 ? 0.1731 0.1294 0.1055 -0.0128 -0.0392 -0.0143 173 GLU A O   
348 C CB  . GLU A 40 ? 0.2317 0.1934 0.1728 0.0135  -0.0758 -0.0259 173 GLU A CB  
349 C CG  . GLU A 40 ? 0.1940 0.1699 0.1422 0.0148  -0.0865 -0.0350 173 GLU A CG  
350 C CD  . GLU A 40 ? 0.2631 0.2245 0.2043 0.0293  -0.1025 -0.0367 173 GLU A CD  
351 O OE1 . GLU A 40 ? 0.3100 0.2558 0.2459 0.0393  -0.1067 -0.0349 173 GLU A OE1 
352 O OE2 . GLU A 40 ? 0.3388 0.3011 0.2773 0.0304  -0.1114 -0.0410 173 GLU A OE2 
353 N N   . ASP A 41 ? 0.1174 0.0757 0.0941 0.0182  -0.0266 0.0137  174 ASP A N   
354 C CA  . ASP A 41 ? 0.1233 0.0810 0.1036 0.0068  -0.0207 0.0015  174 ASP A CA  
355 C C   . ASP A 41 ? 0.1153 0.1142 0.1135 0.0083  -0.0297 -0.0145 174 ASP A C   
356 O O   . ASP A 41 ? 0.0976 0.1285 0.1029 0.0179  -0.0371 -0.0127 174 ASP A O   
357 C CB  . ASP A 41 ? 0.1520 0.0869 0.1365 -0.0074 -0.0063 0.0004  174 ASP A CB  
358 C CG  . ASP A 41 ? 0.1279 0.0982 0.1397 -0.0168 0.0012  -0.0049 174 ASP A CG  
359 O OD1 . ASP A 41 ? 0.1015 0.1108 0.1307 -0.0113 -0.0068 -0.0159 174 ASP A OD1 
360 O OD2 . ASP A 41 ? 0.1372 0.1046 0.1531 -0.0291 0.0156  0.0041  174 ASP A OD2 
361 N N   . SER A 42 ? 0.1072 0.1019 0.1119 0.0020  -0.0336 -0.0327 175 SER A N   
362 C CA  . SER A 42 ? 0.1091 0.1445 0.1300 0.0085  -0.0476 -0.0562 175 SER A CA  
363 C C   . SER A 42 ? 0.1499 0.2152 0.2035 -0.0019 -0.0469 -0.0672 175 SER A C   
364 O O   . SER A 42 ? 0.1885 0.2881 0.2498 0.0087  -0.0531 -0.0789 175 SER A O   
365 C CB  . SER A 42 ? 0.1372 0.1511 0.1587 0.0086  -0.0560 -0.0753 175 SER A CB  
366 O OG  . SER A 42 ? 0.1620 0.1357 0.2008 -0.0165 -0.0519 -0.0756 175 SER A OG  
367 N N   . GLU A 43 ? 0.1327 0.1862 0.1992 -0.0189 -0.0325 -0.0569 176 GLU A N   
368 C CA  . GLU A 43 ? 0.1268 0.2260 0.2263 -0.0271 -0.0295 -0.0651 176 GLU A CA  
369 C C   . GLU A 43 ? 0.1051 0.2329 0.1944 -0.0040 -0.0291 -0.0576 176 GLU A C   
370 O O   . GLU A 43 ? 0.1264 0.3006 0.2391 -0.0029 -0.0273 -0.0666 176 GLU A O   
371 C CB  . GLU A 43 ? 0.1345 0.2270 0.2561 -0.0560 -0.0137 -0.0547 176 GLU A CB  
372 C CG  . GLU A 43 ? 0.3243 0.3893 0.4695 -0.0841 -0.0220 -0.0611 176 GLU A CG  
373 C CD  . GLU A 43 ? 0.5053 0.5007 0.6214 -0.0894 -0.0198 -0.0447 176 GLU A CD  
374 O OE1 . GLU A 43 ? 0.5986 0.5695 0.6814 -0.0685 -0.0184 -0.0421 176 GLU A OE1 
375 O OE2 . GLU A 43 ? 0.5213 0.4884 0.6397 -0.1128 -0.0205 -0.0320 176 GLU A OE2 
376 N N   . GLY A 44 ? 0.1162 0.2184 0.1741 0.0145  -0.0346 -0.0416 177 GLY A N   
377 C CA  . GLY A 44 ? 0.1319 0.2412 0.1803 0.0364  -0.0431 -0.0331 177 GLY A CA  
378 C C   . GLY A 44 ? 0.1316 0.2259 0.1742 0.0431  -0.0365 -0.0288 177 GLY A C   
379 O O   . GLY A 44 ? 0.1758 0.2693 0.2104 0.0613  -0.0448 -0.0299 177 GLY A O   
380 N N   . LYS A 45 ? 0.1029 0.1776 0.1420 0.0277  -0.0197 -0.0238 178 LYS A N   
381 C CA  . LYS A 45 ? 0.1288 0.1968 0.1555 0.0405  -0.0136 -0.0203 178 LYS A CA  
382 C C   . LYS A 45 ? 0.1582 0.1695 0.1569 0.0524  -0.0259 -0.0085 178 LYS A C   
383 O O   . LYS A 45 ? 0.1533 0.1345 0.1431 0.0409  -0.0283 0.0026  178 LYS A O   
384 C CB  . LYS A 45 ? 0.1082 0.1897 0.1428 0.0192  0.0104  -0.0140 178 LYS A CB  
385 C CG  . LYS A 45 ? 0.1084 0.2486 0.1819 -0.0030 0.0205  -0.0204 178 LYS A CG  
386 C CD  . LYS A 45 ? 0.1426 0.3508 0.2314 0.0200  0.0157  -0.0365 178 LYS A CD  
387 C CE  . LYS A 45 ? 0.1666 0.4438 0.3017 -0.0044 0.0231  -0.0444 178 LYS A CE  
388 N NZ  . LYS A 45 ? 0.1754 0.4955 0.3063 0.0214  0.0148  -0.0588 178 LYS A NZ  
389 N N   . ARG A 46 ? 0.1199 0.1998 0.1347 0.0444  -0.0339 -0.0277 179 ARG A N   
390 C CA  . ARG A 46 ? 0.1253 0.1659 0.1292 0.0477  -0.0310 -0.0168 179 ARG A CA  
391 C C   . ARG A 46 ? 0.1189 0.1503 0.1283 0.0389  -0.0263 -0.0203 179 ARG A C   
392 O O   . ARG A 46 ? 0.1144 0.1680 0.1327 0.0382  -0.0256 -0.0286 179 ARG A O   
393 C CB  . ARG A 46 ? 0.1480 0.1774 0.1427 0.0701  -0.0327 -0.0101 179 ARG A CB  
394 C CG  . ARG A 46 ? 0.1654 0.2048 0.1496 0.0842  -0.0371 -0.0032 179 ARG A CG  
395 C CD  . ARG A 46 ? 0.2110 0.2311 0.1827 0.1089  -0.0363 0.0079  179 ARG A CD  
396 N NE  . ARG A 46 ? 0.2399 0.2738 0.1991 0.1198  -0.0377 0.0144  179 ARG A NE  
397 C CZ  . ARG A 46 ? 0.3356 0.3557 0.2827 0.1356  -0.0338 0.0244  179 ARG A CZ  
398 N NH1 . ARG A 46 ? 0.3564 0.3465 0.3040 0.1410  -0.0283 0.0283  179 ARG A NH1 
399 N NH2 . ARG A 46 ? 0.3548 0.3919 0.2897 0.1464  -0.0350 0.0293  179 ARG A NH2 
400 N N   . GLY A 47 ? 0.1283 0.1312 0.1323 0.0330  -0.0229 -0.0152 180 GLY A N   
401 C CA  . GLY A 47 ? 0.1175 0.1166 0.1251 0.0275  -0.0195 -0.0201 180 GLY A CA  
402 C C   . GLY A 47 ? 0.1163 0.0935 0.1196 0.0187  -0.0167 -0.0168 180 GLY A C   
403 O O   . GLY A 47 ? 0.1434 0.1066 0.1417 0.0159  -0.0166 -0.0103 180 GLY A O   
404 N N   . MET A 48 ? 0.1143 0.0946 0.1201 0.0150  -0.0146 -0.0230 181 MET A N   
405 C CA  . MET A 48 ? 0.1159 0.0848 0.1201 0.0083  -0.0128 -0.0244 181 MET A CA  
406 C C   . MET A 48 ? 0.1198 0.0957 0.1203 0.0000  -0.0125 -0.0190 181 MET A C   
407 O O   . MET A 48 ? 0.1137 0.1040 0.1137 -0.0021 -0.0112 -0.0170 181 MET A O   
408 C CB  . MET A 48 ? 0.1771 0.1541 0.1852 0.0100  -0.0115 -0.0362 181 MET A CB  
409 C CG  . MET A 48 ? 0.1587 0.1251 0.1713 0.0197  -0.0106 -0.0431 181 MET A CG  
410 S SD  . MET A 48 ? 0.3429 0.2712 0.3549 0.0196  -0.0066 -0.0390 181 MET A SD  
411 C CE  . MET A 48 ? 0.3246 0.2536 0.3436 0.0073  -0.0035 -0.0533 181 MET A CE  
412 N N   . ILE A 49 ? 0.1137 0.0785 0.1122 -0.0043 -0.0122 -0.0166 182 ILE A N   
413 C CA  . ILE A 49 ? 0.1085 0.0772 0.1030 -0.0089 -0.0119 -0.0115 182 ILE A CA  
414 C C   . ILE A 49 ? 0.1260 0.0986 0.1208 -0.0106 -0.0120 -0.0168 182 ILE A C   
415 O O   . ILE A 49 ? 0.1038 0.0684 0.1038 -0.0131 -0.0111 -0.0233 182 ILE A O   
416 C CB  . ILE A 49 ? 0.1004 0.0597 0.0930 -0.0111 -0.0124 -0.0048 182 ILE A CB  
417 C CG1 . ILE A 49 ? 0.1323 0.0779 0.1246 -0.0115 -0.0120 -0.0041 182 ILE A CG1 
418 C CG2 . ILE A 49 ? 0.1334 0.0983 0.1277 -0.0097 -0.0131 -0.0035 182 ILE A CG2 
419 C CD1 . ILE A 49 ? 0.1499 0.0918 0.1386 -0.0135 -0.0122 0.0014  182 ILE A CD1 
420 N N   . PRO A 50 ? 0.1292 0.1147 0.1192 -0.0091 -0.0120 -0.0144 183 PRO A N   
421 C CA  . PRO A 50 ? 0.1197 0.1185 0.1104 -0.0084 -0.0135 -0.0215 183 PRO A CA  
422 C C   . PRO A 50 ? 0.0949 0.0870 0.0870 -0.0115 -0.0137 -0.0193 183 PRO A C   
423 O O   . PRO A 50 ? 0.1184 0.1053 0.1049 -0.0094 -0.0134 -0.0098 183 PRO A O   
424 C CB  . PRO A 50 ? 0.1005 0.1167 0.0812 -0.0008 -0.0131 -0.0160 183 PRO A CB  
425 C CG  . PRO A 50 ? 0.1085 0.1100 0.0845 -0.0015 -0.0093 -0.0027 183 PRO A CG  
426 C CD  . PRO A 50 ? 0.1050 0.0953 0.0886 -0.0069 -0.0095 -0.0057 183 PRO A CD  
427 N N   . VAL A 51 ? 0.1137 0.1057 0.1144 -0.0176 -0.0128 -0.0293 184 VAL A N   
428 C CA  . VAL A 51 ? 0.1288 0.1175 0.1325 -0.0222 -0.0115 -0.0286 184 VAL A CA  
429 C C   . VAL A 51 ? 0.1176 0.1253 0.1174 -0.0160 -0.0143 -0.0271 184 VAL A C   
430 O O   . VAL A 51 ? 0.1045 0.1059 0.1020 -0.0157 -0.0136 -0.0208 184 VAL A O   
431 C CB  . VAL A 51 ? 0.1128 0.0971 0.1282 -0.0322 -0.0069 -0.0401 184 VAL A CB  
432 C CG1 . VAL A 51 ? 0.1509 0.1354 0.1699 -0.0382 -0.0037 -0.0391 184 VAL A CG1 
433 C CG2 . VAL A 51 ? 0.1360 0.0938 0.1521 -0.0341 -0.0028 -0.0371 184 VAL A CG2 
434 N N   . PRO A 52 ? 0.0952 0.1277 0.0923 -0.0085 -0.0173 -0.0322 185 PRO A N   
435 C CA  . PRO A 52 ? 0.0973 0.1467 0.0879 0.0024  -0.0199 -0.0279 185 PRO A CA  
436 C C   . PRO A 52 ? 0.1013 0.1299 0.0801 0.0094  -0.0180 -0.0106 185 PRO A C   
437 O O   . PRO A 52 ? 0.1164 0.1500 0.0900 0.0191  -0.0186 -0.0056 185 PRO A O   
438 C CB  . PRO A 52 ? 0.1150 0.1963 0.1017 0.0119  -0.0234 -0.0351 185 PRO A CB  
439 C CG  . PRO A 52 ? 0.1009 0.1872 0.0995 0.0010  -0.0229 -0.0516 185 PRO A CG  
440 C CD  . PRO A 52 ? 0.0982 0.1486 0.0980 -0.0074 -0.0188 -0.0437 185 PRO A CD  
441 N N   . TYR A 53 ? 0.1173 0.1240 0.0936 0.0050  -0.0151 -0.0032 186 TYR A N   
442 C CA  . TYR A 53 ? 0.1075 0.0946 0.0765 0.0081  -0.0114 0.0093  186 TYR A CA  
443 C C   . TYR A 53 ? 0.1415 0.1120 0.1154 0.0013  -0.0105 0.0092  186 TYR A C   
444 O O   . TYR A 53 ? 0.1353 0.0897 0.1066 0.0012  -0.0071 0.0153  186 TYR A O   
445 C CB  . TYR A 53 ? 0.1472 0.1260 0.1133 0.0056  -0.0077 0.0147  186 TYR A CB  
446 C CG  . TYR A 53 ? 0.1964 0.1872 0.1522 0.0149  -0.0053 0.0209  186 TYR A CG  
447 C CD1 . TYR A 53 ? 0.1701 0.1869 0.1213 0.0248  -0.0093 0.0166  186 TYR A CD1 
448 C CD2 . TYR A 53 ? 0.1963 0.1762 0.1471 0.0135  0.0019  0.0305  186 TYR A CD2 
449 C CE1 . TYR A 53 ? 0.2203 0.2525 0.1588 0.0359  -0.0070 0.0235  186 TYR A CE1 
450 C CE2 . TYR A 53 ? 0.2117 0.2024 0.1502 0.0226  0.0063  0.0391  186 TYR A CE2 
451 C CZ  . TYR A 53 ? 0.2469 0.2640 0.1777 0.0350  0.0013  0.0364  186 TYR A CZ  
452 O OH  . TYR A 53 ? 0.3606 0.3925 0.2761 0.0466  0.0057  0.0460  186 TYR A OH  
453 N N   . VAL A 54 ? 0.1036 0.0777 0.0844 -0.0049 -0.0124 0.0020  187 VAL A N   
454 C CA  . VAL A 54 ? 0.1353 0.0977 0.1179 -0.0097 -0.0113 0.0029  187 VAL A CA  
455 C C   . VAL A 54 ? 0.1172 0.0895 0.1032 -0.0104 -0.0114 -0.0017 187 VAL A C   
456 O O   . VAL A 54 ? 0.1037 0.0933 0.0942 -0.0100 -0.0122 -0.0081 187 VAL A O   
457 C CB  . VAL A 54 ? 0.1135 0.0675 0.0981 -0.0160 -0.0110 0.0026  187 VAL A CB  
458 C CG1 . VAL A 54 ? 0.1437 0.0946 0.1273 -0.0153 -0.0109 0.0048  187 VAL A CG1 
459 C CG2 . VAL A 54 ? 0.1243 0.0812 0.1140 -0.0206 -0.0100 -0.0024 187 VAL A CG2 
460 N N   . GLU A 55 ? 0.1180 0.0839 0.1030 -0.0116 -0.0101 -0.0006 188 GLU A N   
461 C CA  . GLU A 55 ? 0.1118 0.0883 0.0998 -0.0131 -0.0087 -0.0047 188 GLU A CA  
462 C C   . GLU A 55 ? 0.1103 0.0795 0.0967 -0.0197 -0.0060 -0.0025 188 GLU A C   
463 O O   . GLU A 55 ? 0.1448 0.1040 0.1267 -0.0190 -0.0070 0.0008  188 GLU A O   
464 C CB  . GLU A 55 ? 0.1311 0.1093 0.1168 -0.0041 -0.0092 -0.0050 188 GLU A CB  
465 C CG  . GLU A 55 ? 0.1433 0.1416 0.1336 -0.0021 -0.0084 -0.0114 188 GLU A CG  
466 C CD  . GLU A 55 ? 0.1285 0.1488 0.1232 0.0032  -0.0107 -0.0161 188 GLU A CD  
467 O OE1 . GLU A 55 ? 0.1490 0.1745 0.1397 0.0176  -0.0131 -0.0145 188 GLU A OE1 
468 O OE2 . GLU A 55 ? 0.1196 0.1524 0.1219 -0.0060 -0.0098 -0.0219 188 GLU A OE2 
469 N N   . LYS A 56 ? 0.1169 0.0938 0.1065 -0.0254 -0.0017 -0.0045 189 LYS A N   
470 C CA  . LYS A 56 ? 0.1056 0.0764 0.0893 -0.0286 0.0024  0.0009  189 LYS A CA  
471 C C   . LYS A 56 ? 0.1123 0.0857 0.0899 -0.0224 -0.0003 0.0005  189 LYS A C   
472 O O   . LYS A 56 ? 0.1267 0.1078 0.1068 -0.0180 -0.0019 -0.0050 189 LYS A O   
473 C CB  . LYS A 56 ? 0.1425 0.1223 0.1305 -0.0363 0.0102  -0.0004 189 LYS A CB  
474 C CG  . LYS A 56 ? 0.1237 0.0991 0.1207 -0.0461 0.0160  -0.0033 189 LYS A CG  
475 C CD  . LYS A 56 ? 0.1372 0.1213 0.1405 -0.0570 0.0268  -0.0055 189 LYS A CD  
476 C CE  . LYS A 56 ? 0.1491 0.1259 0.1647 -0.0704 0.0354  -0.0114 189 LYS A CE  
477 N NZ  . LYS A 56 ? 0.1723 0.1570 0.1944 -0.0802 0.0469  -0.0126 189 LYS A NZ  
478 N N   . TYR A 57 ? 0.1401 0.1089 0.1101 -0.0208 -0.0007 0.0049  190 TYR A N   
479 C CA  . TYR A 57 ? 0.1178 0.0939 0.0836 -0.0163 -0.0034 0.0003  190 TYR A CA  
480 C C   . TYR A 57 ? 0.1232 0.1084 0.0788 -0.0146 -0.0001 0.0053  190 TYR A C   
481 O O   . TYR A 57 ? 0.1524 0.1320 0.1009 -0.0129 0.0012  0.0142  190 TYR A O   
482 C CB  . TYR A 57 ? 0.1120 0.0827 0.0793 -0.0147 -0.0081 -0.0028 190 TYR A CB  
483 C CG  . TYR A 57 ? 0.1141 0.0954 0.0802 -0.0124 -0.0102 -0.0121 190 TYR A CG  
484 C CD1 . TYR A 57 ? 0.1215 0.1008 0.0933 -0.0121 -0.0096 -0.0219 190 TYR A CD1 
485 C CD2 . TYR A 57 ? 0.1196 0.1139 0.0790 -0.0092 -0.0126 -0.0123 190 TYR A CD2 
486 C CE1 . TYR A 57 ? 0.1324 0.1216 0.1057 -0.0116 -0.0107 -0.0344 190 TYR A CE1 
487 C CE2 . TYR A 57 ? 0.1243 0.1352 0.0843 -0.0076 -0.0151 -0.0250 190 TYR A CE2 
488 C CZ  . TYR A 57 ? 0.1257 0.1333 0.0939 -0.0103 -0.0138 -0.0375 190 TYR A CZ  
489 O OH  . TYR A 57 ? 0.1384 0.1627 0.1094 -0.0101 -0.0156 -0.0540 190 TYR A OH  
490 N N   . ARG A 58 ? 0.1268 0.1263 0.0800 -0.0130 0.0017  0.0002  191 ARG A N   
491 C CA  . ARG A 58 ? 0.1438 0.1554 0.0847 -0.0107 0.0066  0.0065  191 ARG A CA  
492 C C   . ARG A 58 ? 0.1479 0.1805 0.0848 -0.0051 0.0040  -0.0045 191 ARG A C   
493 O O   . ARG A 58 ? 0.1562 0.2044 0.0800 0.0002  0.0057  -0.0006 191 ARG A O   
494 C CB  . ARG A 58 ? 0.1465 0.1590 0.0892 -0.0176 0.0164  0.0126  191 ARG A CB  
495 C CG  . ARG A 58 ? 0.1752 0.1949 0.1031 -0.0163 0.0254  0.0242  191 ARG A CG  
496 C CD  . ARG A 58 ? 0.1810 0.1856 0.0964 -0.0105 0.0258  0.0382  191 ARG A CD  
497 N NE  . ARG A 58 ? 0.2149 0.2244 0.1108 -0.0045 0.0348  0.0533  191 ARG A NE  
498 C CZ  . ARG A 58 ? 0.2159 0.2480 0.0967 0.0077  0.0306  0.0533  191 ARG A CZ  
499 N NH1 . ARG A 58 ? 0.1989 0.2490 0.0856 0.0121  0.0183  0.0358  191 ARG A NH1 
500 N NH2 . ARG A 58 ? 0.2680 0.3025 0.1315 0.0144  0.0383  0.0675  191 ARG A NH2 
504 N N   . TYR B 2  ? 0.2385 0.1817 0.2258 0.0033  -0.0859 -0.0562 0   TYR M N   
505 C CA  . TYR B 2  ? 0.2621 0.2128 0.2513 -0.0015 -0.0794 -0.0548 0   TYR M CA  
506 C C   . TYR B 2  ? 0.2371 0.1651 0.1937 -0.0019 -0.0742 -0.0432 0   TYR M C   
507 O O   . TYR B 2  ? 0.2258 0.1481 0.1728 0.0010  -0.0746 -0.0430 0   TYR M O   
508 C CB  . TYR B 2  ? 0.1527 0.1279 0.1628 -0.0114 -0.0649 -0.0517 0   TYR M CB  
509 C CG  . TYR B 2  ? 0.1425 0.1263 0.1557 -0.0154 -0.0548 -0.0476 0   TYR M CG  
510 C CD1 . TYR B 2  ? 0.1383 0.1297 0.1669 -0.0133 -0.0567 -0.0562 0   TYR M CD1 
511 C CD2 . TYR B 2  ? 0.1375 0.1226 0.1419 -0.0212 -0.0435 -0.0370 0   TYR M CD2 
512 C CE1 . TYR B 2  ? 0.1306 0.1280 0.1620 -0.0171 -0.0471 -0.0523 0   TYR M CE1 
513 C CE2 . TYR B 2  ? 0.1299 0.1218 0.1367 -0.0236 -0.0354 -0.0337 0   TYR M CE2 
514 C CZ  . TYR B 2  ? 0.1269 0.1237 0.1455 -0.0218 -0.0369 -0.0404 0   TYR M CZ  
515 O OH  . TYR B 2  ? 0.1215 0.1227 0.1419 -0.0242 -0.0286 -0.0371 0   TYR M OH  
516 N N   . GLY B 3  ? 0.2599 0.1750 0.2014 -0.0062 -0.0676 -0.0344 1   GLY M N   
517 C CA  . GLY B 3  ? 0.2480 0.1396 0.1601 -0.0081 -0.0585 -0.0242 1   GLY M CA  
518 C C   . GLY B 3  ? 0.2869 0.1962 0.2105 -0.0175 -0.0427 -0.0185 1   GLY M C   
519 O O   . GLY B 3  ? 0.2728 0.2091 0.2229 -0.0223 -0.0388 -0.0206 1   GLY M O   
520 N N   . ARG B 4  ? 0.2339 0.1247 0.1345 -0.0190 -0.0332 -0.0117 2   ARG M N   
521 C CA  . ARG B 4  ? 0.2560 0.1613 0.1669 -0.0268 -0.0188 -0.0079 2   ARG M CA  
522 C C   . ARG B 4  ? 0.2716 0.1743 0.1724 -0.0220 -0.0205 -0.0086 2   ARG M C   
523 O O   . ARG B 4  ? 0.3059 0.1811 0.1752 -0.0172 -0.0198 -0.0058 2   ARG M O   
524 C CB  . ARG B 4  ? 0.3175 0.2062 0.2162 -0.0340 -0.0033 -0.0016 2   ARG M CB  
525 C CG  . ARG B 4  ? 0.3230 0.2303 0.2394 -0.0417 0.0107  -0.0009 2   ARG M CG  
526 C CD  . ARG B 4  ? 0.4982 0.3950 0.4153 -0.0507 0.0275  0.0012  2   ARG M CD  
527 N NE  . ARG B 4  ? 0.6262 0.5387 0.5604 -0.0568 0.0406  -0.0008 2   ARG M NE  
528 C CZ  . ARG B 4  ? 0.6956 0.6189 0.6541 -0.0654 0.0526  -0.0051 2   ARG M CZ  
529 N NH1 . ARG B 4  ? 0.6607 0.5803 0.6286 -0.0698 0.0538  -0.0070 2   ARG M NH1 
530 N NH2 . ARG B 4  ? 0.7522 0.6911 0.7287 -0.0691 0.0624  -0.0092 2   ARG M NH2 
531 N N   . PRO B 5  ? 0.1980 0.1249 0.1216 -0.0225 -0.0220 -0.0125 3   PRO M N   
532 C CA  . PRO B 5  ? 0.2284 0.1529 0.1452 -0.0179 -0.0242 -0.0146 3   PRO M CA  
533 C C   . PRO B 5  ? 0.2187 0.1358 0.1220 -0.0216 -0.0108 -0.0087 3   PRO M C   
534 O O   . PRO B 5  ? 0.2459 0.1705 0.1583 -0.0293 0.0013  -0.0050 3   PRO M O   
535 C CB  . PRO B 5  ? 0.2205 0.1719 0.1679 -0.0199 -0.0252 -0.0192 3   PRO M CB  
536 C CG  . PRO B 5  ? 0.2789 0.2455 0.2425 -0.0261 -0.0194 -0.0167 3   PRO M CG  
537 C CD  . PRO B 5  ? 0.2485 0.2022 0.2017 -0.0262 -0.0220 -0.0153 3   PRO M CD  
538 N N   . PRO B 6  ? 0.2551 0.1580 0.1386 -0.0159 -0.0124 -0.0097 4   PRO M N   
539 C CA  . PRO B 6  ? 0.3000 0.1964 0.1715 -0.0195 0.0021  -0.0054 4   PRO M CA  
540 C C   . PRO B 6  ? 0.2124 0.1373 0.1143 -0.0253 0.0090  -0.0063 4   PRO M C   
541 O O   . PRO B 6  ? 0.2258 0.1700 0.1503 -0.0248 0.0021  -0.0096 4   PRO M O   
542 C CB  . PRO B 6  ? 0.3487 0.2240 0.1917 -0.0096 -0.0050 -0.0081 4   PRO M CB  
543 C CG  . PRO B 6  ? 0.2627 0.1442 0.1166 -0.0015 -0.0244 -0.0167 4   PRO M CG  
544 C CD  . PRO B 6  ? 0.2743 0.1654 0.1455 -0.0048 -0.0287 -0.0169 4   PRO M CD  
545 N N   . LEU B 7  ? 0.2200 0.1453 0.1217 -0.0308 0.0235  -0.0039 5   LEU M N   
546 C CA  . LEU B 7  ? 0.2054 0.1550 0.1333 -0.0340 0.0284  -0.0060 5   LEU M CA  
547 C C   . LEU B 7  ? 0.1886 0.1419 0.1168 -0.0284 0.0224  -0.0086 5   LEU M C   
548 O O   . LEU B 7  ? 0.2144 0.1506 0.1202 -0.0239 0.0219  -0.0094 5   LEU M O   
549 C CB  . LEU B 7  ? 0.2289 0.1781 0.1593 -0.0399 0.0451  -0.0062 5   LEU M CB  
550 C CG  . LEU B 7  ? 0.2673 0.2282 0.2197 -0.0474 0.0534  -0.0082 5   LEU M CG  
551 C CD1 . LEU B 7  ? 0.2718 0.2326 0.2307 -0.0533 0.0712  -0.0117 5   LEU M CD1 
552 C CD2 . LEU B 7  ? 0.1785 0.1657 0.1596 -0.0461 0.0440  -0.0116 5   LEU M CD2 
553 N N   . PRO B 8  ? 0.1658 0.1378 0.1162 -0.0281 0.0185  -0.0104 6   PRO M N   
554 C CA  . PRO B 8  ? 0.1634 0.1369 0.1163 -0.0238 0.0139  -0.0135 6   PRO M CA  
555 C C   . PRO B 8  ? 0.1703 0.1433 0.1198 -0.0233 0.0216  -0.0144 6   PRO M C   
556 O O   . PRO B 8  ? 0.1673 0.1479 0.1248 -0.0268 0.0306  -0.0139 6   PRO M O   
557 C CB  . PRO B 8  ? 0.1516 0.1404 0.1260 -0.0246 0.0115  -0.0134 6   PRO M CB  
558 C CG  . PRO B 8  ? 0.1507 0.1488 0.1326 -0.0279 0.0157  -0.0110 6   PRO M CG  
559 C CD  . PRO B 8  ? 0.1463 0.1349 0.1169 -0.0306 0.0175  -0.0098 6   PRO M CD  
560 N N   . PRO B 9  ? 0.1934 0.1585 0.1339 -0.0185 0.0180  -0.0178 7   PRO M N   
561 C CA  . PRO B 9  ? 0.1917 0.1587 0.1325 -0.0174 0.0249  -0.0199 7   PRO M CA  
562 C C   . PRO B 9  ? 0.1645 0.1494 0.1297 -0.0188 0.0267  -0.0198 7   PRO M C   
563 O O   . PRO B 9  ? 0.1765 0.1677 0.1540 -0.0187 0.0214  -0.0186 7   PRO M O   
564 C CB  . PRO B 9  ? 0.2300 0.1876 0.1618 -0.0109 0.0164  -0.0251 7   PRO M CB  
565 C CG  . PRO B 9  ? 0.2650 0.2107 0.1841 -0.0076 0.0061  -0.0266 7   PRO M CG  
566 C CD  . PRO B 9  ? 0.1890 0.1441 0.1214 -0.0128 0.0062  -0.0224 7   PRO M CD  
567 N N   . LYS B 10 ? 0.1664 0.1570 0.1369 -0.0192 0.0347  -0.0219 8   LYS M N   
568 C CA  . LYS B 10 ? 0.1540 0.1578 0.1439 -0.0170 0.0338  -0.0236 8   LYS M CA  
569 C C   . LYS B 10 ? 0.1582 0.1580 0.1474 -0.0124 0.0314  -0.0265 8   LYS M C   
570 O O   . LYS B 10 ? 0.1950 0.1888 0.1743 -0.0113 0.0355  -0.0301 8   LYS M O   
571 C CB  . LYS B 10 ? 0.1539 0.1686 0.1563 -0.0188 0.0421  -0.0279 8   LYS M CB  
572 C CG  . LYS B 10 ? 0.1484 0.1698 0.1590 -0.0233 0.0439  -0.0275 8   LYS M CG  
573 C CD  . LYS B 10 ? 0.1482 0.1832 0.1796 -0.0250 0.0519  -0.0358 8   LYS M CD  
574 C CE  . LYS B 10 ? 0.1417 0.1854 0.1869 -0.0289 0.0520  -0.0376 8   LYS M CE  
575 N NZ  . LYS B 10 ? 0.1397 0.2008 0.2141 -0.0294 0.0570  -0.0495 8   LYS M NZ  
576 N N   . GLN B 11 ? 0.1512 0.1518 0.1491 -0.0099 0.0258  -0.0252 9   GLN M N   
577 C CA  . GLN B 11 ? 0.1564 0.1514 0.1559 -0.0063 0.0240  -0.0285 9   GLN M CA  
578 C C   . GLN B 11 ? 0.1586 0.1589 0.1657 -0.0022 0.0266  -0.0318 9   GLN M C   
579 O O   . GLN B 11 ? 0.1768 0.1730 0.1834 0.0007  0.0267  -0.0363 9   GLN M O   
580 C CB  . GLN B 11 ? 0.1691 0.1586 0.1752 -0.0064 0.0205  -0.0262 9   GLN M CB  
581 C CG  . GLN B 11 ? 0.1800 0.1669 0.1845 -0.0102 0.0176  -0.0257 9   GLN M CG  
582 C CD  . GLN B 11 ? 0.2237 0.2051 0.2215 -0.0088 0.0129  -0.0322 9   GLN M CD  
583 O OE1 . GLN B 11 ? 0.2938 0.2715 0.2919 -0.0055 0.0115  -0.0378 9   GLN M OE1 
584 N NE2 . GLN B 11 ? 0.2373 0.2165 0.2273 -0.0099 0.0089  -0.0325 9   GLN M NE2 
585 N N   . LYS B 12 ? 0.1539 0.1633 0.1697 -0.0007 0.0270  -0.0316 10  LYS M N   
586 C CA  . LYS B 12 ? 0.1565 0.1738 0.1836 0.0044  0.0279  -0.0378 10  LYS M CA  
587 C C   . LYS B 12 ? 0.2099 0.2190 0.2383 0.0109  0.0237  -0.0386 10  LYS M C   
588 O O   . LYS B 12 ? 0.1680 0.1805 0.2033 0.0150  0.0248  -0.0453 10  LYS M O   
589 C CB  . LYS B 12 ? 0.2754 0.2991 0.3045 0.0013  0.0372  -0.0446 10  LYS M CB  
590 C CG  . LYS B 12 ? 0.2699 0.2991 0.2992 -0.0054 0.0439  -0.0442 10  LYS M CG  
591 C CD  . LYS B 12 ? 0.3805 0.4117 0.4103 -0.0095 0.0578  -0.0508 10  LYS M CD  
592 C CE  . LYS B 12 ? 0.4236 0.4592 0.4584 -0.0170 0.0664  -0.0511 10  LYS M CE  
593 N NZ  . LYS B 12 ? 0.5627 0.5941 0.5937 -0.0230 0.0851  -0.0564 10  LYS M NZ  
594 N N   . ARG B 13 ? 0.1659 0.1625 0.1884 0.0116  0.0203  -0.0324 11  ARG M N   
595 C CA  . ARG B 13 ? 0.1767 0.1610 0.1996 0.0172  0.0184  -0.0326 11  ARG M CA  
596 C C   . ARG B 13 ? 0.2084 0.1910 0.2321 0.0268  0.0130  -0.0330 11  ARG M C   
597 O O   . ARG B 13 ? 0.2495 0.2355 0.2707 0.0295  0.0094  -0.0309 11  ARG M O   
598 C CB  . ARG B 13 ? 0.1816 0.1501 0.1993 0.0138  0.0202  -0.0266 11  ARG M CB  
599 C CG  . ARG B 13 ? 0.2368 0.2072 0.2565 0.0063  0.0219  -0.0287 11  ARG M CG  
600 C CD  . ARG B 13 ? 0.2835 0.2571 0.3058 0.0072  0.0209  -0.0368 11  ARG M CD  
601 N NE  . ARG B 13 ? 0.3512 0.3233 0.3729 0.0033  0.0189  -0.0408 11  ARG M NE  
602 C CZ  . ARG B 13 ? 0.4471 0.4194 0.4638 0.0052  0.0163  -0.0481 11  ARG M CZ  
603 N NH1 . ARG B 13 ? 0.4609 0.4298 0.4758 0.0043  0.0111  -0.0531 11  ARG M NH1 
604 N NH2 . ARG B 13 ? 0.3895 0.3646 0.4019 0.0092  0.0183  -0.0518 11  ARG M NH2 
605 N N   . LYS B 14 ? 0.1965 0.1725 0.2231 0.0338  0.0107  -0.0369 12  LYS M N   
606 C CA  . LYS B 14 ? 0.2114 0.1801 0.2353 0.0460  0.0028  -0.0380 12  LYS M CA  
607 C C   . LYS B 14 ? 0.3259 0.2694 0.3294 0.0487  0.0026  -0.0270 12  LYS M C   
608 O O   . LYS B 14 ? 0.2660 0.1940 0.2638 0.0425  0.0099  -0.0213 12  LYS M O   
609 C CB  . LYS B 14 ? 0.2217 0.1864 0.2523 0.0533  0.0001  -0.0448 12  LYS M CB  
610 C CG  . LYS B 14 ? 0.2921 0.2585 0.3268 0.0679  -0.0110 -0.0518 12  LYS M CG  
611 C CD  . LYS B 14 ? 0.3508 0.3183 0.3970 0.0751  -0.0138 -0.0615 12  LYS M CD  
612 C CE  . LYS B 14 ? 0.4083 0.3877 0.4687 0.0890  -0.0258 -0.0742 12  LYS M CE  
613 N NZ  . LYS B 14 ? 0.3590 0.3703 0.4434 0.0834  -0.0228 -0.0847 12  LYS M NZ  
# 
